data_5U6R
#
_entry.id   5U6R
#
loop_
_entity.id
_entity.type
_entity.pdbx_description
1 polymer 'CTP synthase'
2 non-polymer "CYTIDINE-5'-TRIPHOSPHATE"
3 non-polymer "ADENOSINE-5'-DIPHOSPHATE"
#
_entity_poly.entity_id   1
_entity_poly.type   'polypeptide(L)'
_entity_poly.pdbx_seq_one_letter_code
;MTTNYIFVTGGVVSSLGKGIAAASLAAILEARGLNVTIMKLDPYINVDPGTMSPIQHGEVFVTEDGAETDLDLGHYERFI
RTKMSRRNNFTTGRIYSDVLRKERRGDYLGATVQVIPHITNAIKERVLEGGEGHDVVLVEIGGTVGDIESLPFLEAIRQM
AVEIGREHTLFMHLTLVPYMAASGEVKTKPTQHSVKELLSIGIQPDILICRSDRAVPANERAKIALFCNVPEKAVISLKD
VDSIYKIPGLLKSQGLDDYICKRFSLNCPEANLSEWEQVIFEEANPVSEVTIGMVGKYIELPDAYKSVIEALKHGGLKNR
VSVNIKLIDSQDVETRGVEILKGLDAILVPGGFGYRGVEGMITTARFARENNIPYLGICLGMQVALIDYARHVANMENAN
STEFVPDCKYPVVALITEWRDENGNVEVRSEKSDLGGTMRLGAQQCQLVDDSLVRQLYNAPTIVERHRHRYEVNNMLLKQ
IEDAGLRVAGRSGDDQLVEIIEVPNHPWFVACQFHPEFTSTPRDGHPLFAGFVKAASEFQKRQAK
;
_entity_poly.pdbx_strand_id   A,B,C,D
#
loop_
_chem_comp.id
_chem_comp.type
_chem_comp.name
_chem_comp.formula
ADP non-polymer ADENOSINE-5'-DIPHOSPHATE 'C10 H15 N5 O10 P2'
CTP non-polymer CYTIDINE-5'-TRIPHOSPHATE 'C9 H16 N3 O14 P3'
#
# COMPACT_ATOMS: atom_id res chain seq x y z
N MET A 1 -31.32 -17.68 19.01
CA MET A 1 -30.83 -17.78 17.64
C MET A 1 -30.22 -16.48 17.15
N THR A 2 -28.96 -16.55 16.74
CA THR A 2 -28.27 -15.38 16.20
C THR A 2 -27.65 -15.70 14.86
N THR A 3 -27.88 -14.80 13.91
CA THR A 3 -27.37 -14.98 12.57
C THR A 3 -25.86 -14.87 12.48
N ASN A 4 -25.27 -15.83 11.77
CA ASN A 4 -23.85 -15.89 11.51
C ASN A 4 -23.60 -15.51 10.05
N TYR A 5 -22.49 -14.83 9.78
CA TYR A 5 -22.20 -14.40 8.44
C TYR A 5 -20.84 -14.85 7.94
N ILE A 6 -20.76 -15.18 6.66
CA ILE A 6 -19.48 -15.49 6.07
C ILE A 6 -19.35 -14.68 4.81
N PHE A 7 -18.28 -13.91 4.73
CA PHE A 7 -18.08 -13.09 3.56
C PHE A 7 -17.13 -13.75 2.62
N VAL A 8 -17.44 -13.68 1.33
CA VAL A 8 -16.61 -14.28 0.32
C VAL A 8 -16.07 -13.26 -0.65
N THR A 9 -14.75 -13.16 -0.66
CA THR A 9 -14.05 -12.24 -1.54
C THR A 9 -13.05 -13.02 -2.37
N GLY A 10 -12.42 -12.34 -3.30
CA GLY A 10 -11.42 -12.97 -4.14
C GLY A 10 -10.56 -11.92 -4.82
N GLY A 11 -9.35 -12.31 -5.15
CA GLY A 11 -8.43 -11.37 -5.79
C GLY A 11 -7.54 -12.04 -6.81
N VAL A 12 -6.41 -11.39 -7.08
CA VAL A 12 -5.40 -11.80 -8.05
C VAL A 12 -5.93 -11.73 -9.49
N VAL A 13 -6.91 -12.58 -9.82
CA VAL A 13 -7.59 -12.53 -11.10
C VAL A 13 -9.08 -12.73 -10.94
N SER A 14 -9.82 -12.37 -11.98
CA SER A 14 -11.26 -12.61 -12.00
C SER A 14 -11.51 -14.01 -12.47
N SER A 15 -12.78 -14.35 -12.57
CA SER A 15 -13.20 -15.62 -13.14
C SER A 15 -12.74 -16.82 -12.34
N LEU A 16 -12.82 -16.74 -11.03
CA LEU A 16 -12.44 -17.86 -10.18
C LEU A 16 -13.64 -18.71 -9.78
N GLY A 17 -14.86 -18.17 -9.91
CA GLY A 17 -16.05 -18.91 -9.55
C GLY A 17 -16.41 -18.70 -8.10
N LYS A 18 -16.47 -17.43 -7.69
CA LYS A 18 -16.81 -17.11 -6.30
C LYS A 18 -18.20 -17.58 -5.95
N GLY A 19 -19.15 -17.36 -6.86
CA GLY A 19 -20.53 -17.78 -6.65
C GLY A 19 -20.65 -19.29 -6.58
N ILE A 20 -19.85 -19.98 -7.39
CA ILE A 20 -19.85 -21.44 -7.40
C ILE A 20 -19.39 -21.98 -6.08
N ALA A 21 -18.29 -21.43 -5.57
CA ALA A 21 -17.74 -21.86 -4.31
C ALA A 21 -18.72 -21.63 -3.18
N ALA A 22 -19.33 -20.45 -3.15
CA ALA A 22 -20.29 -20.09 -2.12
C ALA A 22 -21.50 -21.01 -2.16
N ALA A 23 -22.00 -21.26 -3.37
CA ALA A 23 -23.16 -22.11 -3.54
C ALA A 23 -22.89 -23.52 -3.06
N SER A 24 -21.71 -24.04 -3.37
CA SER A 24 -21.32 -25.38 -2.96
C SER A 24 -21.26 -25.47 -1.45
N LEU A 25 -20.71 -24.44 -0.81
CA LEU A 25 -20.68 -24.38 0.63
C LEU A 25 -22.07 -24.40 1.21
N ALA A 26 -22.95 -23.57 0.65
CA ALA A 26 -24.33 -23.49 1.09
C ALA A 26 -24.99 -24.85 1.03
N ALA A 27 -24.73 -25.61 -0.04
CA ALA A 27 -25.27 -26.95 -0.20
C ALA A 27 -24.86 -27.84 0.96
N ILE A 28 -23.59 -27.74 1.35
CA ILE A 28 -23.11 -28.53 2.46
C ILE A 28 -23.77 -28.13 3.75
N LEU A 29 -23.83 -26.84 3.99
CA LEU A 29 -24.41 -26.35 5.22
C LEU A 29 -25.90 -26.67 5.28
N GLU A 30 -26.55 -26.71 4.11
CA GLU A 30 -27.93 -27.19 3.99
C GLU A 30 -27.96 -28.63 4.48
N ALA A 31 -27.00 -29.43 3.97
CA ALA A 31 -26.87 -30.84 4.35
C ALA A 31 -26.51 -31.01 5.83
N ARG A 32 -25.97 -29.96 6.47
CA ARG A 32 -25.70 -29.97 7.91
C ARG A 32 -26.95 -29.56 8.71
N GLY A 33 -28.07 -29.32 8.03
CA GLY A 33 -29.32 -28.96 8.69
C GLY A 33 -29.40 -27.51 9.13
N LEU A 34 -28.66 -26.62 8.49
CA LEU A 34 -28.67 -25.22 8.92
C LEU A 34 -29.54 -24.32 8.06
N ASN A 35 -30.11 -23.27 8.67
CA ASN A 35 -30.89 -22.29 7.90
C ASN A 35 -29.95 -21.36 7.16
N VAL A 36 -29.57 -21.79 5.97
CA VAL A 36 -28.62 -21.06 5.15
C VAL A 36 -29.27 -20.23 4.06
N THR A 37 -28.79 -19.00 3.92
CA THR A 37 -29.22 -18.16 2.82
C THR A 37 -28.00 -17.53 2.20
N ILE A 38 -28.22 -16.73 1.17
CA ILE A 38 -27.11 -16.16 0.44
C ILE A 38 -27.47 -14.93 -0.34
N MET A 39 -26.56 -13.97 -0.35
CA MET A 39 -26.73 -12.73 -1.08
C MET A 39 -25.48 -12.39 -1.86
N LYS A 40 -25.65 -11.60 -2.91
CA LYS A 40 -24.52 -11.15 -3.70
C LYS A 40 -24.54 -9.64 -3.89
N LEU A 41 -23.39 -9.00 -3.65
CA LEU A 41 -23.31 -7.57 -3.82
C LEU A 41 -22.66 -7.27 -5.17
N ASP A 42 -23.40 -6.54 -5.99
CA ASP A 42 -23.00 -6.22 -7.35
C ASP A 42 -22.40 -4.82 -7.51
N PRO A 43 -21.07 -4.71 -7.72
CA PRO A 43 -20.29 -3.49 -7.86
C PRO A 43 -20.67 -2.58 -9.03
N TYR A 44 -21.57 -3.04 -9.90
CA TYR A 44 -21.93 -2.27 -11.09
C TYR A 44 -22.82 -1.09 -10.79
N ILE A 45 -22.71 -0.10 -11.67
CA ILE A 45 -23.45 1.13 -11.60
C ILE A 45 -24.83 0.97 -12.18
N ASN A 46 -25.01 -0.03 -13.04
CA ASN A 46 -26.33 -0.25 -13.58
C ASN A 46 -27.24 -0.54 -12.41
N VAL A 47 -28.42 0.06 -12.43
CA VAL A 47 -29.37 -0.12 -11.34
C VAL A 47 -30.00 -1.48 -11.48
N ASP A 48 -30.51 -1.74 -12.66
CA ASP A 48 -31.07 -3.02 -12.98
C ASP A 48 -30.34 -3.68 -14.14
N PRO A 49 -30.17 -5.02 -14.12
CA PRO A 49 -29.53 -5.86 -15.12
C PRO A 49 -30.30 -5.85 -16.43
N GLY A 50 -31.58 -5.46 -16.37
CA GLY A 50 -32.44 -5.33 -17.53
C GLY A 50 -31.98 -4.21 -18.47
N THR A 51 -31.10 -3.32 -17.99
CA THR A 51 -30.58 -2.27 -18.83
C THR A 51 -29.31 -2.73 -19.57
N MET A 52 -28.95 -4.01 -19.41
CA MET A 52 -27.79 -4.57 -20.10
C MET A 52 -28.17 -5.73 -20.99
N SER A 53 -27.38 -5.92 -22.03
CA SER A 53 -27.62 -6.99 -22.98
C SER A 53 -27.17 -8.35 -22.47
N PRO A 54 -27.71 -9.43 -23.04
CA PRO A 54 -27.36 -10.82 -22.86
C PRO A 54 -25.91 -11.05 -23.23
N ILE A 55 -25.43 -10.36 -24.26
CA ILE A 55 -24.03 -10.54 -24.60
C ILE A 55 -23.12 -9.89 -23.57
N GLN A 56 -23.60 -8.82 -22.94
CA GLN A 56 -22.79 -8.14 -21.92
C GLN A 56 -22.52 -9.02 -20.70
N HIS A 57 -23.56 -9.60 -20.11
CA HIS A 57 -23.35 -10.46 -18.94
C HIS A 57 -23.95 -11.84 -18.99
N GLY A 58 -24.39 -12.28 -20.15
CA GLY A 58 -25.02 -13.57 -20.24
C GLY A 58 -26.47 -13.46 -19.79
N GLU A 59 -27.08 -14.58 -19.49
CA GLU A 59 -28.46 -14.63 -19.06
C GLU A 59 -28.70 -13.86 -17.76
N VAL A 60 -29.87 -13.23 -17.68
CA VAL A 60 -30.29 -12.49 -16.51
C VAL A 60 -31.28 -13.36 -15.75
N PHE A 61 -31.01 -13.59 -14.47
CA PHE A 61 -31.86 -14.46 -13.67
C PHE A 61 -33.19 -13.85 -13.27
N VAL A 62 -34.25 -14.61 -13.43
CA VAL A 62 -35.56 -14.16 -13.01
C VAL A 62 -35.93 -14.81 -11.70
N THR A 63 -36.16 -14.00 -10.68
CA THR A 63 -36.53 -14.51 -9.39
C THR A 63 -38.00 -14.75 -9.30
N GLU A 64 -38.42 -15.47 -8.27
CA GLU A 64 -39.81 -15.79 -8.04
C GLU A 64 -40.69 -14.56 -7.99
N ASP A 65 -40.22 -13.53 -7.29
CA ASP A 65 -40.96 -12.29 -7.14
C ASP A 65 -40.88 -11.35 -8.35
N GLY A 66 -40.30 -11.81 -9.46
CA GLY A 66 -40.23 -11.03 -10.67
C GLY A 66 -39.01 -10.17 -10.80
N ALA A 67 -38.17 -10.10 -9.76
CA ALA A 67 -37.00 -9.26 -9.87
C ALA A 67 -36.00 -9.83 -10.85
N GLU A 68 -35.37 -8.96 -11.60
CA GLU A 68 -34.32 -9.38 -12.50
C GLU A 68 -33.02 -9.24 -11.75
N THR A 69 -32.15 -10.22 -11.89
CA THR A 69 -30.93 -10.16 -11.13
C THR A 69 -29.75 -10.89 -11.74
N ASP A 70 -28.68 -10.96 -10.97
CA ASP A 70 -27.45 -11.61 -11.40
C ASP A 70 -27.67 -13.09 -11.63
N LEU A 71 -27.10 -13.60 -12.72
CA LEU A 71 -27.16 -15.00 -13.11
C LEU A 71 -26.84 -15.97 -11.96
N ASP A 72 -25.92 -15.58 -11.09
CA ASP A 72 -25.51 -16.39 -9.95
C ASP A 72 -26.61 -16.68 -8.96
N LEU A 73 -27.71 -15.93 -9.01
CA LEU A 73 -28.81 -16.18 -8.13
C LEU A 73 -29.48 -17.48 -8.57
N GLY A 74 -29.42 -17.77 -9.87
CA GLY A 74 -29.94 -19.01 -10.41
C GLY A 74 -29.01 -20.13 -10.03
N HIS A 75 -27.73 -19.81 -9.98
CA HIS A 75 -26.73 -20.77 -9.56
C HIS A 75 -26.97 -21.15 -8.10
N TYR A 76 -27.42 -20.19 -7.30
CA TYR A 76 -27.73 -20.45 -5.91
C TYR A 76 -28.93 -21.39 -5.83
N GLU A 77 -29.92 -21.18 -6.70
CA GLU A 77 -31.09 -22.04 -6.76
C GLU A 77 -30.70 -23.48 -7.08
N ARG A 78 -29.60 -23.66 -7.80
CA ARG A 78 -29.13 -25.00 -8.14
C ARG A 78 -28.29 -25.68 -7.06
N PHE A 79 -28.11 -25.04 -5.91
CA PHE A 79 -27.41 -25.67 -4.79
C PHE A 79 -28.15 -25.65 -3.47
N ILE A 80 -29.15 -24.79 -3.35
CA ILE A 80 -29.89 -24.76 -2.09
C ILE A 80 -31.37 -24.61 -2.38
N ARG A 81 -32.19 -25.24 -1.56
CA ARG A 81 -33.64 -25.22 -1.77
C ARG A 81 -34.35 -23.99 -1.24
N THR A 82 -33.61 -22.99 -0.78
CA THR A 82 -34.25 -21.78 -0.30
C THR A 82 -34.51 -20.89 -1.50
N LYS A 83 -35.34 -19.88 -1.32
CA LYS A 83 -35.70 -19.05 -2.45
C LYS A 83 -35.05 -17.69 -2.45
N MET A 84 -34.52 -17.32 -3.60
CA MET A 84 -33.95 -15.99 -3.77
C MET A 84 -35.05 -14.98 -4.06
N SER A 85 -34.80 -13.74 -3.69
CA SER A 85 -35.72 -12.66 -3.89
C SER A 85 -34.95 -11.42 -4.23
N ARG A 86 -35.66 -10.33 -4.48
CA ARG A 86 -35.04 -9.03 -4.69
C ARG A 86 -34.06 -8.62 -3.57
N ARG A 87 -34.24 -9.17 -2.36
CA ARG A 87 -33.41 -8.84 -1.22
C ARG A 87 -32.08 -9.56 -1.24
N ASN A 88 -31.91 -10.47 -2.19
CA ASN A 88 -30.71 -11.24 -2.27
C ASN A 88 -29.70 -10.69 -3.25
N ASN A 89 -29.99 -9.55 -3.87
CA ASN A 89 -29.05 -9.00 -4.83
C ASN A 89 -29.41 -7.60 -5.25
N PHE A 90 -28.45 -6.70 -5.13
CA PHE A 90 -28.62 -5.31 -5.51
C PHE A 90 -27.29 -4.72 -5.95
N THR A 91 -27.35 -3.62 -6.70
CA THR A 91 -26.16 -3.03 -7.28
C THR A 91 -25.70 -1.75 -6.62
N THR A 92 -24.52 -1.31 -7.04
CA THR A 92 -23.97 -0.06 -6.55
C THR A 92 -24.84 1.09 -6.99
N GLY A 93 -25.24 1.06 -8.25
CA GLY A 93 -26.14 2.07 -8.80
C GLY A 93 -27.42 2.13 -8.01
N ARG A 94 -27.98 0.97 -7.67
CA ARG A 94 -29.19 0.88 -6.88
C ARG A 94 -29.04 1.64 -5.58
N ILE A 95 -27.91 1.43 -4.92
CA ILE A 95 -27.64 2.10 -3.67
C ILE A 95 -27.69 3.59 -3.81
N TYR A 96 -27.01 4.11 -4.83
CA TYR A 96 -26.97 5.54 -5.00
C TYR A 96 -28.31 6.11 -5.33
N SER A 97 -29.09 5.38 -6.12
CA SER A 97 -30.42 5.84 -6.45
C SER A 97 -31.22 6.04 -5.21
N ASP A 98 -31.19 5.03 -4.34
CA ASP A 98 -31.92 5.07 -3.10
C ASP A 98 -31.45 6.19 -2.19
N VAL A 99 -30.15 6.32 -2.02
CA VAL A 99 -29.60 7.33 -1.13
C VAL A 99 -29.89 8.72 -1.62
N LEU A 100 -29.71 8.96 -2.90
CA LEU A 100 -29.95 10.26 -3.47
C LEU A 100 -31.41 10.62 -3.36
N ARG A 101 -32.29 9.63 -3.50
CA ARG A 101 -33.70 9.88 -3.37
C ARG A 101 -34.01 10.26 -1.93
N LYS A 102 -33.37 9.59 -0.97
CA LYS A 102 -33.55 9.93 0.44
C LYS A 102 -33.08 11.35 0.71
N GLU A 103 -31.94 11.71 0.12
CA GLU A 103 -31.44 13.07 0.23
C GLU A 103 -32.45 14.06 -0.25
N ARG A 104 -32.99 13.80 -1.43
CA ARG A 104 -33.96 14.68 -2.04
C ARG A 104 -35.14 14.89 -1.12
N ARG A 105 -35.62 13.81 -0.51
CA ARG A 105 -36.71 13.86 0.45
C ARG A 105 -36.37 14.49 1.82
N GLY A 106 -35.14 14.98 2.01
CA GLY A 106 -34.75 15.62 3.26
C GLY A 106 -34.41 14.64 4.36
N ASP A 107 -34.18 13.38 4.01
CA ASP A 107 -33.92 12.32 4.98
C ASP A 107 -32.69 12.51 5.82
N TYR A 108 -31.73 13.30 5.35
CA TYR A 108 -30.52 13.47 6.10
C TYR A 108 -30.48 14.82 6.80
N LEU A 109 -31.63 15.50 6.83
CA LEU A 109 -31.83 16.73 7.60
C LEU A 109 -30.78 17.84 7.45
N GLY A 110 -30.20 18.01 6.26
CA GLY A 110 -29.22 19.07 6.08
C GLY A 110 -27.78 18.61 6.27
N ALA A 111 -27.58 17.34 6.62
CA ALA A 111 -26.25 16.80 6.81
C ALA A 111 -25.60 16.44 5.48
N THR A 112 -24.27 16.35 5.52
CA THR A 112 -23.51 15.97 4.35
C THR A 112 -23.68 14.49 4.15
N VAL A 113 -24.03 14.09 2.96
CA VAL A 113 -24.14 12.69 2.70
C VAL A 113 -22.79 12.24 2.19
N GLN A 114 -22.19 11.31 2.90
CA GLN A 114 -20.85 10.86 2.56
C GLN A 114 -20.82 9.36 2.40
N VAL A 115 -19.82 8.87 1.69
CA VAL A 115 -19.66 7.43 1.54
C VAL A 115 -19.66 6.82 2.90
N ILE A 116 -18.78 7.36 3.72
CA ILE A 116 -18.76 7.01 5.10
C ILE A 116 -19.37 8.18 5.82
N PRO A 117 -20.43 7.96 6.57
CA PRO A 117 -21.13 6.73 6.89
C PRO A 117 -22.38 6.41 6.09
N HIS A 118 -22.80 7.29 5.19
CA HIS A 118 -24.14 7.11 4.66
C HIS A 118 -24.28 6.05 3.61
N ILE A 119 -23.32 5.93 2.73
CA ILE A 119 -23.43 4.93 1.69
C ILE A 119 -23.22 3.57 2.30
N THR A 120 -22.28 3.49 3.23
CA THR A 120 -22.05 2.23 3.89
C THR A 120 -23.22 1.83 4.76
N ASN A 121 -23.96 2.79 5.31
CA ASN A 121 -25.14 2.43 6.08
C ASN A 121 -26.21 1.83 5.22
N ALA A 122 -26.37 2.36 4.00
CA ALA A 122 -27.33 1.81 3.07
C ALA A 122 -27.02 0.34 2.84
N ILE A 123 -25.74 0.05 2.65
CA ILE A 123 -25.29 -1.32 2.44
C ILE A 123 -25.56 -2.18 3.65
N LYS A 124 -25.18 -1.68 4.81
CA LYS A 124 -25.33 -2.39 6.06
C LYS A 124 -26.76 -2.80 6.32
N GLU A 125 -27.66 -1.89 6.02
CA GLU A 125 -29.08 -2.14 6.20
C GLU A 125 -29.56 -3.23 5.30
N ARG A 126 -29.13 -3.20 4.04
CA ARG A 126 -29.55 -4.22 3.10
C ARG A 126 -29.05 -5.59 3.47
N VAL A 127 -27.85 -5.66 4.02
CA VAL A 127 -27.31 -6.94 4.44
C VAL A 127 -28.10 -7.52 5.58
N LEU A 128 -28.38 -6.69 6.59
CA LEU A 128 -29.14 -7.17 7.73
C LEU A 128 -30.54 -7.59 7.32
N GLU A 129 -31.12 -6.88 6.36
CA GLU A 129 -32.43 -7.21 5.84
C GLU A 129 -32.46 -8.62 5.28
N GLY A 130 -31.58 -8.89 4.32
CA GLY A 130 -31.56 -10.19 3.68
C GLY A 130 -31.21 -11.33 4.61
N GLY A 131 -30.31 -11.09 5.57
CA GLY A 131 -29.91 -12.15 6.48
C GLY A 131 -30.84 -12.35 7.67
N GLU A 132 -31.90 -11.55 7.76
CA GLU A 132 -32.80 -11.65 8.89
C GLU A 132 -33.50 -12.99 8.98
N GLY A 133 -33.39 -13.61 10.15
CA GLY A 133 -34.04 -14.88 10.41
C GLY A 133 -33.28 -16.10 9.91
N HIS A 134 -32.03 -15.92 9.49
CA HIS A 134 -31.28 -17.06 9.01
C HIS A 134 -30.13 -17.41 9.94
N ASP A 135 -29.74 -18.69 9.94
CA ASP A 135 -28.65 -19.14 10.78
C ASP A 135 -27.32 -18.72 10.20
N VAL A 136 -27.15 -18.99 8.91
CA VAL A 136 -25.93 -18.67 8.23
C VAL A 136 -26.22 -17.92 6.95
N VAL A 137 -25.55 -16.79 6.79
CA VAL A 137 -25.72 -15.96 5.62
C VAL A 137 -24.43 -15.85 4.86
N LEU A 138 -24.42 -16.33 3.62
CA LEU A 138 -23.23 -16.16 2.83
C LEU A 138 -23.36 -14.89 2.03
N VAL A 139 -22.30 -14.10 1.97
CA VAL A 139 -22.35 -12.87 1.22
C VAL A 139 -21.22 -12.82 0.21
N GLU A 140 -21.58 -12.89 -1.07
CA GLU A 140 -20.57 -12.83 -2.11
C GLU A 140 -20.28 -11.40 -2.49
N ILE A 141 -19.02 -11.03 -2.40
CA ILE A 141 -18.63 -9.69 -2.76
C ILE A 141 -18.08 -9.70 -4.16
N GLY A 142 -18.80 -9.04 -5.07
CA GLY A 142 -18.35 -8.96 -6.45
C GLY A 142 -17.17 -8.02 -6.60
N GLY A 143 -16.60 -8.00 -7.79
CA GLY A 143 -15.44 -7.16 -8.07
C GLY A 143 -14.17 -7.88 -7.68
N THR A 144 -13.04 -7.18 -7.78
CA THR A 144 -11.75 -7.78 -7.43
C THR A 144 -11.09 -6.98 -6.33
N VAL A 145 -10.54 -7.68 -5.33
CA VAL A 145 -9.90 -6.99 -4.24
C VAL A 145 -8.70 -6.19 -4.69
N GLY A 146 -8.67 -4.94 -4.29
CA GLY A 146 -7.63 -4.02 -4.67
C GLY A 146 -8.15 -2.97 -5.65
N ASP A 147 -9.28 -3.26 -6.28
CA ASP A 147 -9.89 -2.33 -7.21
C ASP A 147 -10.86 -1.41 -6.50
N ILE A 148 -10.93 -0.17 -6.97
CA ILE A 148 -11.73 0.84 -6.27
C ILE A 148 -13.22 0.59 -6.39
N GLU A 149 -13.60 -0.15 -7.43
CA GLU A 149 -14.98 -0.52 -7.69
C GLU A 149 -15.76 -1.15 -6.53
N SER A 150 -15.09 -1.65 -5.50
CA SER A 150 -15.86 -2.26 -4.43
C SER A 150 -15.33 -1.95 -3.04
N LEU A 151 -14.48 -0.94 -2.93
CA LEU A 151 -13.92 -0.62 -1.63
C LEU A 151 -14.98 -0.19 -0.60
N PRO A 152 -16.03 0.57 -0.96
CA PRO A 152 -17.13 0.97 -0.11
C PRO A 152 -17.82 -0.22 0.52
N PHE A 153 -17.93 -1.30 -0.23
CA PHE A 153 -18.59 -2.48 0.28
C PHE A 153 -17.72 -3.15 1.29
N LEU A 154 -16.43 -3.19 0.97
CA LEU A 154 -15.47 -3.81 1.84
C LEU A 154 -15.39 -3.08 3.16
N GLU A 155 -15.54 -1.77 3.10
CA GLU A 155 -15.56 -0.96 4.30
C GLU A 155 -16.81 -1.19 5.13
N ALA A 156 -17.97 -1.28 4.47
CA ALA A 156 -19.20 -1.54 5.19
C ALA A 156 -19.10 -2.87 5.94
N ILE A 157 -18.49 -3.85 5.29
CA ILE A 157 -18.29 -5.15 5.88
C ILE A 157 -17.44 -5.09 7.10
N ARG A 158 -16.31 -4.41 6.98
CA ARG A 158 -15.39 -4.28 8.09
C ARG A 158 -16.12 -3.74 9.30
N GLN A 159 -16.89 -2.68 9.08
CA GLN A 159 -17.63 -2.06 10.15
C GLN A 159 -18.58 -3.04 10.81
N MET A 160 -19.32 -3.80 10.00
CA MET A 160 -20.24 -4.77 10.55
C MET A 160 -19.54 -5.88 11.28
N ALA A 161 -18.38 -6.29 10.79
CA ALA A 161 -17.64 -7.34 11.45
C ALA A 161 -17.32 -6.92 12.88
N VAL A 162 -16.94 -5.65 13.03
CA VAL A 162 -16.64 -5.11 14.34
C VAL A 162 -17.88 -4.96 15.20
N GLU A 163 -18.92 -4.36 14.63
CA GLU A 163 -20.15 -4.12 15.39
C GLU A 163 -20.87 -5.40 15.78
N ILE A 164 -20.91 -6.36 14.87
CA ILE A 164 -21.53 -7.64 15.14
C ILE A 164 -20.72 -8.48 16.10
N GLY A 165 -19.41 -8.55 15.86
CA GLY A 165 -18.53 -9.35 16.69
C GLY A 165 -17.98 -10.51 15.89
N ARG A 166 -16.72 -10.84 16.12
CA ARG A 166 -16.04 -11.89 15.38
C ARG A 166 -16.63 -13.26 15.58
N GLU A 167 -17.28 -13.47 16.71
CA GLU A 167 -17.93 -14.74 16.98
C GLU A 167 -19.09 -15.05 16.04
N HIS A 168 -19.52 -14.06 15.24
CA HIS A 168 -20.56 -14.32 14.29
C HIS A 168 -20.14 -14.00 12.87
N THR A 169 -18.83 -13.89 12.60
CA THR A 169 -18.44 -13.62 11.23
C THR A 169 -17.09 -14.20 10.81
N LEU A 170 -17.03 -14.67 9.56
CA LEU A 170 -15.80 -15.23 8.99
C LEU A 170 -15.43 -14.61 7.65
N PHE A 171 -14.13 -14.55 7.37
CA PHE A 171 -13.64 -14.04 6.10
C PHE A 171 -13.04 -15.12 5.21
N MET A 172 -13.74 -15.41 4.13
CA MET A 172 -13.27 -16.38 3.16
C MET A 172 -12.72 -15.66 1.95
N HIS A 173 -11.61 -16.13 1.42
CA HIS A 173 -11.00 -15.44 0.30
C HIS A 173 -10.37 -16.35 -0.73
N LEU A 174 -10.81 -16.17 -1.98
CA LEU A 174 -10.31 -16.93 -3.10
C LEU A 174 -9.10 -16.30 -3.74
N THR A 175 -8.19 -17.16 -4.12
CA THR A 175 -6.99 -16.76 -4.80
C THR A 175 -6.68 -17.66 -5.95
N LEU A 176 -5.56 -17.38 -6.59
CA LEU A 176 -5.07 -18.16 -7.69
C LEU A 176 -3.68 -18.62 -7.42
N VAL A 177 -3.48 -19.92 -7.54
CA VAL A 177 -2.18 -20.52 -7.39
C VAL A 177 -1.85 -21.14 -8.73
N PRO A 178 -1.45 -20.31 -9.70
CA PRO A 178 -1.23 -20.63 -11.08
C PRO A 178 -0.05 -21.54 -11.28
N TYR A 179 -0.14 -22.39 -12.29
CA TYR A 179 0.93 -23.29 -12.60
C TYR A 179 1.83 -22.71 -13.66
N MET A 180 3.10 -22.62 -13.31
CA MET A 180 4.10 -22.10 -14.22
C MET A 180 4.90 -23.21 -14.83
N ALA A 181 4.43 -23.71 -15.97
CA ALA A 181 5.04 -24.81 -16.70
C ALA A 181 6.50 -24.58 -17.01
N ALA A 182 6.88 -23.34 -17.26
CA ALA A 182 8.28 -23.01 -17.53
C ALA A 182 9.16 -23.38 -16.34
N SER A 183 8.63 -23.22 -15.14
CA SER A 183 9.35 -23.56 -13.93
C SER A 183 9.00 -24.97 -13.50
N GLY A 184 7.87 -25.46 -13.98
CA GLY A 184 7.39 -26.78 -13.66
C GLY A 184 6.68 -26.81 -12.31
N GLU A 185 6.24 -25.64 -11.82
CA GLU A 185 5.60 -25.61 -10.52
C GLU A 185 4.63 -24.45 -10.37
N VAL A 186 3.78 -24.54 -9.37
CA VAL A 186 2.85 -23.47 -9.07
C VAL A 186 3.50 -22.40 -8.22
N LYS A 187 2.97 -21.19 -8.26
CA LYS A 187 3.53 -20.11 -7.44
C LYS A 187 2.53 -19.61 -6.41
N THR A 188 3.02 -19.11 -5.27
CA THR A 188 2.10 -18.64 -4.23
C THR A 188 2.17 -17.13 -4.02
N LYS A 189 3.23 -16.51 -4.51
CA LYS A 189 3.45 -15.08 -4.35
C LYS A 189 2.20 -14.20 -4.53
N PRO A 190 1.43 -14.31 -5.63
CA PRO A 190 0.21 -13.57 -5.90
C PRO A 190 -0.76 -13.62 -4.73
N THR A 191 -0.86 -14.80 -4.11
CA THR A 191 -1.76 -15.01 -2.99
C THR A 191 -1.34 -14.22 -1.81
N GLN A 192 -0.04 -14.26 -1.56
CA GLN A 192 0.51 -13.56 -0.43
C GLN A 192 0.16 -12.09 -0.53
N HIS A 193 0.29 -11.54 -1.74
CA HIS A 193 -0.02 -10.13 -1.92
C HIS A 193 -1.50 -9.84 -1.82
N SER A 194 -2.34 -10.75 -2.32
CA SER A 194 -3.77 -10.55 -2.26
C SER A 194 -4.23 -10.41 -0.82
N VAL A 195 -3.72 -11.27 0.04
CA VAL A 195 -4.02 -11.20 1.44
C VAL A 195 -3.56 -9.90 2.04
N LYS A 196 -2.34 -9.48 1.70
CA LYS A 196 -1.84 -8.21 2.19
C LYS A 196 -2.76 -7.06 1.81
N GLU A 197 -3.36 -7.15 0.63
CA GLU A 197 -4.27 -6.10 0.21
C GLU A 197 -5.49 -6.05 1.08
N LEU A 198 -6.08 -7.21 1.40
CA LEU A 198 -7.20 -7.18 2.32
C LEU A 198 -6.83 -6.63 3.66
N LEU A 199 -5.65 -6.99 4.13
CA LEU A 199 -5.22 -6.50 5.40
C LEU A 199 -5.10 -5.00 5.41
N SER A 200 -4.64 -4.41 4.31
CA SER A 200 -4.48 -2.97 4.25
C SER A 200 -5.79 -2.21 4.34
N ILE A 201 -6.93 -2.88 4.16
CA ILE A 201 -8.21 -2.23 4.27
C ILE A 201 -8.98 -2.73 5.50
N GLY A 202 -8.25 -3.29 6.47
CA GLY A 202 -8.86 -3.71 7.74
C GLY A 202 -9.43 -5.12 7.76
N ILE A 203 -9.11 -5.95 6.78
CA ILE A 203 -9.65 -7.30 6.74
C ILE A 203 -8.61 -8.41 6.86
N GLN A 204 -8.74 -9.22 7.90
CA GLN A 204 -7.89 -10.40 8.10
C GLN A 204 -8.65 -11.67 7.76
N PRO A 205 -8.26 -12.38 6.70
CA PRO A 205 -8.81 -13.62 6.22
C PRO A 205 -8.74 -14.71 7.25
N ASP A 206 -9.75 -15.56 7.26
CA ASP A 206 -9.79 -16.69 8.14
C ASP A 206 -9.65 -17.99 7.35
N ILE A 207 -10.24 -18.00 6.16
CA ILE A 207 -10.24 -19.17 5.30
C ILE A 207 -9.74 -18.85 3.90
N LEU A 208 -8.80 -19.65 3.41
CA LEU A 208 -8.28 -19.40 2.08
C LEU A 208 -8.65 -20.49 1.10
N ILE A 209 -9.03 -20.08 -0.11
CA ILE A 209 -9.37 -21.00 -1.18
C ILE A 209 -8.37 -20.88 -2.32
N CYS A 210 -7.61 -21.94 -2.58
CA CYS A 210 -6.59 -21.90 -3.61
C CYS A 210 -7.04 -22.45 -4.93
N ARG A 211 -7.51 -21.59 -5.82
CA ARG A 211 -7.98 -22.05 -7.12
C ARG A 211 -6.82 -22.36 -8.02
N SER A 212 -6.91 -23.50 -8.69
CA SER A 212 -5.88 -23.89 -9.63
C SER A 212 -6.38 -24.98 -10.52
N ASP A 213 -5.54 -25.43 -11.43
CA ASP A 213 -5.88 -26.55 -12.28
C ASP A 213 -5.35 -27.87 -11.70
N ARG A 214 -4.95 -27.85 -10.42
CA ARG A 214 -4.38 -29.04 -9.81
C ARG A 214 -4.25 -28.86 -8.32
N ALA A 215 -4.24 -29.98 -7.60
CA ALA A 215 -4.14 -29.91 -6.16
C ALA A 215 -2.86 -29.21 -5.74
N VAL A 216 -2.98 -28.33 -4.75
CA VAL A 216 -1.83 -27.62 -4.23
C VAL A 216 -1.23 -28.44 -3.09
N PRO A 217 0.08 -28.72 -3.12
CA PRO A 217 0.84 -29.47 -2.13
C PRO A 217 0.71 -28.86 -0.76
N ALA A 218 0.66 -29.72 0.25
CA ALA A 218 0.52 -29.32 1.63
C ALA A 218 1.61 -28.36 2.05
N ASN A 219 2.79 -28.55 1.50
CA ASN A 219 3.91 -27.69 1.79
C ASN A 219 3.64 -26.27 1.36
N GLU A 220 2.99 -26.12 0.22
CA GLU A 220 2.73 -24.82 -0.32
C GLU A 220 1.61 -24.17 0.46
N ARG A 221 0.67 -25.00 0.89
CA ARG A 221 -0.43 -24.54 1.69
C ARG A 221 0.09 -24.04 3.02
N ALA A 222 1.09 -24.72 3.56
CA ALA A 222 1.75 -24.33 4.80
C ALA A 222 2.47 -23.00 4.64
N LYS A 223 3.15 -22.82 3.52
CA LYS A 223 3.85 -21.59 3.25
C LYS A 223 2.89 -20.43 3.24
N ILE A 224 1.73 -20.64 2.63
CA ILE A 224 0.70 -19.63 2.59
C ILE A 224 0.19 -19.34 3.97
N ALA A 225 -0.10 -20.39 4.72
CA ALA A 225 -0.58 -20.29 6.09
C ALA A 225 0.33 -19.38 6.90
N LEU A 226 1.63 -19.59 6.76
CA LEU A 226 2.61 -18.78 7.43
C LEU A 226 2.46 -17.31 7.14
N PHE A 227 2.53 -16.98 5.86
CA PHE A 227 2.54 -15.58 5.47
C PHE A 227 1.22 -14.86 5.63
N CYS A 228 0.14 -15.61 5.78
CA CYS A 228 -1.17 -14.97 5.87
C CYS A 228 -1.77 -14.92 7.26
N ASN A 229 -1.07 -15.43 8.28
CA ASN A 229 -1.61 -15.50 9.64
C ASN A 229 -2.83 -16.43 9.70
N VAL A 230 -2.80 -17.53 8.96
CA VAL A 230 -3.92 -18.44 8.89
C VAL A 230 -3.46 -19.85 9.23
N PRO A 231 -4.22 -20.60 10.02
CA PRO A 231 -3.97 -21.99 10.37
C PRO A 231 -3.90 -22.83 9.11
N GLU A 232 -3.02 -23.83 9.08
CA GLU A 232 -2.85 -24.67 7.91
C GLU A 232 -4.14 -25.33 7.50
N LYS A 233 -4.89 -25.79 8.50
CA LYS A 233 -6.17 -26.44 8.31
C LYS A 233 -7.21 -25.56 7.63
N ALA A 234 -7.01 -24.24 7.65
CA ALA A 234 -7.94 -23.32 7.04
C ALA A 234 -7.53 -22.96 5.61
N VAL A 235 -6.42 -23.54 5.13
CA VAL A 235 -5.98 -23.31 3.76
C VAL A 235 -6.47 -24.46 2.91
N ILE A 236 -7.51 -24.21 2.15
CA ILE A 236 -8.19 -25.20 1.33
C ILE A 236 -7.73 -25.17 -0.12
N SER A 237 -7.42 -26.35 -0.67
CA SER A 237 -7.01 -26.41 -2.08
C SER A 237 -8.20 -26.70 -2.98
N LEU A 238 -8.29 -26.01 -4.11
CA LEU A 238 -9.41 -26.27 -5.00
C LEU A 238 -9.01 -26.31 -6.46
N LYS A 239 -8.70 -27.51 -6.91
CA LYS A 239 -8.32 -27.80 -8.27
C LYS A 239 -9.51 -27.78 -9.20
N ASP A 240 -9.27 -27.52 -10.47
CA ASP A 240 -10.33 -27.54 -11.46
C ASP A 240 -10.92 -28.92 -11.67
N VAL A 241 -12.24 -28.97 -11.79
CA VAL A 241 -12.97 -30.20 -12.01
C VAL A 241 -13.95 -30.05 -13.17
N ASP A 242 -14.44 -31.18 -13.67
CA ASP A 242 -15.37 -31.20 -14.80
C ASP A 242 -16.85 -31.06 -14.42
N SER A 243 -17.14 -30.77 -13.16
CA SER A 243 -18.52 -30.58 -12.74
C SER A 243 -18.62 -29.88 -11.43
N ILE A 244 -19.42 -28.83 -11.41
CA ILE A 244 -19.66 -28.05 -10.23
C ILE A 244 -20.41 -28.81 -9.16
N TYR A 245 -20.97 -29.96 -9.50
CA TYR A 245 -21.71 -30.69 -8.51
C TYR A 245 -20.80 -31.59 -7.70
N LYS A 246 -19.51 -31.60 -8.03
CA LYS A 246 -18.50 -32.35 -7.32
C LYS A 246 -17.79 -31.50 -6.27
N ILE A 247 -18.11 -30.21 -6.23
CA ILE A 247 -17.40 -29.33 -5.34
C ILE A 247 -17.75 -29.53 -3.87
N PRO A 248 -19.02 -29.73 -3.48
CA PRO A 248 -19.47 -30.02 -2.13
C PRO A 248 -18.67 -31.19 -1.56
N GLY A 249 -18.40 -32.17 -2.41
CA GLY A 249 -17.62 -33.32 -2.02
C GLY A 249 -16.22 -32.91 -1.62
N LEU A 250 -15.59 -32.09 -2.44
CA LEU A 250 -14.24 -31.63 -2.16
C LEU A 250 -14.13 -30.78 -0.90
N LEU A 251 -15.09 -29.89 -0.70
CA LEU A 251 -15.04 -29.00 0.44
C LEU A 251 -15.26 -29.79 1.71
N LYS A 252 -16.15 -30.77 1.63
CA LYS A 252 -16.42 -31.66 2.73
C LYS A 252 -15.20 -32.49 3.04
N SER A 253 -14.55 -32.99 1.99
CA SER A 253 -13.35 -33.79 2.13
C SER A 253 -12.27 -33.08 2.94
N GLN A 254 -12.13 -31.78 2.75
CA GLN A 254 -11.12 -31.04 3.48
C GLN A 254 -11.58 -30.49 4.84
N GLY A 255 -12.80 -30.81 5.27
CA GLY A 255 -13.28 -30.42 6.60
C GLY A 255 -13.68 -28.96 6.77
N LEU A 256 -13.98 -28.29 5.66
CA LEU A 256 -14.32 -26.88 5.71
C LEU A 256 -15.50 -26.55 6.61
N ASP A 257 -16.59 -27.28 6.43
CA ASP A 257 -17.80 -27.02 7.17
C ASP A 257 -17.68 -27.28 8.67
N ASP A 258 -16.89 -28.28 9.04
CA ASP A 258 -16.64 -28.55 10.46
C ASP A 258 -15.97 -27.38 11.09
N TYR A 259 -14.96 -26.85 10.42
CA TYR A 259 -14.26 -25.68 10.89
C TYR A 259 -15.25 -24.57 11.16
N ILE A 260 -16.11 -24.32 10.18
CA ILE A 260 -17.10 -23.26 10.28
C ILE A 260 -18.03 -23.40 11.47
N CYS A 261 -18.59 -24.59 11.67
CA CYS A 261 -19.48 -24.81 12.80
C CYS A 261 -18.75 -24.63 14.11
N LYS A 262 -17.47 -25.02 14.16
CA LYS A 262 -16.70 -24.80 15.36
C LYS A 262 -16.55 -23.31 15.63
N ARG A 263 -16.31 -22.54 14.58
CA ARG A 263 -16.15 -21.11 14.73
C ARG A 263 -17.45 -20.44 15.17
N PHE A 264 -18.58 -21.02 14.77
CA PHE A 264 -19.85 -20.47 15.19
C PHE A 264 -20.50 -21.24 16.34
N SER A 265 -19.73 -22.10 17.01
CA SER A 265 -20.26 -22.90 18.12
C SER A 265 -21.54 -23.64 17.80
N LEU A 266 -21.67 -24.15 16.58
CA LEU A 266 -22.87 -24.87 16.19
C LEU A 266 -22.69 -26.37 16.28
N ASN A 267 -23.69 -27.02 16.84
CA ASN A 267 -23.66 -28.48 16.93
C ASN A 267 -24.29 -29.04 15.68
N CYS A 268 -23.52 -28.99 14.60
CA CYS A 268 -23.99 -29.39 13.29
C CYS A 268 -23.88 -30.90 13.04
N PRO A 269 -24.98 -31.56 12.69
CA PRO A 269 -25.09 -32.97 12.30
C PRO A 269 -24.30 -33.23 11.04
N GLU A 270 -23.78 -34.45 10.90
CA GLU A 270 -23.01 -34.88 9.73
C GLU A 270 -23.74 -34.60 8.41
N ALA A 271 -23.06 -33.91 7.49
CA ALA A 271 -23.67 -33.56 6.22
C ALA A 271 -24.10 -34.77 5.42
N ASN A 272 -25.34 -34.73 4.96
CA ASN A 272 -25.82 -35.77 4.07
C ASN A 272 -25.68 -35.29 2.63
N LEU A 273 -24.56 -35.60 2.02
CA LEU A 273 -24.31 -35.17 0.65
C LEU A 273 -24.62 -36.27 -0.36
N SER A 274 -25.27 -37.34 0.07
CA SER A 274 -25.54 -38.47 -0.80
C SER A 274 -26.42 -38.11 -1.99
N GLU A 275 -27.22 -37.05 -1.85
CA GLU A 275 -28.06 -36.60 -2.93
C GLU A 275 -27.21 -36.09 -4.07
N TRP A 276 -26.10 -35.47 -3.72
CA TRP A 276 -25.20 -34.93 -4.71
C TRP A 276 -24.39 -36.03 -5.28
N GLU A 277 -24.04 -37.00 -4.44
CA GLU A 277 -23.28 -38.15 -4.89
C GLU A 277 -24.06 -38.91 -5.94
N GLN A 278 -25.37 -39.03 -5.72
CA GLN A 278 -26.25 -39.65 -6.69
C GLN A 278 -26.20 -38.93 -8.01
N VAL A 279 -26.35 -37.61 -7.95
CA VAL A 279 -26.30 -36.79 -9.15
C VAL A 279 -25.00 -36.99 -9.89
N ILE A 280 -23.90 -37.00 -9.15
CA ILE A 280 -22.57 -37.19 -9.71
C ILE A 280 -22.45 -38.54 -10.39
N PHE A 281 -22.92 -39.58 -9.70
CA PHE A 281 -22.88 -40.93 -10.22
C PHE A 281 -23.59 -41.03 -11.54
N GLU A 282 -24.79 -40.50 -11.57
CA GLU A 282 -25.61 -40.53 -12.76
C GLU A 282 -24.96 -39.71 -13.87
N GLU A 283 -24.44 -38.53 -13.51
CA GLU A 283 -23.74 -37.67 -14.45
C GLU A 283 -22.58 -38.36 -15.12
N ALA A 284 -21.76 -39.03 -14.31
CA ALA A 284 -20.58 -39.72 -14.79
C ALA A 284 -20.86 -41.09 -15.39
N ASN A 285 -22.12 -41.52 -15.39
CA ASN A 285 -22.44 -42.83 -15.92
C ASN A 285 -23.75 -42.85 -16.71
N PRO A 286 -23.87 -42.08 -17.80
CA PRO A 286 -24.99 -42.03 -18.70
C PRO A 286 -24.99 -43.31 -19.50
N VAL A 287 -26.15 -43.74 -19.94
CA VAL A 287 -26.24 -44.93 -20.75
C VAL A 287 -26.29 -44.60 -22.23
N SER A 288 -26.64 -43.35 -22.55
CA SER A 288 -26.69 -42.95 -23.96
C SER A 288 -26.17 -41.54 -24.19
N GLU A 289 -26.43 -41.03 -25.41
CA GLU A 289 -26.05 -39.68 -25.80
C GLU A 289 -26.92 -39.16 -26.94
N VAL A 290 -27.22 -37.87 -26.92
CA VAL A 290 -28.00 -37.24 -27.98
C VAL A 290 -27.42 -35.89 -28.39
N THR A 291 -27.70 -35.48 -29.62
CA THR A 291 -27.26 -34.16 -30.08
C THR A 291 -28.45 -33.25 -30.30
N ILE A 292 -28.39 -32.10 -29.65
CA ILE A 292 -29.46 -31.14 -29.69
C ILE A 292 -28.99 -29.82 -30.26
N GLY A 293 -29.62 -29.36 -31.32
CA GLY A 293 -29.22 -28.10 -31.91
C GLY A 293 -29.86 -26.94 -31.18
N MET A 294 -29.11 -25.87 -30.99
CA MET A 294 -29.61 -24.67 -30.36
C MET A 294 -29.48 -23.50 -31.31
N VAL A 295 -30.60 -23.08 -31.87
CA VAL A 295 -30.58 -22.00 -32.84
C VAL A 295 -30.93 -20.68 -32.20
N GLY A 296 -30.02 -19.73 -32.26
CA GLY A 296 -30.27 -18.47 -31.60
C GLY A 296 -29.46 -17.30 -32.12
N LYS A 297 -29.00 -16.46 -31.19
CA LYS A 297 -28.35 -15.22 -31.57
C LYS A 297 -27.14 -14.88 -30.73
N TYR A 298 -27.20 -15.17 -29.44
CA TYR A 298 -26.11 -14.84 -28.55
C TYR A 298 -25.18 -16.01 -28.29
N ILE A 299 -25.12 -16.94 -29.24
CA ILE A 299 -24.33 -18.16 -29.09
C ILE A 299 -22.83 -17.94 -29.01
N GLU A 300 -22.38 -16.74 -29.35
CA GLU A 300 -20.97 -16.40 -29.23
C GLU A 300 -20.52 -16.30 -27.77
N LEU A 301 -21.48 -16.28 -26.85
CA LEU A 301 -21.18 -16.26 -25.44
C LEU A 301 -22.11 -17.18 -24.70
N PRO A 302 -21.73 -18.45 -24.53
CA PRO A 302 -22.46 -19.54 -23.84
C PRO A 302 -23.33 -19.05 -22.69
N ASP A 303 -22.76 -18.17 -21.87
CA ASP A 303 -23.42 -17.60 -20.70
C ASP A 303 -24.82 -17.05 -20.96
N ALA A 304 -25.05 -16.55 -22.18
CA ALA A 304 -26.33 -15.99 -22.58
C ALA A 304 -27.45 -17.00 -22.48
N TYR A 305 -27.13 -18.28 -22.65
CA TYR A 305 -28.14 -19.30 -22.57
C TYR A 305 -27.78 -20.29 -21.47
N LYS A 306 -27.02 -19.83 -20.47
CA LYS A 306 -26.53 -20.66 -19.38
C LYS A 306 -27.60 -21.44 -18.66
N SER A 307 -28.67 -20.75 -18.28
CA SER A 307 -29.75 -21.40 -17.57
C SER A 307 -30.42 -22.48 -18.39
N VAL A 308 -30.46 -22.27 -19.70
CA VAL A 308 -31.04 -23.24 -20.62
C VAL A 308 -30.15 -24.45 -20.74
N ILE A 309 -28.87 -24.19 -20.90
CA ILE A 309 -27.87 -25.24 -21.02
C ILE A 309 -27.90 -26.16 -19.82
N GLU A 310 -28.00 -25.57 -18.64
CA GLU A 310 -28.03 -26.37 -17.44
C GLU A 310 -29.34 -27.13 -17.32
N ALA A 311 -30.44 -26.52 -17.76
CA ALA A 311 -31.72 -27.21 -17.73
C ALA A 311 -31.68 -28.46 -18.61
N LEU A 312 -31.03 -28.33 -19.78
CA LEU A 312 -30.84 -29.46 -20.67
C LEU A 312 -30.01 -30.53 -20.03
N LYS A 313 -28.96 -30.12 -19.34
CA LYS A 313 -28.09 -31.03 -18.63
C LYS A 313 -28.86 -31.85 -17.62
N HIS A 314 -29.73 -31.18 -16.87
CA HIS A 314 -30.52 -31.83 -15.83
C HIS A 314 -31.49 -32.86 -16.40
N GLY A 315 -32.09 -32.54 -17.56
CA GLY A 315 -32.96 -33.51 -18.22
C GLY A 315 -32.14 -34.76 -18.57
N GLY A 316 -30.93 -34.52 -19.09
CA GLY A 316 -30.01 -35.59 -19.44
C GLY A 316 -29.61 -36.43 -18.22
N LEU A 317 -29.43 -35.78 -17.08
CA LEU A 317 -29.08 -36.53 -15.88
C LEU A 317 -30.17 -37.51 -15.50
N LYS A 318 -31.42 -37.06 -15.61
CA LYS A 318 -32.52 -37.93 -15.25
C LYS A 318 -32.70 -39.07 -16.23
N ASN A 319 -32.36 -38.84 -17.49
CA ASN A 319 -32.45 -39.91 -18.47
C ASN A 319 -31.12 -40.60 -18.74
N ARG A 320 -30.10 -40.34 -17.92
CA ARG A 320 -28.78 -40.95 -18.09
C ARG A 320 -28.32 -40.85 -19.54
N VAL A 321 -28.34 -39.64 -20.07
CA VAL A 321 -27.95 -39.44 -21.45
C VAL A 321 -27.18 -38.15 -21.63
N SER A 322 -26.09 -38.24 -22.37
CA SER A 322 -25.24 -37.09 -22.61
C SER A 322 -25.91 -36.08 -23.53
N VAL A 323 -25.76 -34.81 -23.20
CA VAL A 323 -26.35 -33.75 -24.02
C VAL A 323 -25.29 -32.97 -24.78
N ASN A 324 -25.30 -33.12 -26.09
CA ASN A 324 -24.38 -32.43 -26.98
C ASN A 324 -25.06 -31.25 -27.65
N ILE A 325 -24.79 -30.05 -27.18
CA ILE A 325 -25.42 -28.87 -27.77
C ILE A 325 -24.66 -28.30 -28.95
N LYS A 326 -25.36 -28.16 -30.08
CA LYS A 326 -24.77 -27.52 -31.25
C LYS A 326 -25.21 -26.09 -31.33
N LEU A 327 -24.29 -25.16 -31.17
CA LEU A 327 -24.72 -23.78 -31.27
C LEU A 327 -24.84 -23.36 -32.71
N ILE A 328 -25.99 -22.79 -33.03
CA ILE A 328 -26.32 -22.38 -34.37
C ILE A 328 -26.78 -20.95 -34.46
N ASP A 329 -26.15 -20.19 -35.33
CA ASP A 329 -26.59 -18.83 -35.54
C ASP A 329 -27.75 -18.82 -36.48
N SER A 330 -28.89 -18.34 -36.00
CA SER A 330 -30.08 -18.22 -36.80
C SER A 330 -29.88 -17.45 -38.10
N GLN A 331 -28.90 -16.55 -38.12
CA GLN A 331 -28.59 -15.76 -39.30
C GLN A 331 -27.91 -16.65 -40.35
N ASP A 332 -27.23 -17.70 -39.91
CA ASP A 332 -26.60 -18.64 -40.81
C ASP A 332 -27.66 -19.55 -41.39
N VAL A 333 -28.70 -19.80 -40.61
CA VAL A 333 -29.82 -20.56 -41.15
C VAL A 333 -30.42 -19.75 -42.28
N GLU A 334 -30.50 -18.44 -42.11
CA GLU A 334 -30.97 -17.58 -43.19
C GLU A 334 -30.03 -17.61 -44.39
N THR A 335 -28.73 -17.65 -44.13
CA THR A 335 -27.72 -17.68 -45.20
C THR A 335 -27.52 -19.05 -45.83
N ARG A 336 -26.95 -19.96 -45.05
CA ARG A 336 -26.65 -21.31 -45.48
C ARG A 336 -27.90 -22.16 -45.67
N GLY A 337 -28.86 -21.99 -44.76
CA GLY A 337 -30.09 -22.76 -44.87
C GLY A 337 -30.10 -23.95 -43.92
N VAL A 338 -31.20 -24.71 -44.00
CA VAL A 338 -31.47 -25.89 -43.18
C VAL A 338 -30.42 -27.00 -43.18
N GLU A 339 -29.41 -26.94 -44.05
CA GLU A 339 -28.34 -27.92 -44.05
C GLU A 339 -27.64 -27.98 -42.68
N ILE A 340 -27.69 -26.86 -41.97
CA ILE A 340 -27.15 -26.71 -40.64
C ILE A 340 -27.83 -27.62 -39.63
N LEU A 341 -29.12 -27.82 -39.85
CA LEU A 341 -29.99 -28.55 -38.96
C LEU A 341 -29.92 -30.05 -39.17
N LYS A 342 -29.08 -30.50 -40.10
CA LYS A 342 -28.92 -31.92 -40.35
C LYS A 342 -27.97 -32.53 -39.33
N GLY A 343 -28.14 -33.82 -39.06
CA GLY A 343 -27.28 -34.52 -38.11
C GLY A 343 -27.68 -34.28 -36.66
N LEU A 344 -28.89 -33.78 -36.45
CA LEU A 344 -29.36 -33.49 -35.10
C LEU A 344 -30.46 -34.47 -34.68
N ASP A 345 -30.50 -34.77 -33.40
CA ASP A 345 -31.51 -35.67 -32.86
C ASP A 345 -32.69 -34.85 -32.38
N ALA A 346 -32.40 -33.62 -31.95
CA ALA A 346 -33.44 -32.74 -31.51
C ALA A 346 -33.10 -31.30 -31.79
N ILE A 347 -34.14 -30.49 -31.84
CA ILE A 347 -34.04 -29.08 -32.10
C ILE A 347 -34.53 -28.23 -30.96
N LEU A 348 -33.76 -27.24 -30.57
CA LEU A 348 -34.15 -26.35 -29.51
C LEU A 348 -33.97 -24.89 -29.88
N VAL A 349 -34.97 -24.10 -29.52
CA VAL A 349 -34.93 -22.68 -29.78
C VAL A 349 -35.22 -21.90 -28.49
N PRO A 350 -34.20 -21.25 -27.91
CA PRO A 350 -34.21 -20.45 -26.70
C PRO A 350 -34.90 -19.10 -26.89
N GLY A 351 -35.19 -18.44 -25.77
CA GLY A 351 -35.84 -17.13 -25.80
C GLY A 351 -34.83 -15.99 -26.04
N GLY A 352 -35.28 -14.75 -25.86
CA GLY A 352 -34.41 -13.60 -26.04
C GLY A 352 -35.13 -12.42 -26.71
N PHE A 353 -34.38 -11.36 -27.00
CA PHE A 353 -34.93 -10.17 -27.64
C PHE A 353 -34.08 -9.75 -28.86
N GLY A 354 -34.74 -9.17 -29.85
CA GLY A 354 -34.07 -8.71 -31.09
C GLY A 354 -34.45 -9.60 -32.29
N TYR A 355 -34.59 -8.97 -33.46
CA TYR A 355 -34.95 -9.74 -34.65
C TYR A 355 -33.77 -10.52 -35.17
N ARG A 356 -32.76 -9.82 -35.70
CA ARG A 356 -31.58 -10.51 -36.20
C ARG A 356 -31.99 -11.69 -37.10
N GLY A 357 -31.64 -12.91 -36.68
CA GLY A 357 -31.93 -14.09 -37.49
C GLY A 357 -33.30 -14.77 -37.23
N VAL A 358 -34.28 -14.06 -36.65
CA VAL A 358 -35.61 -14.63 -36.42
C VAL A 358 -36.25 -15.32 -37.61
N GLU A 359 -36.03 -14.85 -38.82
CA GLU A 359 -36.65 -15.54 -39.93
C GLU A 359 -36.02 -16.93 -40.07
N GLY A 360 -34.72 -17.01 -39.84
CA GLY A 360 -33.99 -18.27 -39.83
C GLY A 360 -34.51 -19.16 -38.71
N MET A 361 -34.86 -18.54 -37.58
CA MET A 361 -35.41 -19.27 -36.45
C MET A 361 -36.73 -19.93 -36.88
N ILE A 362 -37.53 -19.18 -37.64
CA ILE A 362 -38.79 -19.68 -38.16
C ILE A 362 -38.55 -20.83 -39.10
N THR A 363 -37.55 -20.68 -39.98
CA THR A 363 -37.15 -21.72 -40.90
C THR A 363 -36.81 -23.00 -40.16
N THR A 364 -36.08 -22.85 -39.06
CA THR A 364 -35.72 -23.97 -38.22
C THR A 364 -36.93 -24.63 -37.58
N ALA A 365 -37.85 -23.80 -37.06
CA ALA A 365 -39.06 -24.31 -36.44
C ALA A 365 -39.82 -25.15 -37.44
N ARG A 366 -39.93 -24.62 -38.66
CA ARG A 366 -40.57 -25.29 -39.77
C ARG A 366 -39.90 -26.61 -40.04
N PHE A 367 -38.58 -26.58 -40.12
CA PHE A 367 -37.79 -27.77 -40.38
C PHE A 367 -38.07 -28.88 -39.37
N ALA A 368 -37.96 -28.55 -38.08
CA ALA A 368 -38.19 -29.53 -37.02
C ALA A 368 -39.63 -30.05 -37.04
N ARG A 369 -40.57 -29.14 -37.27
CA ARG A 369 -41.97 -29.51 -37.33
C ARG A 369 -42.24 -30.47 -38.47
N GLU A 370 -41.94 -30.04 -39.67
CA GLU A 370 -42.20 -30.80 -40.85
C GLU A 370 -41.40 -32.09 -40.94
N ASN A 371 -40.22 -32.12 -40.34
CA ASN A 371 -39.45 -33.36 -40.37
C ASN A 371 -39.57 -34.19 -39.10
N ASN A 372 -40.53 -33.87 -38.22
CA ASN A 372 -40.76 -34.66 -37.01
C ASN A 372 -39.53 -34.85 -36.13
N ILE A 373 -38.80 -33.78 -35.88
CA ILE A 373 -37.58 -33.87 -35.08
C ILE A 373 -37.74 -33.21 -33.70
N PRO A 374 -38.04 -33.99 -32.65
CA PRO A 374 -38.11 -33.52 -31.23
C PRO A 374 -37.80 -32.05 -31.03
N TYR A 375 -38.83 -31.22 -30.97
CA TYR A 375 -38.65 -29.78 -30.86
C TYR A 375 -39.06 -29.15 -29.53
N LEU A 376 -38.21 -28.28 -28.99
CA LEU A 376 -38.54 -27.53 -27.78
C LEU A 376 -38.32 -26.03 -27.95
N GLY A 377 -39.40 -25.26 -27.86
CA GLY A 377 -39.32 -23.80 -27.99
C GLY A 377 -39.65 -23.07 -26.70
N ILE A 378 -38.85 -22.05 -26.37
CA ILE A 378 -39.07 -21.28 -25.15
C ILE A 378 -39.16 -19.78 -25.41
N CYS A 379 -40.25 -19.16 -24.93
CA CYS A 379 -40.51 -17.73 -25.06
C CYS A 379 -40.46 -17.31 -26.52
N LEU A 380 -39.38 -16.64 -26.93
CA LEU A 380 -39.20 -16.24 -28.32
C LEU A 380 -39.31 -17.44 -29.25
N GLY A 381 -38.81 -18.59 -28.82
CA GLY A 381 -38.89 -19.80 -29.62
C GLY A 381 -40.35 -20.17 -29.87
N MET A 382 -41.20 -19.93 -28.86
CA MET A 382 -42.63 -20.16 -29.01
C MET A 382 -43.23 -19.21 -30.01
N GLN A 383 -42.84 -17.92 -29.91
CA GLN A 383 -43.32 -16.88 -30.81
C GLN A 383 -43.01 -17.26 -32.26
N VAL A 384 -41.78 -17.72 -32.45
CA VAL A 384 -41.28 -18.20 -33.72
C VAL A 384 -42.07 -19.38 -34.25
N ALA A 385 -42.27 -20.37 -33.39
CA ALA A 385 -43.01 -21.56 -33.76
C ALA A 385 -44.46 -21.21 -34.12
N LEU A 386 -45.03 -20.25 -33.39
CA LEU A 386 -46.38 -19.78 -33.64
C LEU A 386 -46.47 -19.25 -35.05
N ILE A 387 -45.51 -18.39 -35.43
CA ILE A 387 -45.46 -17.82 -36.76
C ILE A 387 -45.27 -18.89 -37.82
N ASP A 388 -44.34 -19.80 -37.58
CA ASP A 388 -44.12 -20.92 -38.48
C ASP A 388 -45.39 -21.65 -38.85
N TYR A 389 -46.05 -22.19 -37.84
CA TYR A 389 -47.26 -22.93 -38.05
C TYR A 389 -48.34 -22.08 -38.69
N ALA A 390 -48.54 -20.89 -38.15
CA ALA A 390 -49.56 -20.00 -38.64
C ALA A 390 -49.40 -19.69 -40.12
N ARG A 391 -48.21 -19.32 -40.52
CA ARG A 391 -47.95 -18.96 -41.90
C ARG A 391 -47.96 -20.14 -42.86
N HIS A 392 -47.41 -21.27 -42.44
CA HIS A 392 -47.28 -22.41 -43.34
C HIS A 392 -48.33 -23.49 -43.19
N VAL A 393 -49.23 -23.35 -42.22
CA VAL A 393 -50.30 -24.33 -42.08
C VAL A 393 -51.64 -23.64 -42.01
N ALA A 394 -51.74 -22.61 -41.18
CA ALA A 394 -52.99 -21.85 -41.09
C ALA A 394 -53.09 -20.81 -42.22
N ASN A 395 -52.05 -20.74 -43.08
CA ASN A 395 -52.00 -19.87 -44.25
C ASN A 395 -52.02 -18.40 -43.91
N MET A 396 -51.37 -18.05 -42.83
CA MET A 396 -51.34 -16.68 -42.40
C MET A 396 -50.08 -16.03 -42.91
N GLU A 397 -50.12 -15.69 -44.19
CA GLU A 397 -49.03 -15.05 -44.90
C GLU A 397 -48.47 -13.89 -44.11
N ASN A 398 -47.16 -13.91 -43.88
CA ASN A 398 -46.51 -12.91 -43.06
C ASN A 398 -46.99 -12.89 -41.63
N ALA A 399 -47.29 -14.06 -41.07
CA ALA A 399 -47.63 -14.10 -39.66
C ALA A 399 -46.48 -13.47 -38.92
N ASN A 400 -46.76 -12.58 -37.98
CA ASN A 400 -45.63 -11.94 -37.34
C ASN A 400 -45.97 -11.30 -36.01
N SER A 401 -44.99 -10.64 -35.41
CA SER A 401 -45.15 -9.92 -34.18
C SER A 401 -45.09 -8.43 -34.39
N THR A 402 -45.95 -7.71 -33.67
CA THR A 402 -46.02 -6.26 -33.76
C THR A 402 -44.79 -5.60 -33.19
N GLU A 403 -43.98 -6.36 -32.43
CA GLU A 403 -42.75 -5.84 -31.89
C GLU A 403 -41.73 -5.61 -33.00
N PHE A 404 -41.98 -6.18 -34.18
CA PHE A 404 -41.06 -6.00 -35.29
C PHE A 404 -41.74 -5.31 -36.45
N VAL A 405 -43.03 -5.59 -36.65
CA VAL A 405 -43.74 -4.99 -37.77
C VAL A 405 -45.05 -4.35 -37.32
N PRO A 406 -45.14 -3.01 -37.34
CA PRO A 406 -46.31 -2.19 -37.01
C PRO A 406 -47.59 -2.71 -37.64
N ASP A 407 -47.52 -3.07 -38.92
CA ASP A 407 -48.68 -3.65 -39.57
C ASP A 407 -48.32 -4.99 -40.14
N CYS A 408 -48.32 -5.99 -39.27
CA CYS A 408 -47.99 -7.35 -39.63
C CYS A 408 -48.96 -7.94 -40.63
N LYS A 409 -50.20 -7.45 -40.63
CA LYS A 409 -51.35 -7.98 -41.40
C LYS A 409 -51.90 -9.28 -40.78
N TYR A 410 -51.06 -10.07 -40.11
CA TYR A 410 -51.45 -11.27 -39.41
C TYR A 410 -50.65 -11.33 -38.10
N PRO A 411 -50.71 -10.25 -37.30
CA PRO A 411 -50.08 -10.11 -35.98
C PRO A 411 -50.38 -11.27 -35.05
N VAL A 412 -49.68 -12.40 -35.19
CA VAL A 412 -49.94 -13.51 -34.30
C VAL A 412 -49.47 -13.22 -32.88
N VAL A 413 -48.52 -12.28 -32.73
CA VAL A 413 -48.07 -11.85 -31.42
C VAL A 413 -48.19 -10.32 -31.30
N ALA A 414 -48.76 -9.86 -30.18
CA ALA A 414 -48.96 -8.43 -29.98
C ALA A 414 -49.25 -8.13 -28.52
N LEU A 415 -49.25 -6.86 -28.15
CA LEU A 415 -49.63 -6.53 -26.79
C LEU A 415 -51.11 -6.78 -26.69
N ILE A 416 -51.61 -7.09 -25.51
CA ILE A 416 -53.05 -7.37 -25.38
C ILE A 416 -53.87 -6.22 -25.91
N THR A 417 -53.48 -4.98 -25.59
CA THR A 417 -54.13 -3.80 -26.12
C THR A 417 -54.07 -3.77 -27.64
N GLU A 418 -52.93 -4.20 -28.18
CA GLU A 418 -52.68 -4.24 -29.63
C GLU A 418 -53.33 -5.41 -30.35
N TRP A 419 -54.01 -6.31 -29.64
CA TRP A 419 -54.61 -7.43 -30.34
C TRP A 419 -55.57 -7.00 -31.39
N ARG A 420 -55.39 -7.55 -32.58
CA ARG A 420 -56.25 -7.24 -33.69
C ARG A 420 -56.23 -8.32 -34.75
N ASP A 421 -57.21 -8.29 -35.63
CA ASP A 421 -57.24 -9.26 -36.70
C ASP A 421 -56.60 -8.68 -37.95
N GLU A 422 -56.61 -9.47 -39.03
CA GLU A 422 -56.04 -9.06 -40.30
C GLU A 422 -56.81 -7.94 -41.00
N ASN A 423 -58.00 -7.61 -40.51
CA ASN A 423 -58.82 -6.55 -41.06
C ASN A 423 -58.70 -5.27 -40.25
N GLY A 424 -57.81 -5.27 -39.25
CA GLY A 424 -57.60 -4.08 -38.43
C GLY A 424 -58.59 -3.94 -37.27
N ASN A 425 -59.44 -4.94 -37.05
CA ASN A 425 -60.38 -4.85 -35.94
C ASN A 425 -59.61 -5.22 -34.69
N VAL A 426 -59.87 -4.54 -33.58
CA VAL A 426 -59.05 -4.79 -32.40
C VAL A 426 -59.83 -5.49 -31.28
N GLU A 427 -59.20 -5.57 -30.12
CA GLU A 427 -59.69 -6.22 -28.89
C GLU A 427 -59.35 -7.70 -28.90
N THR A 438 -47.55 -4.34 -18.68
CA THR A 438 -46.17 -4.15 -19.09
C THR A 438 -45.53 -5.49 -19.39
N MET A 439 -44.61 -5.91 -18.52
CA MET A 439 -43.94 -7.19 -18.68
C MET A 439 -44.37 -8.19 -17.64
N ARG A 440 -44.69 -9.39 -18.09
CA ARG A 440 -45.04 -10.46 -17.19
C ARG A 440 -43.78 -10.98 -16.57
N LEU A 441 -43.71 -10.90 -15.25
CA LEU A 441 -42.54 -11.30 -14.51
C LEU A 441 -42.81 -12.21 -13.35
N GLY A 442 -41.85 -13.11 -13.13
CA GLY A 442 -41.85 -13.96 -11.95
C GLY A 442 -42.70 -15.19 -12.10
N ALA A 443 -42.80 -15.94 -11.01
CA ALA A 443 -43.54 -17.17 -11.01
C ALA A 443 -45.03 -16.90 -11.05
N GLN A 444 -45.71 -17.49 -12.04
CA GLN A 444 -47.14 -17.29 -12.21
C GLN A 444 -47.85 -18.61 -12.45
N GLN A 445 -49.09 -18.72 -11.96
CA GLN A 445 -49.85 -19.95 -12.12
C GLN A 445 -50.43 -20.09 -13.51
N CYS A 446 -50.24 -21.26 -14.09
CA CYS A 446 -50.74 -21.58 -15.41
C CYS A 446 -51.73 -22.73 -15.31
N GLN A 447 -52.78 -22.68 -16.13
CA GLN A 447 -53.77 -23.73 -16.16
C GLN A 447 -53.46 -24.73 -17.24
N LEU A 448 -53.16 -25.96 -16.87
CA LEU A 448 -52.85 -26.92 -17.90
C LEU A 448 -54.09 -27.65 -18.34
N VAL A 449 -54.13 -27.99 -19.61
CA VAL A 449 -55.23 -28.77 -20.14
C VAL A 449 -55.00 -30.20 -19.75
N ASP A 450 -55.96 -30.77 -19.03
CA ASP A 450 -55.86 -32.13 -18.53
C ASP A 450 -55.52 -33.17 -19.59
N ASP A 451 -55.95 -32.94 -20.82
CA ASP A 451 -55.69 -33.85 -21.90
C ASP A 451 -54.35 -33.61 -22.63
N SER A 452 -53.56 -32.64 -22.16
CA SER A 452 -52.28 -32.36 -22.81
C SER A 452 -51.17 -33.22 -22.27
N LEU A 453 -50.11 -33.32 -23.07
CA LEU A 453 -48.94 -34.06 -22.66
C LEU A 453 -48.29 -33.43 -21.45
N VAL A 454 -48.06 -32.13 -21.51
CA VAL A 454 -47.40 -31.44 -20.41
C VAL A 454 -48.16 -31.47 -19.10
N ARG A 455 -49.48 -31.55 -19.15
CA ARG A 455 -50.23 -31.69 -17.92
C ARG A 455 -49.84 -32.98 -17.25
N GLN A 456 -49.74 -34.02 -18.08
CA GLN A 456 -49.34 -35.31 -17.59
C GLN A 456 -47.86 -35.39 -17.27
N LEU A 457 -47.02 -34.62 -17.97
CA LEU A 457 -45.60 -34.61 -17.64
C LEU A 457 -45.39 -34.04 -16.25
N TYR A 458 -46.14 -32.99 -15.94
CA TYR A 458 -46.11 -32.37 -14.62
C TYR A 458 -46.93 -33.14 -13.60
N ASN A 459 -47.93 -33.88 -14.07
CA ASN A 459 -48.83 -34.65 -13.22
C ASN A 459 -49.65 -33.72 -12.36
N ALA A 460 -50.10 -32.61 -12.94
CA ALA A 460 -50.87 -31.67 -12.15
C ALA A 460 -51.74 -30.78 -13.03
N PRO A 461 -52.97 -30.49 -12.60
CA PRO A 461 -53.96 -29.61 -13.21
C PRO A 461 -53.38 -28.25 -13.56
N THR A 462 -52.62 -27.70 -12.63
CA THR A 462 -51.99 -26.41 -12.83
C THR A 462 -50.56 -26.46 -12.40
N ILE A 463 -49.79 -25.48 -12.83
CA ILE A 463 -48.39 -25.35 -12.48
C ILE A 463 -48.03 -23.91 -12.22
N VAL A 464 -46.88 -23.68 -11.63
CA VAL A 464 -46.40 -22.32 -11.44
C VAL A 464 -45.01 -22.19 -12.04
N GLU A 465 -44.86 -21.27 -12.99
CA GLU A 465 -43.59 -21.11 -13.72
C GLU A 465 -43.25 -19.64 -13.94
N ARG A 466 -41.96 -19.35 -14.11
CA ARG A 466 -41.50 -17.96 -14.22
C ARG A 466 -41.65 -17.33 -15.60
N HIS A 467 -41.94 -16.03 -15.63
CA HIS A 467 -42.09 -15.31 -16.89
C HIS A 467 -41.19 -14.07 -17.00
N ARG A 468 -41.00 -13.62 -18.24
CA ARG A 468 -40.25 -12.39 -18.55
C ARG A 468 -40.54 -11.88 -19.96
N HIS A 469 -41.77 -11.44 -20.21
CA HIS A 469 -42.10 -10.93 -21.55
C HIS A 469 -43.30 -10.00 -21.58
N ARG A 470 -43.35 -9.15 -22.59
CA ARG A 470 -44.40 -8.13 -22.70
C ARG A 470 -45.49 -8.46 -23.70
N TYR A 471 -45.13 -9.20 -24.73
CA TYR A 471 -46.07 -9.49 -25.81
C TYR A 471 -46.76 -10.83 -25.60
N GLU A 472 -47.99 -10.93 -26.12
CA GLU A 472 -48.81 -12.12 -25.96
C GLU A 472 -49.38 -12.68 -27.24
N VAL A 473 -49.86 -13.91 -27.16
CA VAL A 473 -50.47 -14.54 -28.32
C VAL A 473 -51.78 -13.81 -28.63
N ASN A 474 -51.88 -13.34 -29.85
CA ASN A 474 -53.02 -12.58 -30.26
C ASN A 474 -54.22 -13.45 -30.49
N ASN A 475 -55.05 -13.55 -29.48
CA ASN A 475 -56.26 -14.35 -29.54
C ASN A 475 -57.22 -14.00 -30.67
N MET A 476 -57.12 -12.80 -31.25
CA MET A 476 -57.97 -12.42 -32.37
C MET A 476 -57.77 -13.39 -33.55
N LEU A 477 -56.55 -13.88 -33.70
CA LEU A 477 -56.20 -14.78 -34.79
C LEU A 477 -55.87 -16.17 -34.30
N LEU A 478 -56.07 -16.43 -33.01
CA LEU A 478 -55.74 -17.73 -32.45
C LEU A 478 -56.58 -18.80 -33.03
N LYS A 479 -57.88 -18.56 -33.06
CA LYS A 479 -58.80 -19.53 -33.61
C LYS A 479 -58.42 -19.99 -35.00
N GLN A 480 -57.79 -19.13 -35.79
CA GLN A 480 -57.30 -19.53 -37.10
C GLN A 480 -56.23 -20.60 -36.98
N ILE A 481 -55.27 -20.32 -36.11
CA ILE A 481 -54.14 -21.18 -35.85
C ILE A 481 -54.49 -22.49 -35.18
N GLU A 482 -55.25 -22.38 -34.10
CA GLU A 482 -55.66 -23.53 -33.31
C GLU A 482 -56.59 -24.44 -34.11
N ASP A 483 -57.60 -23.86 -34.77
CA ASP A 483 -58.52 -24.67 -35.57
C ASP A 483 -57.84 -25.33 -36.75
N ALA A 484 -56.77 -24.72 -37.28
CA ALA A 484 -56.01 -25.33 -38.36
C ALA A 484 -55.40 -26.69 -37.96
N GLY A 485 -55.31 -26.98 -36.66
CA GLY A 485 -54.80 -28.25 -36.18
C GLY A 485 -53.59 -28.05 -35.29
N LEU A 486 -53.79 -27.38 -34.16
CA LEU A 486 -52.70 -27.16 -33.24
C LEU A 486 -53.24 -27.19 -31.81
N ARG A 487 -52.53 -27.87 -30.91
CA ARG A 487 -53.05 -28.02 -29.57
C ARG A 487 -52.59 -26.98 -28.58
N VAL A 488 -53.52 -26.31 -27.92
CA VAL A 488 -53.11 -25.45 -26.83
C VAL A 488 -53.12 -26.31 -25.59
N ALA A 489 -51.93 -26.60 -25.11
CA ALA A 489 -51.75 -27.47 -23.97
C ALA A 489 -51.95 -26.76 -22.64
N GLY A 490 -51.88 -25.44 -22.64
CA GLY A 490 -52.14 -24.71 -21.41
C GLY A 490 -52.41 -23.25 -21.68
N ARG A 491 -53.12 -22.64 -20.73
CA ARG A 491 -53.52 -21.25 -20.79
C ARG A 491 -53.19 -20.64 -19.43
N SER A 492 -53.36 -19.34 -19.25
CA SER A 492 -52.91 -18.76 -17.98
C SER A 492 -53.99 -18.57 -16.91
N GLY A 493 -54.42 -17.33 -16.72
CA GLY A 493 -55.35 -17.01 -15.65
C GLY A 493 -56.54 -16.23 -16.13
N ASP A 494 -56.68 -15.00 -15.63
CA ASP A 494 -57.80 -14.11 -15.92
C ASP A 494 -58.25 -14.10 -17.38
N ASP A 495 -57.32 -13.89 -18.29
CA ASP A 495 -57.63 -13.84 -19.70
C ASP A 495 -57.26 -15.11 -20.45
N GLN A 496 -56.93 -16.18 -19.72
CA GLN A 496 -56.52 -17.46 -20.31
C GLN A 496 -55.59 -17.28 -21.48
N LEU A 497 -54.45 -16.68 -21.21
CA LEU A 497 -53.49 -16.39 -22.25
C LEU A 497 -52.80 -17.68 -22.60
N VAL A 498 -52.43 -17.84 -23.87
CA VAL A 498 -51.82 -19.11 -24.26
C VAL A 498 -50.45 -19.29 -23.63
N GLU A 499 -50.29 -20.38 -22.91
CA GLU A 499 -49.04 -20.67 -22.24
C GLU A 499 -48.26 -21.78 -22.92
N ILE A 500 -48.93 -22.86 -23.28
CA ILE A 500 -48.22 -23.98 -23.89
C ILE A 500 -48.92 -24.53 -25.12
N ILE A 501 -48.13 -24.79 -26.17
CA ILE A 501 -48.63 -25.39 -27.40
C ILE A 501 -47.92 -26.69 -27.80
N GLU A 502 -48.71 -27.67 -28.26
CA GLU A 502 -48.23 -28.97 -28.70
C GLU A 502 -48.68 -29.27 -30.14
N VAL A 503 -47.85 -29.95 -30.92
CA VAL A 503 -48.26 -30.32 -32.28
C VAL A 503 -48.90 -31.70 -32.34
N PRO A 504 -50.21 -31.79 -32.65
CA PRO A 504 -51.06 -32.98 -32.75
C PRO A 504 -50.38 -34.25 -33.22
N ASN A 505 -49.59 -34.18 -34.29
CA ASN A 505 -48.99 -35.39 -34.83
C ASN A 505 -47.49 -35.40 -34.84
N HIS A 506 -46.89 -34.46 -34.14
CA HIS A 506 -45.44 -34.45 -34.08
C HIS A 506 -45.04 -35.32 -32.91
N PRO A 507 -44.02 -36.18 -33.07
CA PRO A 507 -43.50 -37.08 -32.06
C PRO A 507 -43.26 -36.38 -30.73
N TRP A 508 -42.70 -35.17 -30.77
CA TRP A 508 -42.51 -34.43 -29.54
C TRP A 508 -42.22 -32.97 -29.88
N PHE A 509 -43.24 -32.15 -29.99
CA PHE A 509 -43.05 -30.74 -30.32
C PHE A 509 -43.84 -29.89 -29.38
N VAL A 510 -43.15 -29.17 -28.52
CA VAL A 510 -43.85 -28.33 -27.58
C VAL A 510 -43.22 -26.94 -27.54
N ALA A 511 -43.98 -25.97 -27.08
CA ALA A 511 -43.42 -24.63 -26.91
C ALA A 511 -44.16 -23.88 -25.80
N CYS A 512 -43.44 -23.03 -25.05
CA CYS A 512 -44.12 -22.31 -23.96
C CYS A 512 -43.63 -20.87 -23.70
N GLN A 513 -44.50 -20.10 -23.02
CA GLN A 513 -44.24 -18.70 -22.65
C GLN A 513 -43.33 -18.53 -21.44
N PHE A 514 -43.43 -19.46 -20.51
CA PHE A 514 -42.64 -19.41 -19.29
C PHE A 514 -41.21 -19.91 -19.46
N HIS A 515 -40.44 -19.73 -18.39
CA HIS A 515 -39.03 -20.07 -18.34
C HIS A 515 -38.71 -21.18 -17.36
N PRO A 516 -38.96 -22.44 -17.75
CA PRO A 516 -38.76 -23.65 -16.96
C PRO A 516 -37.31 -23.84 -16.50
N GLU A 517 -36.38 -23.22 -17.23
CA GLU A 517 -34.96 -23.28 -16.94
C GLU A 517 -34.57 -22.58 -15.65
N PHE A 518 -35.48 -21.83 -15.04
CA PHE A 518 -35.19 -21.20 -13.78
C PHE A 518 -35.73 -22.01 -12.62
N THR A 519 -36.36 -23.14 -12.91
CA THR A 519 -36.92 -23.96 -11.85
C THR A 519 -36.20 -25.30 -11.79
N SER A 520 -35.64 -25.71 -12.91
CA SER A 520 -34.91 -26.96 -12.96
C SER A 520 -33.72 -27.02 -12.01
N THR A 521 -33.55 -28.17 -11.37
CA THR A 521 -32.43 -28.35 -10.45
C THR A 521 -31.74 -29.66 -10.82
N PRO A 522 -30.52 -29.87 -10.37
CA PRO A 522 -29.71 -31.07 -10.59
C PRO A 522 -30.21 -32.25 -9.80
N ARG A 523 -30.93 -31.97 -8.73
CA ARG A 523 -31.44 -33.03 -7.88
C ARG A 523 -32.88 -33.40 -8.22
N ASP A 524 -33.68 -32.43 -8.68
CA ASP A 524 -35.07 -32.69 -9.00
C ASP A 524 -35.29 -32.87 -10.50
N GLY A 525 -34.48 -32.21 -11.32
CA GLY A 525 -34.62 -32.26 -12.76
C GLY A 525 -35.73 -31.32 -13.19
N HIS A 526 -36.51 -31.74 -14.17
CA HIS A 526 -37.65 -30.97 -14.66
C HIS A 526 -38.34 -31.70 -15.83
N PRO A 527 -39.54 -32.25 -15.60
CA PRO A 527 -40.38 -33.00 -16.54
C PRO A 527 -40.24 -32.63 -18.02
N LEU A 528 -40.18 -31.34 -18.32
CA LEU A 528 -40.15 -30.87 -19.68
C LEU A 528 -38.88 -31.27 -20.39
N PHE A 529 -37.77 -31.05 -19.73
CA PHE A 529 -36.48 -31.31 -20.31
C PHE A 529 -36.22 -32.78 -20.30
N ALA A 530 -36.80 -33.46 -19.32
CA ALA A 530 -36.69 -34.90 -19.27
C ALA A 530 -37.36 -35.48 -20.51
N GLY A 531 -38.57 -34.99 -20.81
CA GLY A 531 -39.31 -35.45 -21.97
C GLY A 531 -38.61 -35.09 -23.28
N PHE A 532 -38.07 -33.87 -23.35
CA PHE A 532 -37.39 -33.39 -24.54
C PHE A 532 -36.17 -34.21 -24.88
N VAL A 533 -35.31 -34.37 -23.90
CA VAL A 533 -34.09 -35.11 -24.11
C VAL A 533 -34.42 -36.57 -24.39
N LYS A 534 -35.42 -37.11 -23.69
CA LYS A 534 -35.85 -38.47 -23.92
C LYS A 534 -36.31 -38.63 -25.36
N ALA A 535 -37.09 -37.67 -25.84
CA ALA A 535 -37.58 -37.68 -27.19
C ALA A 535 -36.44 -37.66 -28.16
N ALA A 536 -35.39 -36.90 -27.85
CA ALA A 536 -34.21 -36.84 -28.69
C ALA A 536 -33.64 -38.23 -28.86
N SER A 537 -33.53 -38.95 -27.75
CA SER A 537 -33.02 -40.31 -27.77
C SER A 537 -33.90 -41.23 -28.57
N GLU A 538 -35.21 -41.11 -28.36
CA GLU A 538 -36.18 -41.94 -29.04
C GLU A 538 -36.10 -41.74 -30.54
N PHE A 539 -36.01 -40.49 -30.94
CA PHE A 539 -35.86 -40.11 -32.32
C PHE A 539 -34.56 -40.63 -32.89
N GLN A 540 -33.48 -40.47 -32.13
CA GLN A 540 -32.18 -40.97 -32.54
C GLN A 540 -32.26 -42.45 -32.89
N LYS A 541 -32.90 -43.23 -32.02
CA LYS A 541 -33.05 -44.65 -32.23
C LYS A 541 -34.02 -44.93 -33.37
N ARG A 542 -35.06 -44.10 -33.47
CA ARG A 542 -36.04 -44.17 -34.55
C ARG A 542 -35.35 -44.04 -35.90
N GLN A 543 -34.38 -43.15 -35.98
CA GLN A 543 -33.60 -42.91 -37.18
C GLN A 543 -32.39 -43.84 -37.32
N ALA A 544 -32.30 -44.87 -36.49
CA ALA A 544 -31.18 -45.79 -36.53
C ALA A 544 -31.69 -47.21 -36.49
N MET B 1 -3.42 27.87 -29.41
CA MET B 1 -3.49 27.95 -27.96
C MET B 1 -3.96 26.65 -27.33
N THR B 2 -3.11 26.08 -26.48
CA THR B 2 -3.46 24.84 -25.80
C THR B 2 -3.56 25.06 -24.30
N THR B 3 -4.66 24.58 -23.73
CA THR B 3 -4.90 24.72 -22.31
C THR B 3 -3.97 23.86 -21.47
N ASN B 4 -3.42 24.48 -20.44
CA ASN B 4 -2.53 23.82 -19.48
C ASN B 4 -3.29 23.60 -18.18
N TYR B 5 -3.02 22.49 -17.50
CA TYR B 5 -3.73 22.19 -16.28
C TYR B 5 -2.82 21.94 -15.10
N ILE B 6 -3.26 22.35 -13.93
CA ILE B 6 -2.52 22.05 -12.72
C ILE B 6 -3.49 21.48 -11.71
N PHE B 7 -3.18 20.31 -11.22
CA PHE B 7 -4.06 19.68 -10.27
C PHE B 7 -3.56 19.89 -8.87
N VAL B 8 -4.48 20.18 -7.96
CA VAL B 8 -4.12 20.42 -6.57
C VAL B 8 -4.77 19.43 -5.64
N THR B 9 -3.94 18.69 -4.93
CA THR B 9 -4.40 17.72 -3.95
C THR B 9 -3.75 17.99 -2.62
N GLY B 10 -4.27 17.36 -1.58
CA GLY B 10 -3.72 17.50 -0.24
C GLY B 10 -3.83 16.20 0.53
N GLY B 11 -2.83 15.92 1.36
CA GLY B 11 -2.80 14.70 2.13
C GLY B 11 -2.47 14.98 3.58
N VAL B 12 -2.21 13.93 4.33
CA VAL B 12 -1.87 14.05 5.74
C VAL B 12 -3.16 14.45 6.46
N VAL B 13 -3.37 15.74 6.66
CA VAL B 13 -4.59 16.21 7.31
C VAL B 13 -5.31 17.21 6.44
N SER B 14 -6.59 17.39 6.74
CA SER B 14 -7.42 18.37 6.05
C SER B 14 -7.24 19.72 6.71
N SER B 15 -7.93 20.71 6.18
CA SER B 15 -7.91 22.08 6.72
C SER B 15 -6.58 22.77 6.46
N LEU B 16 -5.97 22.48 5.32
CA LEU B 16 -4.70 23.10 4.99
C LEU B 16 -4.89 24.35 4.14
N GLY B 17 -6.06 24.51 3.53
CA GLY B 17 -6.32 25.68 2.71
C GLY B 17 -5.94 25.44 1.27
N LYS B 18 -6.42 24.32 0.71
CA LYS B 18 -6.15 23.98 -0.68
C LYS B 18 -6.71 25.04 -1.60
N GLY B 19 -7.94 25.47 -1.32
CA GLY B 19 -8.60 26.47 -2.14
C GLY B 19 -7.88 27.80 -2.08
N ILE B 20 -7.41 28.15 -0.88
CA ILE B 20 -6.69 29.39 -0.66
C ILE B 20 -5.40 29.41 -1.44
N ALA B 21 -4.64 28.33 -1.35
CA ALA B 21 -3.38 28.21 -2.04
C ALA B 21 -3.57 28.32 -3.54
N ALA B 22 -4.57 27.60 -4.06
CA ALA B 22 -4.85 27.61 -5.47
C ALA B 22 -5.26 28.99 -5.95
N ALA B 23 -6.11 29.65 -5.17
CA ALA B 23 -6.57 30.97 -5.52
C ALA B 23 -5.43 31.96 -5.55
N SER B 24 -4.51 31.87 -4.58
CA SER B 24 -3.36 32.74 -4.51
C SER B 24 -2.49 32.56 -5.75
N LEU B 25 -2.31 31.31 -6.16
CA LEU B 25 -1.56 31.02 -7.37
C LEU B 25 -2.22 31.65 -8.57
N ALA B 26 -3.53 31.44 -8.69
CA ALA B 26 -4.29 31.98 -9.81
C ALA B 26 -4.13 33.48 -9.89
N ALA B 27 -4.14 34.15 -8.74
CA ALA B 27 -3.96 35.60 -8.71
C ALA B 27 -2.65 35.98 -9.36
N ILE B 28 -1.60 35.22 -9.06
CA ILE B 28 -0.31 35.46 -9.65
C ILE B 28 -0.33 35.23 -11.13
N LEU B 29 -0.95 34.14 -11.56
CA LEU B 29 -1.00 33.81 -12.96
C LEU B 29 -1.75 34.89 -13.74
N GLU B 30 -2.79 35.44 -13.12
CA GLU B 30 -3.50 36.60 -13.65
C GLU B 30 -2.52 37.76 -13.76
N ALA B 31 -1.76 37.99 -12.70
CA ALA B 31 -0.76 39.04 -12.64
C ALA B 31 0.36 38.83 -13.68
N ARG B 32 0.55 37.59 -14.15
CA ARG B 32 1.54 37.29 -15.21
C ARG B 32 0.91 37.48 -16.60
N GLY B 33 -0.35 37.93 -16.66
CA GLY B 33 -1.03 38.15 -17.92
C GLY B 33 -1.60 36.88 -18.53
N LEU B 34 -1.84 35.86 -17.73
CA LEU B 34 -2.32 34.60 -18.27
C LEU B 34 -3.81 34.37 -18.05
N ASN B 35 -4.48 33.79 -19.05
CA ASN B 35 -5.89 33.46 -18.92
C ASN B 35 -6.05 32.26 -18.00
N VAL B 36 -6.09 32.53 -16.71
CA VAL B 36 -6.22 31.47 -15.74
C VAL B 36 -7.61 31.40 -15.15
N THR B 37 -8.08 30.16 -14.97
CA THR B 37 -9.36 29.90 -14.35
C THR B 37 -9.21 28.80 -13.33
N ILE B 38 -10.32 28.41 -12.73
CA ILE B 38 -10.27 27.45 -11.66
C ILE B 38 -11.58 26.74 -11.40
N MET B 39 -11.47 25.45 -11.09
CA MET B 39 -12.62 24.61 -10.78
C MET B 39 -12.35 23.78 -9.55
N LYS B 40 -13.43 23.37 -8.88
CA LYS B 40 -13.30 22.53 -7.70
C LYS B 40 -14.19 21.30 -7.79
N LEU B 41 -13.60 20.13 -7.52
CA LEU B 41 -14.36 18.90 -7.52
C LEU B 41 -14.61 18.45 -6.11
N ASP B 42 -15.84 18.08 -5.82
CA ASP B 42 -16.20 17.68 -4.48
C ASP B 42 -16.49 16.19 -4.38
N PRO B 43 -16.18 15.59 -3.24
CA PRO B 43 -16.34 14.19 -2.88
C PRO B 43 -17.65 13.94 -2.17
N TYR B 44 -18.63 14.80 -2.41
CA TYR B 44 -19.86 14.68 -1.68
C TYR B 44 -20.93 14.01 -2.49
N ILE B 45 -21.81 13.30 -1.77
CA ILE B 45 -22.92 12.61 -2.38
C ILE B 45 -24.05 13.57 -2.61
N ASN B 46 -24.08 14.65 -1.83
CA ASN B 46 -25.12 15.62 -2.04
C ASN B 46 -25.00 16.14 -3.45
N VAL B 47 -26.10 16.20 -4.16
CA VAL B 47 -26.05 16.70 -5.52
C VAL B 47 -25.88 18.20 -5.50
N ASP B 48 -26.73 18.87 -4.74
CA ASP B 48 -26.63 20.30 -4.57
C ASP B 48 -26.44 20.69 -3.10
N PRO B 49 -25.66 21.73 -2.82
CA PRO B 49 -25.34 22.29 -1.50
C PRO B 49 -26.56 22.88 -0.84
N GLY B 50 -27.61 23.13 -1.62
CA GLY B 50 -28.88 23.65 -1.12
C GLY B 50 -29.60 22.65 -0.23
N THR B 51 -29.19 21.37 -0.28
CA THR B 51 -29.78 20.37 0.57
C THR B 51 -29.06 20.27 1.91
N MET B 52 -28.04 21.12 2.11
CA MET B 52 -27.28 21.11 3.36
C MET B 52 -27.35 22.42 4.09
N SER B 53 -27.18 22.34 5.39
CA SER B 53 -27.20 23.50 6.25
C SER B 53 -25.88 24.25 6.18
N PRO B 54 -25.88 25.52 6.59
CA PRO B 54 -24.74 26.40 6.68
C PRO B 54 -23.91 26.03 7.89
N ILE B 55 -24.52 25.39 8.86
CA ILE B 55 -23.71 24.93 9.97
C ILE B 55 -22.88 23.74 9.53
N GLN B 56 -23.41 22.95 8.59
CA GLN B 56 -22.69 21.81 8.06
C GLN B 56 -21.44 22.18 7.24
N HIS B 57 -21.58 23.12 6.30
CA HIS B 57 -20.42 23.51 5.48
C HIS B 57 -20.06 24.98 5.45
N GLY B 58 -20.82 25.81 6.12
CA GLY B 58 -20.59 27.24 6.04
C GLY B 58 -21.47 27.81 4.94
N GLU B 59 -21.29 29.09 4.65
CA GLU B 59 -22.08 29.75 3.63
C GLU B 59 -21.98 29.08 2.26
N VAL B 60 -23.11 29.04 1.57
CA VAL B 60 -23.18 28.48 0.24
C VAL B 60 -23.02 29.60 -0.75
N PHE B 61 -22.03 29.49 -1.63
CA PHE B 61 -21.74 30.55 -2.57
C PHE B 61 -22.76 30.67 -3.69
N VAL B 62 -23.14 31.91 -4.00
CA VAL B 62 -24.06 32.15 -5.08
C VAL B 62 -23.32 32.66 -6.28
N THR B 63 -23.38 31.93 -7.38
CA THR B 63 -22.72 32.34 -8.59
C THR B 63 -23.59 33.29 -9.37
N GLU B 64 -22.99 33.95 -10.35
CA GLU B 64 -23.68 34.91 -11.21
C GLU B 64 -24.89 34.29 -11.88
N ASP B 65 -24.71 33.06 -12.39
CA ASP B 65 -25.78 32.36 -13.10
C ASP B 65 -26.81 31.71 -12.17
N GLY B 66 -26.75 31.99 -10.87
CA GLY B 66 -27.74 31.49 -9.92
C GLY B 66 -27.39 30.15 -9.32
N ALA B 67 -26.31 29.52 -9.77
CA ALA B 67 -25.99 28.22 -9.22
C ALA B 67 -25.53 28.34 -7.77
N GLU B 68 -25.94 27.38 -6.96
CA GLU B 68 -25.50 27.33 -5.58
C GLU B 68 -24.28 26.46 -5.57
N THR B 69 -23.24 26.87 -4.85
CA THR B 69 -22.03 26.09 -4.87
C THR B 69 -21.16 26.20 -3.64
N ASP B 70 -19.99 25.60 -3.72
CA ASP B 70 -19.04 25.58 -2.61
C ASP B 70 -18.51 26.95 -2.29
N LEU B 71 -18.46 27.27 -1.00
CA LEU B 71 -17.91 28.51 -0.45
C LEU B 71 -16.62 28.99 -1.14
N ASP B 72 -15.73 28.04 -1.46
CA ASP B 72 -14.45 28.34 -2.08
C ASP B 72 -14.55 28.98 -3.45
N LEU B 73 -15.72 28.92 -4.07
CA LEU B 73 -15.90 29.56 -5.35
C LEU B 73 -15.91 31.06 -5.13
N GLY B 74 -16.38 31.49 -3.96
CA GLY B 74 -16.36 32.90 -3.58
C GLY B 74 -14.94 33.30 -3.29
N HIS B 75 -14.18 32.36 -2.73
CA HIS B 75 -12.78 32.61 -2.45
C HIS B 75 -12.03 32.82 -3.75
N TYR B 76 -12.44 32.10 -4.81
CA TYR B 76 -11.83 32.27 -6.11
C TYR B 76 -12.14 33.65 -6.66
N GLU B 77 -13.36 34.12 -6.43
CA GLU B 77 -13.78 35.45 -6.84
C GLU B 77 -12.97 36.53 -6.15
N ARG B 78 -12.46 36.23 -4.95
CA ARG B 78 -11.65 37.21 -4.23
C ARG B 78 -10.17 37.23 -4.62
N PHE B 79 -9.78 36.42 -5.61
CA PHE B 79 -8.42 36.47 -6.10
C PHE B 79 -8.31 36.77 -7.58
N ILE B 80 -9.26 36.32 -8.38
CA ILE B 80 -9.18 36.59 -9.81
C ILE B 80 -10.42 37.26 -10.35
N ARG B 81 -10.26 37.88 -11.51
CA ARG B 81 -11.31 38.63 -12.17
C ARG B 81 -12.22 37.82 -13.08
N THR B 82 -12.04 36.51 -13.13
CA THR B 82 -12.91 35.72 -13.99
C THR B 82 -14.17 35.40 -13.22
N LYS B 83 -15.17 34.89 -13.93
CA LYS B 83 -16.43 34.60 -13.27
C LYS B 83 -16.70 33.13 -13.12
N MET B 84 -17.02 32.73 -11.90
CA MET B 84 -17.39 31.35 -11.65
C MET B 84 -18.80 31.09 -12.13
N SER B 85 -19.03 29.86 -12.56
CA SER B 85 -20.32 29.44 -13.05
C SER B 85 -20.59 28.05 -12.56
N ARG B 86 -21.76 27.53 -12.88
CA ARG B 86 -22.08 26.13 -12.57
C ARG B 86 -21.03 25.12 -13.06
N ARG B 87 -20.25 25.49 -14.09
CA ARG B 87 -19.26 24.62 -14.66
C ARG B 87 -17.99 24.57 -13.85
N ASN B 88 -17.90 25.41 -12.83
CA ASN B 88 -16.73 25.49 -12.02
C ASN B 88 -16.80 24.67 -10.74
N ASN B 89 -17.87 23.91 -10.56
CA ASN B 89 -17.97 23.13 -9.33
C ASN B 89 -19.08 22.10 -9.35
N PHE B 90 -18.72 20.87 -9.04
CA PHE B 90 -19.71 19.80 -8.97
C PHE B 90 -19.29 18.67 -8.03
N THR B 91 -20.28 17.89 -7.60
CA THR B 91 -20.10 16.83 -6.62
C THR B 91 -20.15 15.43 -7.20
N THR B 92 -19.87 14.47 -6.33
CA THR B 92 -19.88 13.07 -6.70
C THR B 92 -21.30 12.63 -7.00
N GLY B 93 -22.22 13.04 -6.14
CA GLY B 93 -23.63 12.74 -6.32
C GLY B 93 -24.11 13.27 -7.64
N ARG B 94 -23.70 14.50 -7.98
CA ARG B 94 -24.07 15.10 -9.26
C ARG B 94 -23.70 14.19 -10.41
N ILE B 95 -22.48 13.67 -10.35
CA ILE B 95 -22.01 12.77 -11.39
C ILE B 95 -22.90 11.57 -11.53
N TYR B 96 -23.21 10.93 -10.41
CA TYR B 96 -24.02 9.73 -10.45
C TYR B 96 -25.40 10.01 -10.97
N SER B 97 -25.97 11.14 -10.59
CA SER B 97 -27.29 11.49 -11.06
C SER B 97 -27.31 11.51 -12.56
N ASP B 98 -26.33 12.20 -13.13
CA ASP B 98 -26.23 12.33 -14.56
C ASP B 98 -26.01 10.99 -15.24
N VAL B 99 -25.09 10.20 -14.72
CA VAL B 99 -24.78 8.91 -15.32
C VAL B 99 -25.92 7.94 -15.25
N LEU B 100 -26.58 7.88 -14.10
CA LEU B 100 -27.71 6.99 -13.94
C LEU B 100 -28.84 7.41 -14.83
N ARG B 101 -28.99 8.71 -15.07
CA ARG B 101 -30.02 9.17 -15.96
C ARG B 101 -29.70 8.73 -17.38
N LYS B 102 -28.41 8.80 -17.76
CA LYS B 102 -27.97 8.30 -19.06
C LYS B 102 -28.23 6.81 -19.18
N GLU B 103 -28.00 6.08 -18.10
CA GLU B 103 -28.33 4.67 -18.09
C GLU B 103 -29.76 4.46 -18.42
N ARG B 104 -30.62 5.18 -17.72
CA ARG B 104 -32.05 5.07 -17.86
C ARG B 104 -32.50 5.35 -19.28
N ARG B 105 -31.86 6.33 -19.92
CA ARG B 105 -32.18 6.69 -21.28
C ARG B 105 -31.53 5.80 -22.35
N GLY B 106 -30.78 4.78 -21.93
CA GLY B 106 -30.19 3.86 -22.89
C GLY B 106 -28.94 4.39 -23.56
N ASP B 107 -28.33 5.43 -22.99
CA ASP B 107 -27.15 6.05 -23.60
C ASP B 107 -25.91 5.17 -23.59
N TYR B 108 -25.93 4.08 -22.85
CA TYR B 108 -24.80 3.20 -22.83
C TYR B 108 -25.07 1.93 -23.64
N LEU B 109 -26.19 1.93 -24.38
CA LEU B 109 -26.54 0.88 -25.32
C LEU B 109 -26.45 -0.57 -24.83
N GLY B 110 -26.78 -0.82 -23.57
CA GLY B 110 -26.76 -2.19 -23.07
C GLY B 110 -25.43 -2.59 -22.41
N ALA B 111 -24.47 -1.67 -22.38
CA ALA B 111 -23.18 -1.92 -21.77
C ALA B 111 -23.23 -1.77 -20.25
N THR B 112 -22.22 -2.36 -19.61
CA THR B 112 -22.07 -2.29 -18.17
C THR B 112 -21.55 -0.93 -17.83
N VAL B 113 -22.19 -0.24 -16.90
CA VAL B 113 -21.66 1.03 -16.49
C VAL B 113 -20.73 0.74 -15.33
N GLN B 114 -19.47 1.07 -15.52
CA GLN B 114 -18.45 0.79 -14.53
C GLN B 114 -17.89 2.07 -13.97
N VAL B 115 -17.00 1.95 -13.00
CA VAL B 115 -16.31 3.12 -12.49
C VAL B 115 -15.33 3.53 -13.54
N ILE B 116 -14.62 2.53 -14.04
CA ILE B 116 -13.71 2.70 -15.14
C ILE B 116 -14.21 1.83 -16.28
N PRO B 117 -14.63 2.42 -17.39
CA PRO B 117 -14.72 3.82 -17.76
C PRO B 117 -16.07 4.32 -17.31
N HIS B 118 -16.67 5.26 -18.03
CA HIS B 118 -18.02 5.76 -17.78
C HIS B 118 -18.03 6.79 -16.67
N ILE B 119 -17.87 6.36 -15.42
CA ILE B 119 -17.90 7.34 -14.34
C ILE B 119 -16.74 8.30 -14.45
N THR B 120 -15.54 7.76 -14.69
CA THR B 120 -14.41 8.64 -14.85
C THR B 120 -14.50 9.44 -16.14
N ASN B 121 -15.21 8.92 -17.15
CA ASN B 121 -15.37 9.67 -18.38
C ASN B 121 -16.20 10.90 -18.15
N ALA B 122 -17.26 10.76 -17.36
CA ALA B 122 -18.11 11.88 -17.03
C ALA B 122 -17.29 12.99 -16.42
N ILE B 123 -16.39 12.61 -15.52
CA ILE B 123 -15.52 13.57 -14.87
C ILE B 123 -14.63 14.27 -15.86
N LYS B 124 -13.99 13.48 -16.73
CA LYS B 124 -13.06 14.02 -17.70
C LYS B 124 -13.72 15.03 -18.62
N GLU B 125 -14.95 14.73 -19.03
CA GLU B 125 -15.67 15.61 -19.92
C GLU B 125 -16.03 16.91 -19.24
N ARG B 126 -16.38 16.84 -17.96
CA ARG B 126 -16.70 18.06 -17.24
C ARG B 126 -15.49 18.94 -17.05
N VAL B 127 -14.33 18.34 -16.84
CA VAL B 127 -13.12 19.12 -16.69
C VAL B 127 -12.77 19.84 -17.98
N LEU B 128 -12.84 19.11 -19.08
CA LEU B 128 -12.53 19.71 -20.38
C LEU B 128 -13.50 20.82 -20.72
N GLU B 129 -14.76 20.65 -20.33
CA GLU B 129 -15.77 21.67 -20.53
C GLU B 129 -15.40 22.97 -19.85
N GLY B 130 -15.16 22.90 -18.55
CA GLY B 130 -14.86 24.10 -17.78
C GLY B 130 -13.54 24.76 -18.18
N GLY B 131 -12.54 23.97 -18.55
CA GLY B 131 -11.25 24.53 -18.93
C GLY B 131 -11.17 25.03 -20.37
N GLU B 132 -12.25 24.87 -21.14
CA GLU B 132 -12.22 25.27 -22.53
C GLU B 132 -11.98 26.76 -22.73
N GLY B 133 -10.98 27.08 -23.54
CA GLY B 133 -10.66 28.46 -23.87
C GLY B 133 -9.75 29.16 -22.88
N HIS B 134 -9.19 28.43 -21.92
CA HIS B 134 -8.32 29.08 -20.95
C HIS B 134 -6.87 28.65 -21.11
N ASP B 135 -5.96 29.52 -20.71
CA ASP B 135 -4.53 29.21 -20.80
C ASP B 135 -4.14 28.23 -19.72
N VAL B 136 -4.57 28.53 -18.50
CA VAL B 136 -4.26 27.69 -17.36
C VAL B 136 -5.50 27.40 -16.56
N VAL B 137 -5.69 26.13 -16.23
CA VAL B 137 -6.83 25.73 -15.44
C VAL B 137 -6.40 25.06 -14.17
N LEU B 138 -6.78 25.63 -13.04
CA LEU B 138 -6.46 24.97 -11.79
C LEU B 138 -7.62 24.10 -11.38
N VAL B 139 -7.32 22.90 -10.93
CA VAL B 139 -8.39 22.00 -10.50
C VAL B 139 -8.13 21.53 -9.09
N GLU B 140 -9.00 21.93 -8.17
CA GLU B 140 -8.87 21.50 -6.79
C GLU B 140 -9.60 20.23 -6.54
N ILE B 141 -8.90 19.24 -6.02
CA ILE B 141 -9.52 17.98 -5.70
C ILE B 141 -9.86 17.92 -4.23
N GLY B 142 -11.15 17.90 -3.93
CA GLY B 142 -11.61 17.79 -2.57
C GLY B 142 -11.34 16.41 -2.01
N GLY B 143 -11.39 16.30 -0.70
CA GLY B 143 -11.11 15.03 -0.05
C GLY B 143 -9.63 14.96 0.31
N THR B 144 -9.25 13.88 0.98
CA THR B 144 -7.86 13.70 1.40
C THR B 144 -7.26 12.49 0.72
N VAL B 145 -6.03 12.62 0.27
CA VAL B 145 -5.36 11.53 -0.43
C VAL B 145 -5.21 10.32 0.46
N GLY B 146 -5.63 9.18 -0.06
CA GLY B 146 -5.59 7.91 0.64
C GLY B 146 -6.99 7.49 1.06
N ASP B 147 -7.94 8.42 1.02
CA ASP B 147 -9.30 8.11 1.37
C ASP B 147 -10.11 7.73 0.14
N ILE B 148 -11.04 6.80 0.31
CA ILE B 148 -11.77 6.27 -0.83
C ILE B 148 -12.72 7.28 -1.44
N GLU B 149 -13.12 8.26 -0.63
CA GLU B 149 -14.01 9.33 -1.04
C GLU B 149 -13.65 10.07 -2.33
N SER B 150 -12.40 9.99 -2.81
CA SER B 150 -12.08 10.73 -4.02
C SER B 150 -11.18 9.99 -4.97
N LEU B 151 -11.06 8.67 -4.79
CA LEU B 151 -10.18 7.92 -5.66
C LEU B 151 -10.58 7.96 -7.14
N PRO B 152 -11.88 7.91 -7.49
CA PRO B 152 -12.41 8.03 -8.84
C PRO B 152 -11.95 9.28 -9.53
N PHE B 153 -11.86 10.38 -8.77
CA PHE B 153 -11.45 11.63 -9.34
C PHE B 153 -9.98 11.60 -9.64
N LEU B 154 -9.24 11.03 -8.71
CA LEU B 154 -7.80 10.92 -8.85
C LEU B 154 -7.46 10.06 -10.05
N GLU B 155 -8.27 9.04 -10.27
CA GLU B 155 -8.12 8.18 -11.41
C GLU B 155 -8.42 8.88 -12.71
N ALA B 156 -9.50 9.66 -12.74
CA ALA B 156 -9.84 10.39 -13.95
C ALA B 156 -8.71 11.32 -14.33
N ILE B 157 -8.09 11.94 -13.32
CA ILE B 157 -6.97 12.83 -13.56
C ILE B 157 -5.81 12.12 -14.18
N ARG B 158 -5.46 10.97 -13.60
CA ARG B 158 -4.35 10.19 -14.09
C ARG B 158 -4.55 9.91 -15.57
N GLN B 159 -5.76 9.49 -15.92
CA GLN B 159 -6.09 9.21 -17.30
C GLN B 159 -5.85 10.42 -18.18
N MET B 160 -6.36 11.58 -17.75
CA MET B 160 -6.18 12.80 -18.53
C MET B 160 -4.74 13.21 -18.64
N ALA B 161 -3.96 12.98 -17.60
CA ALA B 161 -2.56 13.33 -17.66
C ALA B 161 -1.90 12.58 -18.80
N VAL B 162 -2.26 11.32 -18.95
CA VAL B 162 -1.75 10.50 -20.04
C VAL B 162 -2.32 10.93 -21.38
N GLU B 163 -3.62 11.14 -21.44
CA GLU B 163 -4.32 11.53 -22.66
C GLU B 163 -3.84 12.85 -23.21
N ILE B 164 -3.70 13.82 -22.33
CA ILE B 164 -3.26 15.15 -22.69
C ILE B 164 -1.78 15.22 -22.96
N GLY B 165 -0.99 14.63 -22.06
CA GLY B 165 0.45 14.68 -22.16
C GLY B 165 0.98 15.49 -20.99
N ARG B 166 2.12 15.07 -20.45
CA ARG B 166 2.65 15.72 -19.25
C ARG B 166 3.16 17.12 -19.52
N GLU B 167 3.42 17.44 -20.78
CA GLU B 167 3.83 18.78 -21.15
C GLU B 167 2.74 19.82 -20.93
N HIS B 168 1.51 19.40 -20.66
CA HIS B 168 0.45 20.34 -20.39
C HIS B 168 -0.17 20.11 -19.02
N THR B 169 0.50 19.38 -18.13
CA THR B 169 -0.09 19.21 -16.82
C THR B 169 0.92 19.04 -15.70
N LEU B 170 0.58 19.62 -14.55
CA LEU B 170 1.43 19.53 -13.35
C LEU B 170 0.67 19.02 -12.13
N PHE B 171 1.40 18.32 -11.27
CA PHE B 171 0.80 17.82 -10.04
C PHE B 171 1.29 18.56 -8.80
N MET B 172 0.40 19.33 -8.22
CA MET B 172 0.71 20.07 -7.00
C MET B 172 0.09 19.38 -5.80
N HIS B 173 0.84 19.35 -4.71
CA HIS B 173 0.37 18.65 -3.53
C HIS B 173 0.72 19.30 -2.23
N LEU B 174 -0.31 19.53 -1.42
CA LEU B 174 -0.17 20.13 -0.11
C LEU B 174 0.00 19.10 0.97
N THR B 175 0.90 19.41 1.87
CA THR B 175 1.17 18.55 3.00
C THR B 175 1.28 19.36 4.26
N LEU B 176 1.56 18.66 5.34
CA LEU B 176 1.75 19.25 6.63
C LEU B 176 3.09 18.85 7.17
N VAL B 177 3.84 19.85 7.59
CA VAL B 177 5.12 19.65 8.21
C VAL B 177 4.98 20.21 9.61
N PRO B 178 4.33 19.46 10.49
CA PRO B 178 3.93 19.83 11.83
C PRO B 178 5.12 20.04 12.74
N TYR B 179 4.95 20.96 13.67
CA TYR B 179 5.97 21.25 14.64
C TYR B 179 5.76 20.47 15.90
N MET B 180 6.79 19.74 16.30
CA MET B 180 6.74 18.95 17.50
C MET B 180 7.58 19.56 18.59
N ALA B 181 6.93 20.38 19.41
CA ALA B 181 7.56 21.11 20.51
C ALA B 181 8.31 20.20 21.46
N ALA B 182 7.80 19.00 21.68
CA ALA B 182 8.47 18.03 22.54
C ALA B 182 9.87 17.71 22.04
N SER B 183 10.03 17.69 20.71
CA SER B 183 11.32 17.44 20.09
C SER B 183 12.00 18.75 19.78
N GLY B 184 11.21 19.82 19.70
CA GLY B 184 11.70 21.14 19.38
C GLY B 184 11.90 21.32 17.88
N GLU B 185 11.25 20.48 17.08
CA GLU B 185 11.45 20.59 15.63
C GLU B 185 10.28 20.05 14.84
N VAL B 186 10.24 20.41 13.56
CA VAL B 186 9.21 19.92 12.67
C VAL B 186 9.58 18.56 12.12
N LYS B 187 8.59 17.79 11.69
CA LYS B 187 8.84 16.46 11.14
C LYS B 187 8.43 16.36 9.68
N THR B 188 9.11 15.52 8.89
CA THR B 188 8.76 15.43 7.46
C THR B 188 8.23 14.06 7.06
N LYS B 189 8.15 13.13 8.00
CA LYS B 189 7.75 11.79 7.64
C LYS B 189 6.33 11.66 7.08
N PRO B 190 5.31 12.33 7.64
CA PRO B 190 3.94 12.35 7.15
C PRO B 190 3.90 12.72 5.68
N THR B 191 4.73 13.69 5.30
CA THR B 191 4.82 14.14 3.94
C THR B 191 5.33 13.07 3.03
N GLN B 192 6.37 12.41 3.48
CA GLN B 192 6.98 11.34 2.71
C GLN B 192 5.93 10.29 2.39
N HIS B 193 5.13 9.94 3.39
CA HIS B 193 4.11 8.95 3.18
C HIS B 193 2.99 9.41 2.27
N SER B 194 2.60 10.68 2.38
CA SER B 194 1.54 11.19 1.51
C SER B 194 1.91 11.05 0.06
N VAL B 195 3.15 11.40 -0.25
CA VAL B 195 3.64 11.27 -1.60
C VAL B 195 3.62 9.83 -2.05
N LYS B 196 4.07 8.92 -1.18
CA LYS B 196 4.03 7.51 -1.52
C LYS B 196 2.63 7.05 -1.87
N GLU B 197 1.64 7.60 -1.17
CA GLU B 197 0.27 7.23 -1.45
C GLU B 197 -0.16 7.70 -2.82
N LEU B 198 0.21 8.93 -3.19
CA LEU B 198 -0.10 9.37 -4.53
C LEU B 198 0.53 8.51 -5.58
N LEU B 199 1.76 8.12 -5.34
CA LEU B 199 2.44 7.29 -6.27
C LEU B 199 1.73 5.97 -6.45
N SER B 200 1.20 5.40 -5.38
CA SER B 200 0.52 4.11 -5.46
C SER B 200 -0.73 4.15 -6.31
N ILE B 201 -1.25 5.34 -6.62
CA ILE B 201 -2.43 5.45 -7.44
C ILE B 201 -2.08 6.06 -8.80
N GLY B 202 -0.81 5.98 -9.19
CA GLY B 202 -0.37 6.44 -10.51
C GLY B 202 -0.01 7.91 -10.61
N ILE B 203 0.18 8.60 -9.49
CA ILE B 203 0.51 10.02 -9.53
C ILE B 203 1.85 10.40 -8.93
N GLN B 204 2.71 10.98 -9.76
CA GLN B 204 4.01 11.51 -9.32
C GLN B 204 3.95 13.03 -9.24
N PRO B 205 4.04 13.60 -8.03
CA PRO B 205 4.03 15.02 -7.72
C PRO B 205 5.14 15.75 -8.41
N ASP B 206 4.85 16.97 -8.81
CA ASP B 206 5.83 17.83 -9.42
C ASP B 206 6.18 18.99 -8.50
N ILE B 207 5.18 19.48 -7.77
CA ILE B 207 5.33 20.62 -6.87
C ILE B 207 4.81 20.32 -5.48
N LEU B 208 5.61 20.61 -4.47
CA LEU B 208 5.18 20.36 -3.10
C LEU B 208 4.98 21.63 -2.30
N ILE B 209 3.89 21.66 -1.54
CA ILE B 209 3.58 22.78 -0.67
C ILE B 209 3.62 22.34 0.80
N CYS B 210 4.54 22.90 1.57
CA CYS B 210 4.70 22.50 2.96
C CYS B 210 3.99 23.42 3.93
N ARG B 211 2.77 23.07 4.31
CA ARG B 211 2.03 23.89 5.24
C ARG B 211 2.51 23.70 6.65
N SER B 212 2.66 24.80 7.36
CA SER B 212 3.09 24.73 8.73
C SER B 212 2.82 26.05 9.40
N ASP B 213 3.17 26.14 10.68
CA ASP B 213 3.05 27.38 11.41
C ASP B 213 4.38 28.14 11.40
N ARG B 214 5.31 27.74 10.53
CA ARG B 214 6.61 28.38 10.48
C ARG B 214 7.39 27.94 9.26
N ALA B 215 8.31 28.78 8.82
CA ALA B 215 9.08 28.46 7.64
C ALA B 215 9.84 27.14 7.82
N VAL B 216 9.79 26.31 6.80
CA VAL B 216 10.50 25.04 6.83
C VAL B 216 11.90 25.26 6.30
N PRO B 217 12.94 24.84 7.04
CA PRO B 217 14.35 24.94 6.71
C PRO B 217 14.66 24.28 5.39
N ALA B 218 15.58 24.88 4.65
CA ALA B 218 16.00 24.39 3.34
C ALA B 218 16.49 22.97 3.41
N ASN B 219 17.12 22.61 4.52
CA ASN B 219 17.62 21.27 4.73
C ASN B 219 16.49 20.27 4.72
N GLU B 220 15.37 20.65 5.32
CA GLU B 220 14.26 19.75 5.44
C GLU B 220 13.57 19.64 4.11
N ARG B 221 13.56 20.75 3.39
CA ARG B 221 12.98 20.79 2.07
C ARG B 221 13.78 19.90 1.13
N ALA B 222 15.10 19.89 1.32
CA ALA B 222 15.99 19.03 0.55
C ALA B 222 15.75 17.57 0.86
N LYS B 223 15.54 17.25 2.13
CA LYS B 223 15.27 15.88 2.53
C LYS B 223 14.01 15.38 1.87
N ILE B 224 13.00 16.24 1.82
CA ILE B 224 11.75 15.91 1.17
C ILE B 224 11.97 15.70 -0.31
N ALA B 225 12.69 16.63 -0.93
CA ALA B 225 13.01 16.57 -2.34
C ALA B 225 13.59 15.21 -2.69
N LEU B 226 14.53 14.75 -1.87
CA LEU B 226 15.13 13.45 -2.06
C LEU B 226 14.14 12.33 -2.10
N PHE B 227 13.36 12.21 -1.04
CA PHE B 227 12.47 11.08 -0.92
C PHE B 227 11.26 11.11 -1.84
N CYS B 228 10.96 12.26 -2.39
CA CYS B 228 9.79 12.37 -3.22
C CYS B 228 10.05 12.43 -4.72
N ASN B 229 11.32 12.34 -5.13
CA ASN B 229 11.68 12.47 -6.56
C ASN B 229 11.33 13.85 -7.10
N VAL B 230 11.51 14.88 -6.29
CA VAL B 230 11.14 16.24 -6.69
C VAL B 230 12.34 17.15 -6.54
N PRO B 231 12.62 18.03 -7.50
CA PRO B 231 13.67 19.02 -7.46
C PRO B 231 13.49 19.92 -6.25
N GLU B 232 14.60 20.33 -5.65
CA GLU B 232 14.55 21.17 -4.46
C GLU B 232 13.82 22.48 -4.69
N LYS B 233 13.98 23.01 -5.90
CA LYS B 233 13.35 24.26 -6.27
C LYS B 233 11.84 24.16 -6.36
N ALA B 234 11.31 22.94 -6.47
CA ALA B 234 9.89 22.73 -6.54
C ALA B 234 9.28 22.45 -5.16
N VAL B 235 10.11 22.48 -4.11
CA VAL B 235 9.60 22.29 -2.76
C VAL B 235 9.42 23.63 -2.12
N ILE B 236 8.18 24.07 -2.02
CA ILE B 236 7.79 25.39 -1.53
C ILE B 236 7.32 25.35 -0.08
N SER B 237 7.81 26.27 0.75
CA SER B 237 7.39 26.33 2.15
C SER B 237 6.25 27.32 2.34
N LEU B 238 5.24 26.96 3.12
CA LEU B 238 4.15 27.90 3.35
C LEU B 238 3.70 27.92 4.79
N LYS B 239 4.29 28.83 5.53
CA LYS B 239 4.01 29.06 6.93
C LYS B 239 2.69 29.79 7.11
N ASP B 240 2.10 29.65 8.28
CA ASP B 240 0.86 30.36 8.58
C ASP B 240 1.03 31.86 8.61
N VAL B 241 0.05 32.56 8.06
CA VAL B 241 0.04 34.01 8.01
C VAL B 241 -1.29 34.57 8.50
N ASP B 242 -1.30 35.85 8.82
CA ASP B 242 -2.51 36.51 9.32
C ASP B 242 -3.39 37.13 8.23
N SER B 243 -3.08 36.84 6.97
CA SER B 243 -3.90 37.33 5.87
C SER B 243 -3.62 36.57 4.62
N ILE B 244 -4.68 36.08 4.02
CA ILE B 244 -4.60 35.33 2.79
C ILE B 244 -4.15 36.17 1.61
N TYR B 245 -4.14 37.49 1.77
CA TYR B 245 -3.77 38.32 0.65
C TYR B 245 -2.26 38.50 0.61
N LYS B 246 -1.55 37.93 1.59
CA LYS B 246 -0.10 37.98 1.64
C LYS B 246 0.53 36.75 1.00
N ILE B 247 -0.30 35.74 0.73
CA ILE B 247 0.22 34.49 0.21
C ILE B 247 0.80 34.60 -1.21
N PRO B 248 0.14 35.27 -2.16
CA PRO B 248 0.62 35.53 -3.51
C PRO B 248 2.04 36.08 -3.46
N GLY B 249 2.28 36.96 -2.50
CA GLY B 249 3.61 37.53 -2.31
C GLY B 249 4.61 36.45 -1.98
N LEU B 250 4.24 35.55 -1.06
CA LEU B 250 5.12 34.46 -0.68
C LEU B 250 5.41 33.47 -1.79
N LEU B 251 4.38 33.16 -2.58
CA LEU B 251 4.54 32.20 -3.64
C LEU B 251 5.43 32.78 -4.73
N LYS B 252 5.25 34.07 -4.98
CA LYS B 252 6.06 34.80 -5.91
C LYS B 252 7.49 34.84 -5.43
N SER B 253 7.66 35.11 -4.13
CA SER B 253 8.98 35.17 -3.51
C SER B 253 9.78 33.91 -3.74
N GLN B 254 9.12 32.75 -3.68
CA GLN B 254 9.82 31.50 -3.89
C GLN B 254 9.93 31.04 -5.35
N GLY B 255 9.46 31.85 -6.30
CA GLY B 255 9.62 31.54 -7.73
C GLY B 255 8.69 30.47 -8.28
N LEU B 256 7.57 30.22 -7.60
CA LEU B 256 6.65 29.18 -8.04
C LEU B 256 6.13 29.35 -9.45
N ASP B 257 5.65 30.54 -9.75
CA ASP B 257 5.07 30.84 -11.04
C ASP B 257 6.06 30.78 -12.20
N ASP B 258 7.31 31.16 -11.93
CA ASP B 258 8.35 31.07 -12.94
C ASP B 258 8.56 29.63 -13.33
N TYR B 259 8.62 28.77 -12.33
CA TYR B 259 8.73 27.35 -12.56
C TYR B 259 7.62 26.87 -13.47
N ILE B 260 6.40 27.26 -13.14
CA ILE B 260 5.23 26.86 -13.89
C ILE B 260 5.27 27.28 -15.35
N CYS B 261 5.58 28.56 -15.62
CA CYS B 261 5.65 29.01 -17.00
C CYS B 261 6.74 28.29 -17.74
N LYS B 262 7.85 28.00 -17.06
CA LYS B 262 8.91 27.26 -17.67
C LYS B 262 8.43 25.88 -18.09
N ARG B 263 7.68 25.22 -17.21
CA ARG B 263 7.14 23.90 -17.50
C ARG B 263 6.14 23.92 -18.64
N PHE B 264 5.41 25.02 -18.77
CA PHE B 264 4.46 25.13 -19.87
C PHE B 264 4.98 25.93 -21.04
N SER B 265 6.29 26.18 -21.10
CA SER B 265 6.89 26.96 -22.19
C SER B 265 6.19 28.28 -22.46
N LEU B 266 5.72 28.94 -21.40
CA LEU B 266 5.03 30.20 -21.56
C LEU B 266 5.95 31.38 -21.37
N ASN B 267 5.73 32.40 -22.17
CA ASN B 267 6.46 33.64 -22.06
C ASN B 267 5.63 34.52 -21.16
N CYS B 268 5.98 34.55 -19.89
CA CYS B 268 5.18 35.24 -18.90
C CYS B 268 5.89 36.49 -18.35
N PRO B 269 5.31 37.67 -18.56
CA PRO B 269 5.73 38.97 -18.04
C PRO B 269 5.71 38.96 -16.53
N GLU B 270 6.60 39.76 -15.94
CA GLU B 270 6.72 39.89 -14.48
C GLU B 270 5.39 40.18 -13.80
N ALA B 271 5.04 39.36 -12.79
CA ALA B 271 3.77 39.53 -12.09
C ALA B 271 3.62 40.88 -11.45
N ASN B 272 2.48 41.49 -11.71
CA ASN B 272 2.15 42.73 -11.05
C ASN B 272 1.24 42.45 -9.87
N LEU B 273 1.85 42.23 -8.70
CA LEU B 273 1.09 41.95 -7.50
C LEU B 273 0.89 43.18 -6.63
N SER B 274 1.21 44.36 -7.17
CA SER B 274 1.12 45.60 -6.42
C SER B 274 -0.28 45.91 -5.95
N GLU B 275 -1.28 45.35 -6.61
CA GLU B 275 -2.66 45.54 -6.21
C GLU B 275 -2.87 45.02 -4.82
N TRP B 276 -2.28 43.87 -4.52
CA TRP B 276 -2.45 43.29 -3.21
C TRP B 276 -1.45 43.85 -2.26
N GLU B 277 -0.31 44.29 -2.77
CA GLU B 277 0.66 44.92 -1.89
C GLU B 277 0.04 46.16 -1.27
N GLN B 278 -0.70 46.90 -2.09
CA GLN B 278 -1.46 48.04 -1.63
C GLN B 278 -2.45 47.64 -0.56
N VAL B 279 -3.24 46.60 -0.85
CA VAL B 279 -4.21 46.08 0.08
C VAL B 279 -3.57 45.71 1.40
N ILE B 280 -2.44 45.04 1.34
CA ILE B 280 -1.70 44.62 2.50
C ILE B 280 -1.24 45.80 3.32
N PHE B 281 -0.67 46.80 2.65
CA PHE B 281 -0.24 48.01 3.32
C PHE B 281 -1.37 48.64 4.08
N GLU B 282 -2.49 48.80 3.40
CA GLU B 282 -3.65 49.40 3.98
C GLU B 282 -4.21 48.56 5.12
N GLU B 283 -4.25 47.24 4.91
CA GLU B 283 -4.71 46.28 5.90
C GLU B 283 -3.93 46.37 7.19
N ALA B 284 -2.61 46.40 7.05
CA ALA B 284 -1.70 46.45 8.17
C ALA B 284 -1.50 47.85 8.75
N ASN B 285 -2.15 48.86 8.16
CA ASN B 285 -1.99 50.21 8.66
C ASN B 285 -3.30 51.00 8.63
N PRO B 286 -4.32 50.58 9.36
CA PRO B 286 -5.60 51.24 9.51
C PRO B 286 -5.38 52.47 10.36
N VAL B 287 -6.21 53.48 10.17
CA VAL B 287 -6.11 54.68 10.97
C VAL B 287 -7.12 54.68 12.10
N SER B 288 -8.13 53.81 12.02
CA SER B 288 -9.12 53.77 13.09
C SER B 288 -9.55 52.36 13.47
N GLU B 289 -10.61 52.28 14.28
CA GLU B 289 -11.19 51.03 14.76
C GLU B 289 -12.67 51.17 15.11
N VAL B 290 -13.48 50.21 14.66
CA VAL B 290 -14.90 50.20 14.99
C VAL B 290 -15.36 48.82 15.43
N THR B 291 -16.44 48.78 16.22
CA THR B 291 -17.00 47.51 16.65
C THR B 291 -18.40 47.32 16.10
N ILE B 292 -18.56 46.26 15.35
CA ILE B 292 -19.83 45.95 14.75
C ILE B 292 -20.37 44.69 15.38
N GLY B 293 -21.62 44.71 15.82
CA GLY B 293 -22.17 43.52 16.41
C GLY B 293 -23.09 42.84 15.43
N MET B 294 -22.91 41.54 15.27
CA MET B 294 -23.73 40.78 14.34
C MET B 294 -24.67 39.84 15.06
N VAL B 295 -25.96 40.03 14.83
CA VAL B 295 -26.97 39.21 15.46
C VAL B 295 -27.48 38.16 14.50
N GLY B 296 -27.35 36.89 14.86
CA GLY B 296 -27.78 35.85 13.96
C GLY B 296 -28.07 34.51 14.60
N LYS B 297 -27.67 33.45 13.92
CA LYS B 297 -28.03 32.11 14.34
C LYS B 297 -26.93 31.08 14.23
N TYR B 298 -26.14 31.18 13.17
CA TYR B 298 -25.10 30.20 12.95
C TYR B 298 -23.74 30.70 13.38
N ILE B 299 -23.73 31.62 14.35
CA ILE B 299 -22.50 32.25 14.81
C ILE B 299 -21.52 31.31 15.50
N GLU B 300 -21.95 30.10 15.82
CA GLU B 300 -21.08 29.10 16.39
C GLU B 300 -20.06 28.58 15.38
N LEU B 301 -20.27 28.91 14.11
CA LEU B 301 -19.37 28.55 13.04
C LEU B 301 -19.26 29.69 12.06
N PRO B 302 -18.23 30.53 12.18
CA PRO B 302 -17.93 31.72 11.39
C PRO B 302 -18.06 31.49 9.90
N ASP B 303 -17.73 30.28 9.46
CA ASP B 303 -17.83 29.90 8.06
C ASP B 303 -19.22 30.15 7.49
N ALA B 304 -20.25 30.02 8.31
CA ALA B 304 -21.64 30.24 7.92
C ALA B 304 -21.88 31.65 7.43
N TYR B 305 -21.10 32.60 7.91
CA TYR B 305 -21.23 33.97 7.49
C TYR B 305 -19.92 34.46 6.89
N LYS B 306 -19.11 33.54 6.36
CA LYS B 306 -17.79 33.84 5.82
C LYS B 306 -17.79 34.95 4.79
N SER B 307 -18.68 34.86 3.82
CA SER B 307 -18.76 35.85 2.77
C SER B 307 -19.08 37.23 3.32
N VAL B 308 -19.86 37.26 4.38
CA VAL B 308 -20.25 38.50 5.02
C VAL B 308 -19.08 39.09 5.77
N ILE B 309 -18.41 38.25 6.54
CA ILE B 309 -17.26 38.64 7.32
C ILE B 309 -16.19 39.27 6.44
N GLU B 310 -15.93 38.64 5.30
CA GLU B 310 -14.94 39.16 4.41
C GLU B 310 -15.40 40.45 3.77
N ALA B 311 -16.69 40.57 3.49
CA ALA B 311 -17.22 41.80 2.94
C ALA B 311 -17.03 42.97 3.93
N LEU B 312 -17.23 42.68 5.23
CA LEU B 312 -17.00 43.69 6.26
C LEU B 312 -15.56 44.13 6.26
N LYS B 313 -14.67 43.15 6.11
CA LYS B 313 -13.25 43.38 6.05
C LYS B 313 -12.89 44.30 4.90
N HIS B 314 -13.49 44.04 3.73
CA HIS B 314 -13.22 44.80 2.54
C HIS B 314 -13.64 46.26 2.69
N GLY B 315 -14.77 46.51 3.36
CA GLY B 315 -15.20 47.87 3.63
C GLY B 315 -14.17 48.55 4.53
N GLY B 316 -13.72 47.82 5.56
CA GLY B 316 -12.73 48.31 6.50
C GLY B 316 -11.40 48.64 5.83
N LEU B 317 -11.01 47.85 4.83
CA LEU B 317 -9.77 48.13 4.11
C LEU B 317 -9.84 49.45 3.42
N LYS B 318 -10.96 49.75 2.79
CA LYS B 318 -11.08 51.00 2.07
C LYS B 318 -11.16 52.19 3.01
N ASN B 319 -11.70 51.98 4.20
CA ASN B 319 -11.76 53.07 5.16
C ASN B 319 -10.61 53.04 6.16
N ARG B 320 -9.59 52.19 5.93
CA ARG B 320 -8.46 52.08 6.85
C ARG B 320 -8.92 51.98 8.29
N VAL B 321 -9.78 51.03 8.56
CA VAL B 321 -10.33 50.90 9.90
C VAL B 321 -10.48 49.45 10.31
N SER B 322 -10.08 49.16 11.54
CA SER B 322 -10.18 47.82 12.06
C SER B 322 -11.62 47.48 12.36
N VAL B 323 -12.02 46.25 12.03
CA VAL B 323 -13.39 45.82 12.24
C VAL B 323 -13.50 44.68 13.24
N ASN B 324 -14.16 44.95 14.37
CA ASN B 324 -14.40 43.93 15.37
C ASN B 324 -15.79 43.36 15.14
N ILE B 325 -15.94 42.05 15.25
CA ILE B 325 -17.26 41.47 15.05
C ILE B 325 -17.76 40.76 16.29
N LYS B 326 -18.82 41.28 16.89
CA LYS B 326 -19.39 40.62 18.06
C LYS B 326 -20.37 39.57 17.59
N LEU B 327 -20.21 38.36 18.05
CA LEU B 327 -21.14 37.32 17.66
C LEU B 327 -22.26 37.21 18.66
N ILE B 328 -23.45 37.56 18.20
CA ILE B 328 -24.62 37.58 19.04
C ILE B 328 -25.69 36.62 18.59
N ASP B 329 -26.13 35.78 19.50
CA ASP B 329 -27.20 34.88 19.19
C ASP B 329 -28.51 35.60 19.34
N SER B 330 -29.29 35.63 18.27
CA SER B 330 -30.60 36.25 18.28
C SER B 330 -31.50 35.75 19.41
N GLN B 331 -31.29 34.50 19.82
CA GLN B 331 -32.07 33.89 20.88
C GLN B 331 -31.70 34.49 22.24
N ASP B 332 -30.51 35.05 22.35
CA ASP B 332 -30.07 35.70 23.57
C ASP B 332 -30.62 37.10 23.63
N VAL B 333 -30.70 37.76 22.48
CA VAL B 333 -31.34 39.08 22.49
C VAL B 333 -32.79 38.88 22.83
N GLU B 334 -33.38 37.83 22.27
CA GLU B 334 -34.72 37.42 22.57
C GLU B 334 -34.88 37.19 24.09
N THR B 335 -33.92 36.46 24.69
CA THR B 335 -33.95 36.12 26.12
C THR B 335 -33.45 37.23 27.04
N ARG B 336 -32.16 37.52 26.98
CA ARG B 336 -31.53 38.53 27.81
C ARG B 336 -31.96 39.94 27.47
N GLY B 337 -32.11 40.21 26.19
CA GLY B 337 -32.54 41.53 25.75
C GLY B 337 -31.43 42.38 25.18
N VAL B 338 -31.78 43.61 24.83
CA VAL B 338 -30.92 44.60 24.21
C VAL B 338 -29.65 44.99 24.96
N GLU B 339 -29.47 44.54 26.20
CA GLU B 339 -28.24 44.82 26.95
C GLU B 339 -27.01 44.30 26.19
N ILE B 340 -27.24 43.27 25.38
CA ILE B 340 -26.25 42.64 24.53
C ILE B 340 -25.73 43.58 23.47
N LEU B 341 -26.61 44.46 23.02
CA LEU B 341 -26.37 45.36 21.93
C LEU B 341 -25.66 46.64 22.37
N LYS B 342 -25.34 46.74 23.66
CA LYS B 342 -24.64 47.89 24.17
C LYS B 342 -23.15 47.76 23.89
N GLY B 343 -22.46 48.89 23.77
CA GLY B 343 -21.02 48.89 23.50
C GLY B 343 -20.69 48.68 22.03
N LEU B 344 -21.68 48.82 21.16
CA LEU B 344 -21.48 48.62 19.74
C LEU B 344 -21.54 49.94 18.98
N ASP B 345 -20.75 50.02 17.91
CA ASP B 345 -20.75 51.21 17.08
C ASP B 345 -21.72 51.03 15.94
N ALA B 346 -21.91 49.77 15.53
CA ALA B 346 -22.84 49.48 14.48
C ALA B 346 -23.47 48.13 14.64
N ILE B 347 -24.62 47.98 14.02
CA ILE B 347 -25.40 46.78 14.07
C ILE B 347 -25.55 46.10 12.73
N LEU B 348 -25.25 44.81 12.70
CA LEU B 348 -25.33 44.01 11.50
C LEU B 348 -26.29 42.85 11.63
N VAL B 349 -27.23 42.77 10.72
CA VAL B 349 -28.15 41.65 10.70
C VAL B 349 -28.14 40.99 9.31
N PRO B 350 -27.52 39.83 9.18
CA PRO B 350 -27.34 39.01 7.98
C PRO B 350 -28.60 38.22 7.62
N GLY B 351 -28.52 37.52 6.49
CA GLY B 351 -29.64 36.72 6.00
C GLY B 351 -29.63 35.29 6.54
N GLY B 352 -30.38 34.41 5.90
CA GLY B 352 -30.44 33.00 6.30
C GLY B 352 -31.86 32.47 6.39
N PHE B 353 -32.01 31.25 6.90
CA PHE B 353 -33.31 30.61 7.06
C PHE B 353 -33.49 30.08 8.48
N GLY B 354 -34.73 30.03 8.96
CA GLY B 354 -35.02 29.55 10.32
C GLY B 354 -35.60 30.64 11.21
N TYR B 355 -36.73 30.35 11.87
CA TYR B 355 -37.36 31.32 12.76
C TYR B 355 -36.47 31.56 13.96
N ARG B 356 -36.16 30.49 14.68
CA ARG B 356 -35.27 30.52 15.85
C ARG B 356 -35.55 31.71 16.76
N GLY B 357 -34.57 32.60 16.93
CA GLY B 357 -34.73 33.77 17.77
C GLY B 357 -34.94 35.04 16.96
N VAL B 358 -35.58 34.94 15.81
CA VAL B 358 -35.86 36.09 14.95
C VAL B 358 -36.52 37.24 15.68
N GLU B 359 -37.27 36.97 16.75
CA GLU B 359 -37.89 38.04 17.51
C GLU B 359 -36.82 38.88 18.18
N GLY B 360 -35.69 38.26 18.54
CA GLY B 360 -34.56 38.96 19.09
C GLY B 360 -33.88 39.76 17.98
N MET B 361 -33.93 39.23 16.74
CA MET B 361 -33.39 39.95 15.59
C MET B 361 -34.22 41.22 15.38
N ILE B 362 -35.53 41.08 15.52
CA ILE B 362 -36.46 42.19 15.41
C ILE B 362 -36.20 43.20 16.49
N THR B 363 -36.04 42.69 17.71
CA THR B 363 -35.69 43.49 18.88
C THR B 363 -34.44 44.31 18.60
N THR B 364 -33.44 43.67 18.01
CA THR B 364 -32.20 44.31 17.65
C THR B 364 -32.40 45.38 16.60
N ALA B 365 -33.18 45.08 15.57
CA ALA B 365 -33.45 46.03 14.52
C ALA B 365 -34.09 47.27 15.12
N ARG B 366 -35.04 47.05 16.02
CA ARG B 366 -35.71 48.12 16.72
C ARG B 366 -34.71 48.92 17.52
N PHE B 367 -33.83 48.23 18.23
CA PHE B 367 -32.82 48.87 19.03
C PHE B 367 -31.96 49.83 18.21
N ALA B 368 -31.41 49.33 17.11
CA ALA B 368 -30.55 50.12 16.24
C ALA B 368 -31.30 51.27 15.61
N ARG B 369 -32.51 51.00 15.14
CA ARG B 369 -33.33 52.01 14.52
C ARG B 369 -33.69 53.11 15.49
N GLU B 370 -34.27 52.72 16.61
CA GLU B 370 -34.71 53.66 17.62
C GLU B 370 -33.57 54.45 18.22
N ASN B 371 -32.39 53.84 18.34
CA ASN B 371 -31.27 54.54 18.91
C ASN B 371 -30.28 55.11 17.89
N ASN B 372 -30.65 55.15 16.61
CA ASN B 372 -29.78 55.73 15.59
C ASN B 372 -28.37 55.14 15.53
N ILE B 373 -28.27 53.81 15.55
CA ILE B 373 -26.98 53.16 15.54
C ILE B 373 -26.71 52.45 14.21
N PRO B 374 -25.94 53.10 13.30
CA PRO B 374 -25.50 52.51 12.00
C PRO B 374 -25.96 51.08 11.75
N TYR B 375 -27.06 50.92 11.04
CA TYR B 375 -27.66 49.61 10.81
C TYR B 375 -27.56 49.08 9.38
N LEU B 376 -27.14 47.82 9.24
CA LEU B 376 -27.10 47.16 7.93
C LEU B 376 -27.86 45.84 7.93
N GLY B 377 -28.85 45.72 7.04
CA GLY B 377 -29.65 44.51 6.95
C GLY B 377 -29.50 43.80 5.59
N ILE B 378 -29.38 42.47 5.63
CA ILE B 378 -29.23 41.69 4.40
C ILE B 378 -30.25 40.55 4.31
N CYS B 379 -30.93 40.43 3.16
CA CYS B 379 -31.93 39.38 2.93
C CYS B 379 -32.84 39.30 4.16
N LEU B 380 -32.94 38.14 4.80
CA LEU B 380 -33.75 38.01 6.01
C LEU B 380 -33.65 39.19 6.97
N GLY B 381 -32.44 39.74 7.16
CA GLY B 381 -32.25 40.89 8.05
C GLY B 381 -33.09 42.08 7.61
N MET B 382 -33.28 42.23 6.30
CA MET B 382 -34.14 43.26 5.74
C MET B 382 -35.57 42.97 6.12
N GLN B 383 -35.96 41.70 5.99
CA GLN B 383 -37.31 41.25 6.30
C GLN B 383 -37.60 41.50 7.78
N VAL B 384 -36.60 41.27 8.61
CA VAL B 384 -36.66 41.56 10.03
C VAL B 384 -36.89 43.03 10.30
N ALA B 385 -36.09 43.87 9.64
CA ALA B 385 -36.22 45.31 9.77
C ALA B 385 -37.59 45.78 9.29
N LEU B 386 -38.08 45.16 8.22
CA LEU B 386 -39.39 45.45 7.66
C LEU B 386 -40.43 45.25 8.73
N ILE B 387 -40.38 44.09 9.39
CA ILE B 387 -41.27 43.73 10.47
C ILE B 387 -41.18 44.68 11.65
N ASP B 388 -39.96 44.96 12.09
CA ASP B 388 -39.71 45.92 13.16
C ASP B 388 -40.41 47.23 12.94
N TYR B 389 -40.06 47.86 11.84
CA TYR B 389 -40.61 49.14 11.46
C TYR B 389 -42.12 49.05 11.33
N ALA B 390 -42.59 48.00 10.68
CA ALA B 390 -44.00 47.82 10.47
C ALA B 390 -44.75 47.77 11.79
N ARG B 391 -44.29 46.96 12.73
CA ARG B 391 -44.98 46.79 14.01
C ARG B 391 -44.96 48.01 14.90
N HIS B 392 -43.86 48.75 14.89
CA HIS B 392 -43.74 49.85 15.84
C HIS B 392 -43.92 51.25 15.27
N VAL B 393 -43.80 51.40 13.96
CA VAL B 393 -43.99 52.70 13.37
C VAL B 393 -45.28 52.71 12.56
N ALA B 394 -45.42 51.71 11.69
CA ALA B 394 -46.63 51.59 10.88
C ALA B 394 -47.78 50.98 11.69
N ASN B 395 -47.47 50.49 12.91
CA ASN B 395 -48.42 49.92 13.86
C ASN B 395 -49.06 48.63 13.39
N MET B 396 -48.31 47.86 12.61
CA MET B 396 -48.74 46.60 12.07
C MET B 396 -48.43 45.49 13.03
N GLU B 397 -49.11 45.50 14.17
CA GLU B 397 -48.97 44.50 15.21
C GLU B 397 -48.89 43.11 14.62
N ASN B 398 -47.97 42.29 15.09
CA ASN B 398 -47.83 40.93 14.58
C ASN B 398 -47.37 40.84 13.13
N ALA B 399 -46.77 41.90 12.61
CA ALA B 399 -46.24 41.83 11.26
C ALA B 399 -45.28 40.67 11.17
N ASN B 400 -45.35 39.92 10.09
CA ASN B 400 -44.45 38.79 9.95
C ASN B 400 -44.48 38.22 8.52
N SER B 401 -43.86 37.07 8.35
CA SER B 401 -43.89 36.35 7.10
C SER B 401 -44.81 35.17 7.15
N THR B 402 -45.45 34.90 6.01
CA THR B 402 -46.36 33.78 5.87
C THR B 402 -45.65 32.45 5.99
N GLU B 403 -44.33 32.46 5.80
CA GLU B 403 -43.53 31.25 5.92
C GLU B 403 -43.43 30.79 7.36
N PHE B 404 -43.82 31.64 8.31
CA PHE B 404 -43.77 31.26 9.71
C PHE B 404 -45.15 31.27 10.31
N VAL B 405 -45.98 32.21 9.87
CA VAL B 405 -47.34 32.29 10.36
C VAL B 405 -48.29 32.45 9.19
N PRO B 406 -49.00 31.38 8.79
CA PRO B 406 -49.96 31.29 7.71
C PRO B 406 -50.95 32.45 7.73
N ASP B 407 -51.41 32.82 8.93
CA ASP B 407 -52.29 33.96 9.02
C ASP B 407 -51.75 34.98 9.99
N CYS B 408 -50.74 35.72 9.53
CA CYS B 408 -50.14 36.77 10.31
C CYS B 408 -51.14 37.87 10.59
N LYS B 409 -52.03 38.10 9.60
CA LYS B 409 -53.01 39.18 9.56
C LYS B 409 -52.33 40.50 9.19
N TYR B 410 -51.00 40.45 9.02
CA TYR B 410 -50.12 41.54 8.71
C TYR B 410 -48.90 41.00 7.95
N PRO B 411 -49.09 39.95 7.12
CA PRO B 411 -48.04 39.31 6.31
C PRO B 411 -47.20 40.30 5.50
N VAL B 412 -46.22 40.94 6.13
CA VAL B 412 -45.39 41.88 5.39
C VAL B 412 -44.51 41.18 4.35
N VAL B 413 -44.24 39.89 4.58
CA VAL B 413 -43.48 39.08 3.62
C VAL B 413 -44.28 37.84 3.20
N ALA B 414 -44.32 37.59 1.89
CA ALA B 414 -45.10 36.46 1.37
C ALA B 414 -44.71 36.14 -0.07
N LEU B 415 -45.19 35.01 -0.57
CA LEU B 415 -44.94 34.68 -1.96
C LEU B 415 -45.81 35.61 -2.79
N ILE B 416 -45.43 35.84 -4.04
CA ILE B 416 -46.22 36.73 -4.89
C ILE B 416 -47.67 36.30 -4.95
N THR B 417 -47.90 35.01 -5.14
CA THR B 417 -49.24 34.45 -5.14
C THR B 417 -49.94 34.70 -3.80
N GLU B 418 -49.17 34.60 -2.72
CA GLU B 418 -49.65 34.78 -1.36
C GLU B 418 -49.84 36.22 -0.92
N TRP B 419 -49.53 37.20 -1.79
CA TRP B 419 -49.69 38.59 -1.38
C TRP B 419 -51.12 38.89 -0.98
N ARG B 420 -51.27 39.49 0.19
CA ARG B 420 -52.59 39.81 0.67
C ARG B 420 -52.58 40.87 1.77
N ASP B 421 -53.74 41.47 2.02
CA ASP B 421 -53.81 42.46 3.07
C ASP B 421 -54.25 41.83 4.38
N GLU B 422 -54.42 42.67 5.40
CA GLU B 422 -54.83 42.26 6.74
C GLU B 422 -56.26 41.71 6.80
N ASN B 423 -57.04 41.94 5.74
CA ASN B 423 -58.41 41.48 5.67
C ASN B 423 -58.53 40.21 4.84
N GLY B 424 -57.40 39.65 4.41
CA GLY B 424 -57.40 38.41 3.65
C GLY B 424 -57.61 38.63 2.14
N ASN B 425 -57.65 39.87 1.68
CA ASN B 425 -57.83 40.10 0.25
C ASN B 425 -56.50 39.87 -0.40
N VAL B 426 -56.47 39.25 -1.56
CA VAL B 426 -55.19 38.88 -2.15
C VAL B 426 -54.84 39.73 -3.37
N GLU B 427 -53.76 39.33 -4.05
CA GLU B 427 -53.19 39.98 -5.24
C GLU B 427 -52.32 41.16 -4.82
N THR B 438 -41.23 31.11 -7.80
CA THR B 438 -40.47 30.08 -7.11
C THR B 438 -39.40 30.70 -6.22
N MET B 439 -38.21 30.91 -6.77
CA MET B 439 -37.11 31.48 -6.03
C MET B 439 -36.23 32.35 -6.92
N ARG B 440 -35.69 33.42 -6.36
CA ARG B 440 -34.83 34.31 -7.11
C ARG B 440 -33.38 34.06 -6.81
N LEU B 441 -32.63 33.65 -7.83
CA LEU B 441 -31.21 33.42 -7.63
C LEU B 441 -30.34 34.06 -8.69
N GLY B 442 -29.14 34.46 -8.30
CA GLY B 442 -28.15 34.97 -9.25
C GLY B 442 -28.14 36.48 -9.35
N ALA B 443 -27.25 36.98 -10.19
CA ALA B 443 -27.12 38.42 -10.37
C ALA B 443 -28.29 38.97 -11.16
N GLN B 444 -28.97 39.96 -10.58
CA GLN B 444 -30.13 40.58 -11.23
C GLN B 444 -30.06 42.10 -11.16
N GLN B 445 -30.54 42.76 -12.21
CA GLN B 445 -30.53 44.22 -12.27
C GLN B 445 -31.62 44.83 -11.42
N CYS B 446 -31.23 45.79 -10.60
CA CYS B 446 -32.16 46.49 -9.76
C CYS B 446 -32.22 47.95 -10.13
N GLN B 447 -33.40 48.54 -10.06
CA GLN B 447 -33.57 49.95 -10.34
C GLN B 447 -33.38 50.79 -9.10
N LEU B 448 -32.34 51.58 -9.07
CA LEU B 448 -32.13 52.37 -7.87
C LEU B 448 -32.88 53.68 -7.98
N VAL B 449 -33.35 54.17 -6.86
CA VAL B 449 -34.03 55.45 -6.86
C VAL B 449 -32.99 56.53 -6.87
N ASP B 450 -33.05 57.39 -7.87
CA ASP B 450 -32.07 58.45 -8.06
C ASP B 450 -31.82 59.31 -6.82
N ASP B 451 -32.84 59.49 -6.00
CA ASP B 451 -32.73 60.29 -4.80
C ASP B 451 -32.26 59.50 -3.56
N SER B 452 -31.96 58.22 -3.73
CA SER B 452 -31.51 57.41 -2.60
C SER B 452 -30.02 57.46 -2.42
N LEU B 453 -29.57 57.10 -1.22
CA LEU B 453 -28.16 57.06 -0.94
C LEU B 453 -27.52 55.95 -1.76
N VAL B 454 -28.08 54.74 -1.70
CA VAL B 454 -27.54 53.62 -2.49
C VAL B 454 -27.32 53.89 -3.97
N ARG B 455 -28.16 54.72 -4.57
CA ARG B 455 -27.98 55.08 -5.95
C ARG B 455 -26.68 55.83 -6.08
N GLN B 456 -26.47 56.75 -5.15
CA GLN B 456 -25.27 57.54 -5.13
C GLN B 456 -24.07 56.74 -4.63
N LEU B 457 -24.30 55.71 -3.83
CA LEU B 457 -23.20 54.85 -3.39
C LEU B 457 -22.63 54.09 -4.57
N TYR B 458 -23.49 53.69 -5.51
CA TYR B 458 -23.02 53.01 -6.70
C TYR B 458 -22.79 53.98 -7.85
N ASN B 459 -23.28 55.21 -7.71
CA ASN B 459 -23.11 56.23 -8.74
C ASN B 459 -23.75 55.80 -10.03
N ALA B 460 -24.91 55.16 -9.93
CA ALA B 460 -25.57 54.70 -11.12
C ALA B 460 -27.05 54.50 -10.88
N PRO B 461 -27.90 54.78 -11.88
CA PRO B 461 -29.34 54.60 -11.91
C PRO B 461 -29.78 53.20 -11.52
N THR B 462 -29.00 52.21 -11.91
CA THR B 462 -29.31 50.82 -11.61
C THR B 462 -28.07 50.11 -11.10
N ILE B 463 -28.24 48.88 -10.67
CA ILE B 463 -27.12 48.08 -10.23
C ILE B 463 -27.46 46.60 -10.29
N VAL B 464 -26.49 45.79 -10.67
CA VAL B 464 -26.71 44.35 -10.74
C VAL B 464 -26.08 43.67 -9.53
N GLU B 465 -26.91 42.95 -8.77
CA GLU B 465 -26.45 42.28 -7.55
C GLU B 465 -27.07 40.89 -7.41
N ARG B 466 -26.38 40.02 -6.67
CA ARG B 466 -26.83 38.63 -6.54
C ARG B 466 -27.96 38.39 -5.56
N HIS B 467 -28.80 37.42 -5.89
CA HIS B 467 -29.93 37.06 -5.05
C HIS B 467 -29.97 35.57 -4.72
N ARG B 468 -30.68 35.25 -3.65
CA ARG B 468 -30.96 33.88 -3.25
C ARG B 468 -32.10 33.87 -2.24
N HIS B 469 -33.34 33.91 -2.71
CA HIS B 469 -34.47 33.92 -1.78
C HIS B 469 -35.85 33.79 -2.44
N ARG B 470 -36.81 33.19 -1.70
CA ARG B 470 -38.15 32.89 -2.20
C ARG B 470 -39.31 33.87 -1.88
N TYR B 471 -39.30 34.52 -0.72
CA TYR B 471 -40.45 35.35 -0.35
C TYR B 471 -40.19 36.83 -0.62
N GLU B 472 -41.24 37.58 -0.92
CA GLU B 472 -41.08 38.99 -1.25
C GLU B 472 -41.94 39.92 -0.44
N VAL B 473 -41.62 41.21 -0.53
CA VAL B 473 -42.39 42.20 0.19
C VAL B 473 -43.80 42.22 -0.37
N ASN B 474 -44.74 42.02 0.52
CA ASN B 474 -46.16 41.91 0.23
C ASN B 474 -46.68 42.83 -0.84
N ASN B 475 -46.54 44.14 -0.64
CA ASN B 475 -47.04 45.16 -1.57
C ASN B 475 -48.42 45.67 -1.17
N MET B 476 -49.30 44.75 -0.76
CA MET B 476 -50.66 45.11 -0.33
C MET B 476 -50.57 45.96 0.91
N LEU B 477 -49.68 45.57 1.81
CA LEU B 477 -49.46 46.28 3.06
C LEU B 477 -48.25 47.21 3.01
N LEU B 478 -47.44 47.07 1.97
CA LEU B 478 -46.28 47.92 1.78
C LEU B 478 -46.58 49.37 1.89
N LYS B 479 -47.64 49.79 1.23
CA LYS B 479 -48.05 51.18 1.27
C LYS B 479 -48.25 51.74 2.67
N GLN B 480 -48.58 50.88 3.65
CA GLN B 480 -48.73 51.31 5.03
C GLN B 480 -47.37 51.64 5.60
N ILE B 481 -46.43 50.75 5.33
CA ILE B 481 -45.07 50.86 5.80
C ILE B 481 -44.30 52.00 5.17
N GLU B 482 -44.36 52.09 3.86
CA GLU B 482 -43.67 53.11 3.11
C GLU B 482 -44.24 54.48 3.44
N ASP B 483 -45.58 54.61 3.43
CA ASP B 483 -46.20 55.90 3.76
C ASP B 483 -45.93 56.31 5.20
N ALA B 484 -45.77 55.35 6.12
CA ALA B 484 -45.45 55.67 7.50
C ALA B 484 -44.13 56.43 7.65
N GLY B 485 -43.27 56.40 6.63
CA GLY B 485 -42.01 57.13 6.65
C GLY B 485 -40.81 56.20 6.49
N LEU B 486 -40.75 55.53 5.35
CA LEU B 486 -39.63 54.67 5.03
C LEU B 486 -39.29 54.84 3.57
N ARG B 487 -38.02 55.00 3.27
CA ARG B 487 -37.65 55.24 1.91
C ARG B 487 -37.33 53.97 1.16
N VAL B 488 -38.03 53.71 0.08
CA VAL B 488 -37.60 52.60 -0.75
C VAL B 488 -36.50 53.16 -1.61
N ALA B 489 -35.30 52.69 -1.33
CA ALA B 489 -34.12 53.17 -1.99
C ALA B 489 -33.93 52.56 -3.36
N GLY B 490 -34.63 51.46 -3.63
CA GLY B 490 -34.56 50.83 -4.93
C GLY B 490 -35.55 49.68 -5.09
N ARG B 491 -35.95 49.48 -6.33
CA ARG B 491 -36.92 48.48 -6.69
C ARG B 491 -36.35 47.55 -7.73
N SER B 492 -36.98 46.40 -7.94
CA SER B 492 -36.47 45.42 -8.90
C SER B 492 -36.77 45.79 -10.33
N GLY B 493 -37.02 44.78 -11.16
CA GLY B 493 -37.30 44.98 -12.56
C GLY B 493 -38.79 44.95 -12.84
N ASP B 494 -39.23 43.91 -13.54
CA ASP B 494 -40.61 43.75 -13.95
C ASP B 494 -41.67 44.05 -12.89
N ASP B 495 -41.47 43.57 -11.67
CA ASP B 495 -42.46 43.81 -10.63
C ASP B 495 -42.12 44.94 -9.66
N GLN B 496 -41.01 45.65 -9.89
CA GLN B 496 -40.60 46.78 -9.04
C GLN B 496 -40.69 46.45 -7.55
N LEU B 497 -40.10 45.32 -7.19
CA LEU B 497 -40.14 44.83 -5.84
C LEU B 497 -39.16 45.58 -4.97
N VAL B 498 -39.52 45.81 -3.72
CA VAL B 498 -38.66 46.54 -2.80
C VAL B 498 -37.32 45.85 -2.60
N GLU B 499 -36.33 46.26 -3.39
CA GLU B 499 -34.99 45.71 -3.28
C GLU B 499 -34.21 46.25 -2.11
N ILE B 500 -34.40 47.53 -1.83
CA ILE B 500 -33.64 48.14 -0.78
C ILE B 500 -34.30 49.36 -0.16
N ILE B 501 -34.16 49.50 1.16
CA ILE B 501 -34.75 50.61 1.91
C ILE B 501 -33.75 51.37 2.75
N GLU B 502 -34.13 52.61 3.07
CA GLU B 502 -33.34 53.50 3.89
C GLU B 502 -34.25 54.25 4.89
N VAL B 503 -33.76 54.48 6.11
CA VAL B 503 -34.56 55.22 7.08
C VAL B 503 -34.29 56.72 7.05
N PRO B 504 -35.31 57.53 6.68
CA PRO B 504 -35.33 58.99 6.52
C PRO B 504 -34.46 59.78 7.49
N ASN B 505 -34.53 59.47 8.78
CA ASN B 505 -33.79 60.25 9.75
C ASN B 505 -32.75 59.46 10.52
N HIS B 506 -32.43 58.27 10.04
CA HIS B 506 -31.43 57.49 10.70
C HIS B 506 -30.09 57.84 10.07
N PRO B 507 -29.03 58.06 10.86
CA PRO B 507 -27.68 58.41 10.43
C PRO B 507 -27.17 57.49 9.33
N TRP B 508 -27.49 56.21 9.41
CA TRP B 508 -27.08 55.30 8.37
C TRP B 508 -27.86 54.02 8.53
N PHE B 509 -28.88 53.83 7.72
CA PHE B 509 -29.70 52.65 7.84
C PHE B 509 -30.05 52.15 6.48
N VAL B 510 -29.44 51.03 6.14
CA VAL B 510 -29.65 50.44 4.84
C VAL B 510 -29.98 48.96 4.95
N ALA B 511 -31.02 48.52 4.26
CA ALA B 511 -31.34 47.10 4.27
C ALA B 511 -31.79 46.64 2.89
N CYS B 512 -31.30 45.47 2.45
CA CYS B 512 -31.61 45.01 1.09
C CYS B 512 -31.78 43.51 0.90
N GLN B 513 -32.43 43.15 -0.23
CA GLN B 513 -32.72 41.78 -0.67
C GLN B 513 -31.52 41.08 -1.29
N PHE B 514 -30.67 41.86 -1.96
CA PHE B 514 -29.52 41.29 -2.64
C PHE B 514 -28.35 40.98 -1.71
N HIS B 515 -27.35 40.32 -2.26
CA HIS B 515 -26.19 39.85 -1.54
C HIS B 515 -24.88 40.49 -1.95
N PRO B 516 -24.59 41.71 -1.49
CA PRO B 516 -23.41 42.50 -1.79
C PRO B 516 -22.12 41.79 -1.33
N GLU B 517 -22.27 40.86 -0.38
CA GLU B 517 -21.13 40.12 0.13
C GLU B 517 -20.53 39.16 -0.89
N PHE B 518 -21.22 38.90 -2.00
CA PHE B 518 -20.67 38.05 -3.02
C PHE B 518 -20.06 38.86 -4.15
N THR B 519 -20.05 40.18 -4.01
CA THR B 519 -19.53 41.01 -5.07
C THR B 519 -18.34 41.85 -4.61
N SER B 520 -18.19 42.02 -3.30
CA SER B 520 -17.07 42.82 -2.82
C SER B 520 -15.75 42.12 -3.09
N THR B 521 -14.70 42.91 -3.22
CA THR B 521 -13.36 42.37 -3.43
C THR B 521 -12.41 43.11 -2.52
N PRO B 522 -11.21 42.59 -2.30
CA PRO B 522 -10.16 43.21 -1.49
C PRO B 522 -9.54 44.36 -2.22
N ARG B 523 -9.62 44.33 -3.55
CA ARG B 523 -9.05 45.36 -4.38
C ARG B 523 -10.02 46.51 -4.65
N ASP B 524 -11.32 46.23 -4.70
CA ASP B 524 -12.32 47.25 -4.99
C ASP B 524 -13.15 47.66 -3.78
N GLY B 525 -13.36 46.74 -2.86
CA GLY B 525 -14.20 47.01 -1.72
C GLY B 525 -15.65 46.82 -2.13
N HIS B 526 -16.52 47.69 -1.63
CA HIS B 526 -17.94 47.66 -1.97
C HIS B 526 -18.69 48.76 -1.22
N PRO B 527 -19.14 49.79 -1.93
CA PRO B 527 -19.87 50.98 -1.44
C PRO B 527 -20.73 50.80 -0.18
N LEU B 528 -21.47 49.69 -0.07
CA LEU B 528 -22.38 49.58 1.06
C LEU B 528 -21.66 49.23 2.34
N PHE B 529 -20.55 48.53 2.22
CA PHE B 529 -19.78 48.18 3.38
C PHE B 529 -18.87 49.32 3.72
N ALA B 530 -18.48 50.06 2.69
CA ALA B 530 -17.68 51.24 2.90
C ALA B 530 -18.49 52.24 3.70
N GLY B 531 -19.75 52.45 3.29
CA GLY B 531 -20.64 53.37 3.98
C GLY B 531 -20.98 52.90 5.39
N PHE B 532 -21.28 51.60 5.53
CA PHE B 532 -21.65 51.02 6.81
C PHE B 532 -20.56 51.15 7.83
N VAL B 533 -19.36 50.71 7.46
CA VAL B 533 -18.23 50.76 8.35
C VAL B 533 -17.88 52.19 8.67
N LYS B 534 -17.89 53.07 7.66
CA LYS B 534 -17.64 54.48 7.89
C LYS B 534 -18.62 55.05 8.89
N ALA B 535 -19.90 54.72 8.72
CA ALA B 535 -20.94 55.17 9.62
C ALA B 535 -20.65 54.72 11.02
N ALA B 536 -20.15 53.49 11.17
CA ALA B 536 -19.79 52.99 12.48
C ALA B 536 -18.76 53.91 13.12
N SER B 537 -17.76 54.30 12.33
CA SER B 537 -16.73 55.20 12.81
C SER B 537 -17.30 56.54 13.19
N GLU B 538 -18.17 57.08 12.34
CA GLU B 538 -18.79 58.36 12.56
C GLU B 538 -19.53 58.36 13.87
N PHE B 539 -20.35 57.34 14.04
CA PHE B 539 -21.14 57.13 15.24
C PHE B 539 -20.25 57.02 16.44
N GLN B 540 -19.20 56.19 16.33
CA GLN B 540 -18.23 56.01 17.38
C GLN B 540 -17.66 57.34 17.86
N LYS B 541 -17.28 58.19 16.92
CA LYS B 541 -16.71 59.49 17.26
C LYS B 541 -17.75 60.41 17.85
N ARG B 542 -18.99 60.29 17.39
CA ARG B 542 -20.10 61.06 17.91
C ARG B 542 -20.37 60.65 19.35
N GLN B 543 -20.25 59.36 19.63
CA GLN B 543 -20.47 58.83 20.96
C GLN B 543 -19.19 58.90 21.78
N ALA B 544 -18.67 60.11 21.95
CA ALA B 544 -17.44 60.33 22.66
C ALA B 544 -17.27 61.81 23.00
N MET C 1 31.15 11.23 -23.63
CA MET C 1 30.42 9.97 -23.48
C MET C 1 29.88 9.80 -22.07
N THR C 2 28.56 9.70 -21.96
CA THR C 2 27.94 9.48 -20.65
C THR C 2 27.20 8.16 -20.63
N THR C 3 27.46 7.38 -19.59
CA THR C 3 26.85 6.08 -19.43
C THR C 3 25.36 6.16 -19.19
N ASN C 4 24.62 5.32 -19.91
CA ASN C 4 23.19 5.19 -19.78
C ASN C 4 22.86 3.90 -19.05
N TYR C 5 21.81 3.90 -18.24
CA TYR C 5 21.47 2.73 -17.47
C TYR C 5 20.05 2.26 -17.68
N ILE C 6 19.85 0.96 -17.64
CA ILE C 6 18.51 0.42 -17.70
C ILE C 6 18.37 -0.57 -16.57
N PHE C 7 17.36 -0.37 -15.76
CA PHE C 7 17.16 -1.25 -14.63
C PHE C 7 16.11 -2.27 -14.96
N VAL C 8 16.35 -3.50 -14.55
CA VAL C 8 15.44 -4.58 -14.82
C VAL C 8 14.89 -5.20 -13.55
N THR C 9 13.58 -5.13 -13.41
CA THR C 9 12.89 -5.70 -12.28
C THR C 9 11.78 -6.60 -12.78
N GLY C 10 11.12 -7.28 -11.86
CA GLY C 10 10.04 -8.17 -12.22
C GLY C 10 9.21 -8.52 -11.00
N GLY C 11 7.97 -8.93 -11.24
CA GLY C 11 7.08 -9.23 -10.15
C GLY C 11 5.97 -10.20 -10.51
N VAL C 12 5.01 -10.31 -9.61
CA VAL C 12 3.83 -11.18 -9.65
C VAL C 12 4.20 -12.60 -9.26
N VAL C 13 5.17 -13.16 -9.98
CA VAL C 13 5.75 -14.46 -9.66
C VAL C 13 7.23 -14.41 -9.91
N SER C 14 7.94 -15.40 -9.40
CA SER C 14 9.37 -15.52 -9.67
C SER C 14 9.54 -16.32 -10.93
N SER C 15 10.80 -16.49 -11.32
CA SER C 15 11.17 -17.38 -12.40
C SER C 15 10.61 -16.96 -13.76
N LEU C 16 10.64 -15.67 -14.04
CA LEU C 16 10.18 -15.19 -15.34
C LEU C 16 11.30 -15.12 -16.36
N GLY C 17 12.55 -15.20 -15.91
CA GLY C 17 13.67 -15.14 -16.83
C GLY C 17 14.16 -13.73 -17.02
N LYS C 18 14.36 -13.02 -15.90
CA LYS C 18 14.87 -11.66 -15.96
C LYS C 18 16.25 -11.60 -16.60
N GLY C 19 17.10 -12.57 -16.25
CA GLY C 19 18.44 -12.61 -16.81
C GLY C 19 18.41 -12.89 -18.30
N ILE C 20 17.49 -13.76 -18.73
CA ILE C 20 17.35 -14.08 -20.13
C ILE C 20 16.95 -12.87 -20.94
N ALA C 21 15.95 -12.15 -20.45
CA ALA C 21 15.47 -10.97 -21.11
C ALA C 21 16.56 -9.92 -21.23
N ALA C 22 17.27 -9.69 -20.12
CA ALA C 22 18.33 -8.70 -20.09
C ALA C 22 19.46 -9.05 -21.04
N ALA C 23 19.86 -10.32 -21.04
CA ALA C 23 20.94 -10.78 -21.89
C ALA C 23 20.57 -10.61 -23.35
N SER C 24 19.32 -10.95 -23.70
CA SER C 24 18.84 -10.83 -25.06
C SER C 24 18.88 -9.39 -25.52
N LEU C 25 18.46 -8.48 -24.64
CA LEU C 25 18.53 -7.07 -24.96
C LEU C 25 19.96 -6.63 -25.20
N ALA C 26 20.84 -6.99 -24.28
CA ALA C 26 22.25 -6.64 -24.39
C ALA C 26 22.83 -7.12 -25.70
N ALA C 27 22.46 -8.34 -26.11
CA ALA C 27 22.94 -8.89 -27.36
C ALA C 27 22.58 -7.98 -28.50
N ILE C 28 21.35 -7.48 -28.49
CA ILE C 28 20.90 -6.56 -29.52
C ILE C 28 21.66 -5.27 -29.47
N LEU C 29 21.85 -4.74 -28.27
CA LEU C 29 22.54 -3.48 -28.11
C LEU C 29 23.97 -3.57 -28.63
N GLU C 30 24.62 -4.72 -28.40
CA GLU C 30 25.93 -4.98 -28.97
C GLU C 30 25.80 -5.00 -30.48
N ALA C 31 24.77 -5.67 -30.98
CA ALA C 31 24.48 -5.75 -32.41
C ALA C 31 24.18 -4.37 -33.02
N ARG C 32 23.77 -3.40 -32.18
CA ARG C 32 23.55 -2.01 -32.61
C ARG C 32 24.86 -1.21 -32.55
N GLY C 33 25.98 -1.86 -32.21
CA GLY C 33 27.27 -1.19 -32.13
C GLY C 33 27.49 -0.45 -30.82
N LEU C 34 26.77 -0.81 -29.77
CA LEU C 34 26.90 -0.07 -28.52
C LEU C 34 27.72 -0.80 -27.47
N ASN C 35 28.50 -0.03 -26.71
CA ASN C 35 29.27 -0.60 -25.60
C ASN C 35 28.35 -0.94 -24.45
N VAL C 36 27.76 -2.12 -24.52
CA VAL C 36 26.83 -2.53 -23.49
C VAL C 36 27.41 -3.58 -22.57
N THR C 37 27.10 -3.44 -21.29
CA THR C 37 27.51 -4.39 -20.27
C THR C 37 26.34 -4.70 -19.36
N ILE C 38 26.60 -5.51 -18.35
CA ILE C 38 25.52 -5.94 -17.48
C ILE C 38 25.99 -6.43 -16.12
N MET C 39 25.21 -6.10 -15.11
CA MET C 39 25.49 -6.50 -13.74
C MET C 39 24.25 -7.05 -13.07
N LYS C 40 24.44 -7.88 -12.06
CA LYS C 40 23.31 -8.43 -11.32
C LYS C 40 23.47 -8.26 -9.82
N LEU C 41 22.42 -7.73 -9.18
CA LEU C 41 22.44 -7.56 -7.74
C LEU C 41 21.58 -8.62 -7.09
N ASP C 42 22.11 -9.23 -6.03
CA ASP C 42 21.40 -10.30 -5.38
C ASP C 42 20.89 -9.95 -3.98
N PRO C 43 19.74 -10.52 -3.62
CA PRO C 43 19.01 -10.38 -2.36
C PRO C 43 19.42 -11.43 -1.36
N TYR C 44 20.62 -11.96 -1.49
CA TYR C 44 21.02 -13.03 -0.61
C TYR C 44 22.00 -12.57 0.42
N ILE C 45 21.92 -13.18 1.59
CA ILE C 45 22.79 -12.89 2.69
C ILE C 45 24.10 -13.61 2.53
N ASN C 46 24.10 -14.69 1.77
CA ASN C 46 25.35 -15.37 1.56
C ASN C 46 26.29 -14.41 0.90
N VAL C 47 27.51 -14.35 1.40
CA VAL C 47 28.48 -13.41 0.87
C VAL C 47 28.98 -13.95 -0.45
N ASP C 48 29.43 -15.19 -0.42
CA ASP C 48 29.88 -15.88 -1.61
C ASP C 48 29.06 -17.14 -1.86
N PRO C 49 28.78 -17.47 -3.12
CA PRO C 49 28.02 -18.63 -3.61
C PRO C 49 28.74 -19.93 -3.31
N GLY C 50 30.03 -19.84 -3.01
CA GLY C 50 30.85 -20.99 -2.64
C GLY C 50 30.41 -21.61 -1.31
N THR C 51 29.62 -20.86 -0.52
CA THR C 51 29.12 -21.38 0.72
C THR C 51 27.81 -22.14 0.53
N MET C 52 27.33 -22.24 -0.72
CA MET C 52 26.09 -22.94 -0.98
C MET C 52 26.28 -24.11 -1.93
N SER C 53 25.40 -25.08 -1.81
CA SER C 53 25.45 -26.27 -2.63
C SER C 53 24.91 -26.03 -4.04
N PRO C 54 25.31 -26.89 -4.98
CA PRO C 54 24.84 -26.99 -6.35
C PRO C 54 23.35 -27.26 -6.38
N ILE C 55 22.85 -28.04 -5.43
CA ILE C 55 21.42 -28.27 -5.42
C ILE C 55 20.66 -27.05 -4.97
N GLN C 56 21.27 -26.23 -4.12
CA GLN C 56 20.62 -25.02 -3.65
C GLN C 56 20.36 -24.01 -4.76
N HIS C 57 21.38 -23.66 -5.54
CA HIS C 57 21.20 -22.69 -6.64
C HIS C 57 21.61 -23.15 -8.02
N GLY C 58 22.01 -24.38 -8.17
CA GLY C 58 22.49 -24.83 -9.45
C GLY C 58 23.97 -24.53 -9.53
N GLU C 59 24.53 -24.64 -10.73
CA GLU C 59 25.94 -24.40 -10.96
C GLU C 59 26.38 -22.99 -10.57
N VAL C 60 27.59 -22.90 -10.04
CA VAL C 60 28.17 -21.64 -9.66
C VAL C 60 29.10 -21.20 -10.76
N PHE C 61 28.92 -19.99 -11.25
CA PHE C 61 29.69 -19.50 -12.39
C PHE C 61 31.12 -19.12 -12.05
N VAL C 62 32.05 -19.56 -12.89
CA VAL C 62 33.44 -19.21 -12.71
C VAL C 62 33.84 -18.14 -13.70
N THR C 63 34.24 -16.99 -13.17
CA THR C 63 34.67 -15.86 -13.97
C THR C 63 36.13 -15.95 -14.32
N GLU C 64 36.54 -15.12 -15.26
CA GLU C 64 37.93 -15.03 -15.68
C GLU C 64 38.88 -14.77 -14.53
N ASP C 65 38.50 -13.80 -13.69
CA ASP C 65 39.32 -13.41 -12.56
C ASP C 65 39.23 -14.36 -11.35
N GLY C 66 38.55 -15.50 -11.51
CA GLY C 66 38.49 -16.48 -10.45
C GLY C 66 37.33 -16.29 -9.51
N ALA C 67 36.56 -15.22 -9.66
CA ALA C 67 35.46 -15.02 -8.76
C ALA C 67 34.38 -16.07 -8.98
N GLU C 68 33.79 -16.50 -7.88
CA GLU C 68 32.67 -17.41 -7.95
C GLU C 68 31.44 -16.54 -7.93
N THR C 69 30.49 -16.81 -8.80
CA THR C 69 29.35 -15.93 -8.85
C THR C 69 28.06 -16.54 -9.36
N ASP C 70 27.08 -15.69 -9.57
CA ASP C 70 25.78 -16.11 -10.03
C ASP C 70 25.83 -16.71 -11.42
N LEU C 71 25.18 -17.87 -11.57
CA LEU C 71 25.07 -18.61 -12.82
C LEU C 71 24.67 -17.76 -14.03
N ASP C 72 23.84 -16.74 -13.80
CA ASP C 72 23.34 -15.87 -14.84
C ASP C 72 24.45 -15.08 -15.52
N LEU C 73 25.60 -14.94 -14.88
CA LEU C 73 26.70 -14.25 -15.51
C LEU C 73 27.30 -15.11 -16.61
N GLY C 74 27.08 -16.43 -16.53
CA GLY C 74 27.50 -17.30 -17.59
C GLY C 74 26.63 -17.00 -18.77
N HIS C 75 25.33 -16.82 -18.50
CA HIS C 75 24.40 -16.47 -19.55
C HIS C 75 24.76 -15.15 -20.17
N TYR C 76 25.22 -14.20 -19.35
CA TYR C 76 25.60 -12.91 -19.88
C TYR C 76 26.77 -13.03 -20.83
N GLU C 77 27.75 -13.87 -20.50
CA GLU C 77 28.87 -14.06 -21.40
C GLU C 77 28.48 -14.85 -22.64
N ARG C 78 27.38 -15.59 -22.59
CA ARG C 78 26.95 -16.30 -23.77
C ARG C 78 26.25 -15.39 -24.79
N PHE C 79 25.98 -14.13 -24.43
CA PHE C 79 25.30 -13.24 -25.36
C PHE C 79 26.10 -12.03 -25.74
N ILE C 80 26.92 -11.53 -24.84
CA ILE C 80 27.76 -10.40 -25.22
C ILE C 80 29.19 -10.75 -25.04
N ARG C 81 30.04 -10.06 -25.77
CA ARG C 81 31.46 -10.37 -25.76
C ARG C 81 32.28 -9.69 -24.69
N THR C 82 31.61 -9.02 -23.75
CA THR C 82 32.33 -8.41 -22.65
C THR C 82 32.53 -9.46 -21.58
N LYS C 83 33.35 -9.17 -20.60
CA LYS C 83 33.62 -10.16 -19.57
C LYS C 83 32.95 -9.85 -18.25
N MET C 84 32.40 -10.88 -17.64
CA MET C 84 31.75 -10.76 -16.35
C MET C 84 32.75 -10.92 -15.23
N SER C 85 33.25 -9.80 -14.74
CA SER C 85 34.24 -9.79 -13.67
C SER C 85 33.53 -9.86 -12.35
N ARG C 86 34.31 -9.93 -11.27
CA ARG C 86 33.76 -9.84 -9.92
C ARG C 86 32.90 -8.59 -9.69
N ARG C 87 33.11 -7.53 -10.48
CA ARG C 87 32.37 -6.28 -10.36
C ARG C 87 31.00 -6.37 -10.97
N ASN C 88 30.72 -7.47 -11.64
CA ASN C 88 29.47 -7.63 -12.32
C ASN C 88 28.43 -8.38 -11.48
N ASN C 89 28.74 -8.67 -10.22
CA ASN C 89 27.79 -9.38 -9.38
C ASN C 89 28.15 -9.43 -7.93
N PHE C 90 27.21 -9.01 -7.08
CA PHE C 90 27.43 -9.08 -5.64
C PHE C 90 26.12 -9.19 -4.88
N THR C 91 26.23 -9.68 -3.64
CA THR C 91 25.06 -9.98 -2.82
C THR C 91 24.83 -8.97 -1.72
N THR C 92 23.69 -9.17 -1.05
CA THR C 92 23.27 -8.31 0.03
C THR C 92 24.20 -8.48 1.21
N GLY C 93 24.51 -9.72 1.53
CA GLY C 93 25.43 -10.04 2.61
C GLY C 93 26.79 -9.42 2.35
N ARG C 94 27.26 -9.51 1.09
CA ARG C 94 28.53 -8.90 0.72
C ARG C 94 28.57 -7.44 1.11
N ILE C 95 27.50 -6.72 0.81
CA ILE C 95 27.40 -5.32 1.14
C ILE C 95 27.57 -5.08 2.62
N TYR C 96 26.84 -5.84 3.42
CA TYR C 96 26.89 -5.63 4.85
C TYR C 96 28.25 -5.94 5.41
N SER C 97 28.89 -6.96 4.88
CA SER C 97 30.21 -7.31 5.34
C SER C 97 31.14 -6.13 5.18
N ASP C 98 31.11 -5.55 3.99
CA ASP C 98 31.94 -4.42 3.67
C ASP C 98 31.64 -3.22 4.55
N VAL C 99 30.36 -2.90 4.70
CA VAL C 99 29.97 -1.74 5.48
C VAL C 99 30.31 -1.88 6.95
N LEU C 100 30.04 -3.05 7.50
CA LEU C 100 30.35 -3.30 8.88
C LEU C 100 31.83 -3.20 9.13
N ARG C 101 32.62 -3.68 8.18
CA ARG C 101 34.06 -3.59 8.30
C ARG C 101 34.51 -2.14 8.29
N LYS C 102 33.92 -1.33 7.39
CA LYS C 102 34.24 0.08 7.32
C LYS C 102 33.94 0.77 8.64
N GLU C 103 32.78 0.46 9.21
CA GLU C 103 32.44 1.01 10.50
C GLU C 103 33.43 0.61 11.55
N ARG C 104 33.76 -0.67 11.58
CA ARG C 104 34.68 -1.21 12.58
C ARG C 104 35.99 -0.46 12.59
N ARG C 105 36.51 -0.15 11.41
CA ARG C 105 37.76 0.59 11.31
C ARG C 105 37.61 2.13 11.38
N GLY C 106 36.41 2.62 11.72
CA GLY C 106 36.17 4.04 11.92
C GLY C 106 35.86 4.89 10.69
N ASP C 107 35.52 4.27 9.56
CA ASP C 107 35.27 5.02 8.33
C ASP C 107 34.05 5.94 8.37
N TYR C 108 33.16 5.75 9.35
CA TYR C 108 32.00 6.61 9.42
C TYR C 108 32.12 7.64 10.53
N LEU C 109 33.32 7.75 11.11
CA LEU C 109 33.68 8.79 12.06
C LEU C 109 32.73 9.05 13.23
N GLY C 110 32.08 8.02 13.76
CA GLY C 110 31.18 8.23 14.90
C GLY C 110 29.72 8.45 14.51
N ALA C 111 29.44 8.45 13.21
CA ALA C 111 28.08 8.63 12.72
C ALA C 111 27.28 7.35 12.78
N THR C 112 25.96 7.51 12.74
CA THR C 112 25.05 6.39 12.74
C THR C 112 25.07 5.79 11.36
N VAL C 113 25.23 4.48 11.27
CA VAL C 113 25.20 3.85 9.98
C VAL C 113 23.80 3.33 9.76
N GLN C 114 23.15 3.83 8.73
CA GLN C 114 21.78 3.48 8.45
C GLN C 114 21.62 2.96 7.05
N VAL C 115 20.54 2.22 6.81
CA VAL C 115 20.25 1.74 5.47
C VAL C 115 20.27 2.91 4.55
N ILE C 116 19.49 3.89 4.90
CA ILE C 116 19.52 5.13 4.23
C ILE C 116 20.26 6.07 5.14
N PRO C 117 21.33 6.68 4.66
CA PRO C 117 21.93 6.63 3.34
C PRO C 117 23.11 5.70 3.14
N HIS C 118 23.54 5.00 4.17
CA HIS C 118 24.84 4.34 4.02
C HIS C 118 24.81 3.07 3.23
N ILE C 119 23.78 2.26 3.39
CA ILE C 119 23.74 1.02 2.67
C ILE C 119 23.40 1.29 1.23
N THR C 120 22.47 2.21 1.00
CA THR C 120 22.09 2.53 -0.35
C THR C 120 23.22 3.20 -1.11
N ASN C 121 24.10 3.93 -0.40
CA ASN C 121 25.25 4.50 -1.07
C ASN C 121 26.24 3.44 -1.44
N ALA C 122 26.45 2.46 -0.56
CA ALA C 122 27.35 1.37 -0.87
C ALA C 122 26.93 0.70 -2.16
N ILE C 123 25.64 0.45 -2.31
CA ILE C 123 25.10 -0.16 -3.50
C ILE C 123 25.35 0.70 -4.72
N LYS C 124 24.95 1.97 -4.61
CA LYS C 124 25.07 2.93 -5.68
C LYS C 124 26.49 3.05 -6.20
N GLU C 125 27.45 3.11 -5.28
CA GLU C 125 28.84 3.24 -5.65
C GLU C 125 29.34 2.03 -6.40
N ARG C 126 28.89 0.85 -6.00
CA ARG C 126 29.28 -0.34 -6.71
C ARG C 126 28.72 -0.37 -8.13
N VAL C 127 27.50 0.14 -8.29
CA VAL C 127 26.92 0.22 -9.61
C VAL C 127 27.70 1.14 -10.51
N LEU C 128 28.05 2.30 -9.98
CA LEU C 128 28.81 3.28 -10.73
C LEU C 128 30.17 2.74 -11.12
N GLU C 129 30.77 1.96 -10.23
CA GLU C 129 32.04 1.30 -10.51
C GLU C 129 31.95 0.41 -11.74
N GLY C 130 31.01 -0.52 -11.70
CA GLY C 130 30.85 -1.47 -12.80
C GLY C 130 30.46 -0.81 -14.12
N GLY C 131 29.68 0.25 -14.06
CA GLY C 131 29.24 0.92 -15.29
C GLY C 131 30.28 1.86 -15.90
N GLU C 132 31.43 2.03 -15.26
CA GLU C 132 32.44 2.93 -15.76
C GLU C 132 32.93 2.55 -17.15
N GLY C 133 32.91 3.53 -18.05
CA GLY C 133 33.42 3.34 -19.40
C GLY C 133 32.46 2.66 -20.37
N HIS C 134 31.21 2.47 -19.98
CA HIS C 134 30.28 1.81 -20.88
C HIS C 134 29.19 2.73 -21.40
N ASP C 135 28.66 2.42 -22.57
CA ASP C 135 27.59 3.22 -23.15
C ASP C 135 26.29 2.90 -22.47
N VAL C 136 26.01 1.61 -22.36
CA VAL C 136 24.78 1.15 -21.74
C VAL C 136 25.05 0.09 -20.70
N VAL C 137 24.47 0.25 -19.53
CA VAL C 137 24.64 -0.71 -18.48
C VAL C 137 23.32 -1.27 -18.04
N LEU C 138 23.16 -2.59 -18.14
CA LEU C 138 21.94 -3.18 -17.65
C LEU C 138 22.16 -3.64 -16.24
N VAL C 139 21.20 -3.35 -15.37
CA VAL C 139 21.31 -3.78 -14.00
C VAL C 139 20.13 -4.62 -13.61
N GLU C 140 20.38 -5.88 -13.32
CA GLU C 140 19.32 -6.80 -12.95
C GLU C 140 19.13 -6.84 -11.46
N ILE C 141 17.92 -6.53 -11.03
CA ILE C 141 17.60 -6.60 -9.62
C ILE C 141 16.92 -7.90 -9.31
N GLY C 142 17.60 -8.74 -8.53
CA GLY C 142 17.04 -10.02 -8.13
C GLY C 142 15.93 -9.86 -7.11
N GLY C 143 15.28 -10.95 -6.79
CA GLY C 143 14.18 -10.92 -5.85
C GLY C 143 12.88 -10.58 -6.57
N THR C 144 11.81 -10.41 -5.80
CA THR C 144 10.52 -10.08 -6.39
C THR C 144 10.01 -8.76 -5.85
N VAL C 145 9.47 -7.93 -6.75
CA VAL C 145 8.97 -6.64 -6.31
C VAL C 145 7.81 -6.78 -5.35
N GLY C 146 7.94 -6.06 -4.24
CA GLY C 146 6.94 -6.09 -3.18
C GLY C 146 7.48 -6.86 -1.98
N ASP C 147 8.55 -7.62 -2.17
CA ASP C 147 9.17 -8.35 -1.09
C ASP C 147 10.28 -7.53 -0.44
N ILE C 148 10.43 -7.70 0.87
CA ILE C 148 11.37 -6.86 1.60
C ILE C 148 12.81 -7.18 1.28
N GLU C 149 13.05 -8.39 0.80
CA GLU C 149 14.37 -8.85 0.40
C GLU C 149 15.17 -7.95 -0.55
N SER C 150 14.53 -7.01 -1.24
CA SER C 150 15.31 -6.18 -2.15
C SER C 150 14.88 -4.73 -2.16
N LEU C 151 14.13 -4.31 -1.15
CA LEU C 151 13.68 -2.93 -1.12
C LEU C 151 14.81 -1.90 -1.05
N PRO C 152 15.89 -2.14 -0.29
CA PRO C 152 17.08 -1.29 -0.19
C PRO C 152 17.70 -1.03 -1.54
N PHE C 153 17.65 -2.03 -2.41
CA PHE C 153 18.23 -1.91 -3.72
C PHE C 153 17.37 -1.07 -4.58
N LEU C 154 16.07 -1.27 -4.47
CA LEU C 154 15.12 -0.50 -5.24
C LEU C 154 15.20 0.96 -4.85
N GLU C 155 15.44 1.20 -3.56
CA GLU C 155 15.62 2.54 -3.05
C GLU C 155 16.90 3.16 -3.54
N ALA C 156 17.99 2.39 -3.53
CA ALA C 156 19.26 2.90 -4.02
C ALA C 156 19.12 3.34 -5.45
N ILE C 157 18.38 2.57 -6.24
CA ILE C 157 18.14 2.90 -7.63
C ILE C 157 17.39 4.18 -7.78
N ARG C 158 16.30 4.31 -7.03
CA ARG C 158 15.50 5.50 -7.10
C ARG C 158 16.36 6.73 -6.89
N GLN C 159 17.18 6.69 -5.83
CA GLN C 159 18.08 7.79 -5.52
C GLN C 159 19.01 8.08 -6.67
N MET C 160 19.66 7.03 -7.17
CA MET C 160 20.59 7.15 -8.27
C MET C 160 19.97 7.77 -9.49
N ALA C 161 18.82 7.24 -9.87
CA ALA C 161 18.09 7.71 -11.04
C ALA C 161 17.86 9.19 -10.98
N VAL C 162 17.44 9.68 -9.82
CA VAL C 162 17.24 11.09 -9.64
C VAL C 162 18.54 11.86 -9.79
N GLU C 163 19.60 11.34 -9.19
CA GLU C 163 20.90 12.00 -9.25
C GLU C 163 21.51 12.04 -10.65
N ILE C 164 21.29 10.99 -11.45
CA ILE C 164 21.88 10.98 -12.78
C ILE C 164 20.97 11.59 -13.81
N GLY C 165 19.68 11.66 -13.51
CA GLY C 165 18.71 12.27 -14.42
C GLY C 165 18.01 11.22 -15.26
N ARG C 166 16.76 11.50 -15.61
CA ARG C 166 15.95 10.55 -16.38
C ARG C 166 16.47 10.33 -17.78
N GLU C 167 17.18 11.29 -18.32
CA GLU C 167 17.78 11.16 -19.62
C GLU C 167 18.86 10.08 -19.69
N HIS C 168 19.28 9.53 -18.54
CA HIS C 168 20.24 8.46 -18.54
C HIS C 168 19.70 7.21 -17.89
N THR C 169 18.39 7.10 -17.72
CA THR C 169 17.88 5.88 -17.13
C THR C 169 16.49 5.46 -17.56
N LEU C 170 16.32 4.15 -17.71
CA LEU C 170 15.01 3.56 -18.04
C LEU C 170 14.63 2.45 -17.09
N PHE C 171 13.32 2.30 -16.87
CA PHE C 171 12.83 1.24 -16.00
C PHE C 171 12.08 0.16 -16.75
N MET C 172 12.68 -1.01 -16.79
CA MET C 172 12.07 -2.16 -17.43
C MET C 172 11.52 -3.11 -16.39
N HIS C 173 10.33 -3.64 -16.63
CA HIS C 173 9.71 -4.49 -15.65
C HIS C 173 8.95 -5.66 -16.22
N LEU C 174 9.31 -6.85 -15.77
CA LEU C 174 8.68 -8.08 -16.19
C LEU C 174 7.47 -8.41 -15.36
N THR C 175 6.46 -8.92 -16.03
CA THR C 175 5.25 -9.35 -15.38
C THR C 175 4.78 -10.66 -15.93
N LEU C 176 3.67 -11.11 -15.38
CA LEU C 176 3.04 -12.33 -15.81
C LEU C 176 1.64 -12.06 -16.27
N VAL C 177 1.35 -12.50 -17.46
CA VAL C 177 0.02 -12.41 -18.03
C VAL C 177 -0.43 -13.83 -18.27
N PRO C 178 -0.83 -14.52 -17.20
CA PRO C 178 -1.16 -15.93 -17.15
C PRO C 178 -2.41 -16.24 -17.92
N TYR C 179 -2.44 -17.44 -18.48
CA TYR C 179 -3.60 -17.89 -19.21
C TYR C 179 -4.51 -18.69 -18.34
N MET C 180 -5.77 -18.28 -18.28
CA MET C 180 -6.76 -18.96 -17.49
C MET C 180 -7.72 -19.72 -18.37
N ALA C 181 -7.39 -20.99 -18.61
CA ALA C 181 -8.15 -21.90 -19.45
C ALA C 181 -9.62 -21.99 -19.05
N ALA C 182 -9.89 -21.92 -17.75
CA ALA C 182 -11.26 -21.95 -17.27
C ALA C 182 -12.09 -20.80 -17.85
N SER C 183 -11.44 -19.64 -18.04
CA SER C 183 -12.09 -18.50 -18.62
C SER C 183 -11.85 -18.46 -20.11
N GLY C 184 -10.79 -19.14 -20.55
CA GLY C 184 -10.42 -19.19 -21.95
C GLY C 184 -9.63 -17.95 -22.34
N GLU C 185 -9.05 -17.25 -21.37
CA GLU C 185 -8.33 -16.02 -21.69
C GLU C 185 -7.26 -15.70 -20.67
N VAL C 186 -6.35 -14.81 -21.06
CA VAL C 186 -5.32 -14.36 -20.16
C VAL C 186 -5.83 -13.22 -19.30
N LYS C 187 -5.19 -13.01 -18.16
CA LYS C 187 -5.60 -11.92 -17.27
C LYS C 187 -4.51 -10.87 -17.12
N THR C 188 -4.90 -9.60 -16.87
CA THR C 188 -3.89 -8.56 -16.74
C THR C 188 -3.84 -7.95 -15.35
N LYS C 189 -4.88 -8.19 -14.56
CA LYS C 189 -4.97 -7.63 -13.21
C LYS C 189 -3.67 -7.69 -12.39
N PRO C 190 -3.00 -8.85 -12.24
CA PRO C 190 -1.75 -9.03 -11.53
C PRO C 190 -0.70 -8.01 -11.95
N THR C 191 -0.65 -7.72 -13.25
CA THR C 191 0.30 -6.78 -13.81
C THR C 191 0.02 -5.40 -13.33
N GLN C 192 -1.25 -5.05 -13.35
CA GLN C 192 -1.65 -3.73 -12.93
C GLN C 192 -1.19 -3.49 -11.51
N HIS C 193 -1.36 -4.51 -10.66
CA HIS C 193 -0.95 -4.37 -9.28
C HIS C 193 0.55 -4.31 -9.12
N SER C 194 1.28 -5.10 -9.93
CA SER C 194 2.73 -5.11 -9.85
C SER C 194 3.29 -3.73 -10.10
N VAL C 195 2.76 -3.07 -11.12
CA VAL C 195 3.17 -1.72 -11.44
C VAL C 195 2.86 -0.78 -10.31
N LYS C 196 1.66 -0.89 -9.74
CA LYS C 196 1.29 -0.05 -8.62
C LYS C 196 2.27 -0.21 -7.47
N GLU C 197 2.79 -1.42 -7.28
CA GLU C 197 3.74 -1.66 -6.23
C GLU C 197 5.02 -0.91 -6.47
N LEU C 198 5.53 -0.94 -7.71
CA LEU C 198 6.72 -0.15 -7.98
C LEU C 198 6.49 1.31 -7.77
N LEU C 199 5.33 1.79 -8.15
CA LEU C 199 5.03 3.17 -7.98
C LEU C 199 5.06 3.55 -6.52
N SER C 200 4.55 2.68 -5.65
CA SER C 200 4.50 3.00 -4.23
C SER C 200 5.89 3.15 -3.60
N ILE C 201 6.94 2.70 -4.28
CA ILE C 201 8.27 2.85 -3.75
C ILE C 201 9.08 3.85 -4.59
N GLY C 202 8.39 4.72 -5.33
CA GLY C 202 9.04 5.78 -6.09
C GLY C 202 9.50 5.41 -7.49
N ILE C 203 9.03 4.30 -8.04
CA ILE C 203 9.45 3.88 -9.37
C ILE C 203 8.32 3.81 -10.41
N GLN C 204 8.46 4.59 -11.46
CA GLN C 204 7.53 4.57 -12.59
C GLN C 204 8.15 3.85 -13.78
N PRO C 205 7.63 2.68 -14.15
CA PRO C 205 8.05 1.85 -15.27
C PRO C 205 7.94 2.57 -16.58
N ASP C 206 8.88 2.29 -17.46
CA ASP C 206 8.87 2.84 -18.79
C ASP C 206 8.57 1.77 -19.82
N ILE C 207 9.09 0.57 -19.57
CA ILE C 207 8.95 -0.55 -20.49
C ILE C 207 8.39 -1.77 -19.78
N LEU C 208 7.36 -2.37 -20.36
CA LEU C 208 6.77 -3.55 -19.74
C LEU C 208 6.99 -4.80 -20.58
N ILE C 209 7.32 -5.89 -19.90
CA ILE C 209 7.51 -7.18 -20.55
C ILE C 209 6.44 -8.17 -20.09
N CYS C 210 5.58 -8.61 -21.00
CA CYS C 210 4.48 -9.49 -20.63
C CYS C 210 4.80 -10.95 -20.85
N ARG C 211 5.27 -11.63 -19.81
CA ARG C 211 5.62 -13.03 -19.95
C ARG C 211 4.39 -13.90 -19.94
N SER C 212 4.36 -14.83 -20.86
CA SER C 212 3.25 -15.76 -20.94
C SER C 212 3.62 -16.93 -21.79
N ASP C 213 2.70 -17.85 -21.95
CA ASP C 213 2.90 -18.98 -22.84
C ASP C 213 2.31 -18.71 -24.22
N ARG C 214 1.98 -17.45 -24.51
CA ARG C 214 1.37 -17.10 -25.78
C ARG C 214 1.34 -15.61 -25.98
N ALA C 215 1.30 -15.19 -27.23
CA ALA C 215 1.29 -13.78 -27.54
C ALA C 215 0.10 -13.10 -26.89
N VAL C 216 0.36 -11.94 -26.31
CA VAL C 216 -0.68 -11.16 -25.68
C VAL C 216 -1.28 -10.21 -26.72
N PRO C 217 -2.60 -10.20 -26.89
CA PRO C 217 -3.35 -9.37 -27.82
C PRO C 217 -3.08 -7.91 -27.59
N ALA C 218 -3.03 -7.15 -28.67
CA ALA C 218 -2.78 -5.72 -28.65
C ALA C 218 -3.76 -4.98 -27.76
N ASN C 219 -4.99 -5.47 -27.74
CA ASN C 219 -6.02 -4.88 -26.92
C ASN C 219 -5.66 -4.96 -25.46
N GLU C 220 -5.07 -6.07 -25.06
CA GLU C 220 -4.75 -6.28 -23.68
C GLU C 220 -3.55 -5.46 -23.32
N ARG C 221 -2.64 -5.34 -24.28
CA ARG C 221 -1.46 -4.54 -24.11
C ARG C 221 -1.86 -3.08 -23.95
N ALA C 222 -2.88 -2.65 -24.69
CA ALA C 222 -3.41 -1.31 -24.60
C ALA C 222 -4.04 -1.06 -23.23
N LYS C 223 -4.77 -2.05 -22.72
CA LYS C 223 -5.39 -1.94 -21.41
C LYS C 223 -4.33 -1.73 -20.35
N ILE C 224 -3.24 -2.47 -20.48
CA ILE C 224 -2.13 -2.34 -19.57
C ILE C 224 -1.51 -0.97 -19.67
N ALA C 225 -1.27 -0.53 -20.90
CA ALA C 225 -0.71 0.78 -21.19
C ALA C 225 -1.49 1.85 -20.45
N LEU C 226 -2.81 1.77 -20.53
CA LEU C 226 -3.68 2.70 -19.84
C LEU C 226 -3.42 2.75 -18.36
N PHE C 227 -3.55 1.62 -17.71
CA PHE C 227 -3.45 1.59 -16.26
C PHE C 227 -2.06 1.82 -15.70
N CYS C 228 -1.04 1.68 -16.53
CA CYS C 228 0.30 1.81 -16.03
C CYS C 228 1.00 3.12 -16.38
N ASN C 229 0.31 4.02 -17.08
CA ASN C 229 0.93 5.28 -17.53
C ASN C 229 2.07 5.02 -18.52
N VAL C 230 1.89 4.04 -19.39
CA VAL C 230 2.94 3.65 -20.32
C VAL C 230 2.40 3.67 -21.74
N PRO C 231 3.16 4.19 -22.71
CA PRO C 231 2.83 4.20 -24.13
C PRO C 231 2.62 2.78 -24.63
N GLU C 232 1.68 2.59 -25.54
CA GLU C 232 1.36 1.26 -26.04
C GLU C 232 2.54 0.57 -26.65
N LYS C 233 3.37 1.31 -27.38
CA LYS C 233 4.55 0.76 -28.02
C LYS C 233 5.62 0.31 -27.04
N ALA C 234 5.52 0.73 -25.79
CA ALA C 234 6.47 0.33 -24.77
C ALA C 234 5.98 -0.92 -24.02
N VAL C 235 4.81 -1.44 -24.39
CA VAL C 235 4.31 -2.66 -23.80
C VAL C 235 4.61 -3.81 -24.73
N ILE C 236 5.62 -4.58 -24.36
CA ILE C 236 6.16 -5.67 -25.15
C ILE C 236 5.62 -7.04 -24.74
N SER C 237 5.18 -7.84 -25.70
CA SER C 237 4.67 -9.18 -25.39
C SER C 237 5.78 -10.21 -25.49
N LEU C 238 5.84 -11.14 -24.55
CA LEU C 238 6.88 -12.16 -24.65
C LEU C 238 6.38 -13.55 -24.27
N LYS C 239 5.97 -14.26 -25.30
CA LYS C 239 5.48 -15.62 -25.19
C LYS C 239 6.62 -16.61 -24.99
N ASP C 240 6.31 -17.75 -24.41
CA ASP C 240 7.30 -18.80 -24.23
C ASP C 240 7.77 -19.38 -25.54
N VAL C 241 9.08 -19.64 -25.62
CA VAL C 241 9.71 -20.21 -26.80
C VAL C 241 10.58 -21.38 -26.42
N ASP C 242 10.95 -22.19 -27.42
CA ASP C 242 11.79 -23.35 -27.19
C ASP C 242 13.29 -23.09 -27.26
N SER C 243 13.69 -21.83 -27.35
CA SER C 243 15.11 -21.49 -27.36
C SER C 243 15.36 -20.05 -27.07
N ILE C 244 16.25 -19.83 -26.13
CA ILE C 244 16.67 -18.50 -25.73
C ILE C 244 17.25 -17.73 -26.89
N TYR C 245 17.85 -18.44 -27.84
CA TYR C 245 18.54 -17.81 -28.94
C TYR C 245 17.58 -17.11 -29.90
N LYS C 246 16.27 -17.34 -29.73
CA LYS C 246 15.24 -16.72 -30.56
C LYS C 246 14.69 -15.43 -29.96
N ILE C 247 15.10 -15.10 -28.74
CA ILE C 247 14.54 -13.95 -28.08
C ILE C 247 14.96 -12.62 -28.67
N PRO C 248 16.24 -12.39 -29.03
CA PRO C 248 16.75 -11.19 -29.67
C PRO C 248 15.90 -10.86 -30.88
N GLY C 249 15.49 -11.89 -31.61
CA GLY C 249 14.66 -11.72 -32.78
C GLY C 249 13.32 -11.12 -32.39
N LEU C 250 12.72 -11.66 -31.35
CA LEU C 250 11.43 -11.16 -30.88
C LEU C 250 11.47 -9.73 -30.37
N LEU C 251 12.53 -9.39 -29.63
CA LEU C 251 12.64 -8.07 -29.06
C LEU C 251 12.87 -7.06 -30.17
N LYS C 252 13.66 -7.46 -31.15
CA LYS C 252 13.92 -6.65 -32.30
C LYS C 252 12.65 -6.44 -33.09
N SER C 253 11.90 -7.52 -33.26
CA SER C 253 10.64 -7.48 -34.00
C SER C 253 9.68 -6.44 -33.45
N GLN C 254 9.64 -6.30 -32.13
CA GLN C 254 8.74 -5.32 -31.54
C GLN C 254 9.32 -3.92 -31.38
N GLY C 255 10.54 -3.68 -31.88
CA GLY C 255 11.13 -2.33 -31.86
C GLY C 255 11.67 -1.85 -30.52
N LEU C 256 11.95 -2.77 -29.61
CA LEU C 256 12.40 -2.41 -28.28
C LEU C 256 13.66 -1.55 -28.27
N ASP C 257 14.66 -2.00 -28.99
CA ASP C 257 15.94 -1.31 -29.03
C ASP C 257 15.89 0.07 -29.67
N ASP C 258 15.04 0.23 -30.68
CA ASP C 258 14.85 1.54 -31.30
C ASP C 258 14.31 2.52 -30.29
N TYR C 259 13.34 2.07 -29.52
CA TYR C 259 12.79 2.89 -28.46
C TYR C 259 13.88 3.34 -27.53
N ILE C 260 14.70 2.40 -27.10
CA ILE C 260 15.78 2.68 -26.18
C ILE C 260 16.79 3.69 -26.70
N CYS C 261 17.27 3.51 -27.93
CA CYS C 261 18.22 4.47 -28.48
C CYS C 261 17.58 5.84 -28.62
N LYS C 262 16.29 5.87 -28.95
CA LYS C 262 15.58 7.13 -29.02
C LYS C 262 15.58 7.82 -27.67
N ARG C 263 15.31 7.05 -26.61
CA ARG C 263 15.30 7.60 -25.27
C ARG C 263 16.67 8.08 -24.83
N PHE C 264 17.72 7.44 -25.32
CA PHE C 264 19.06 7.89 -24.98
C PHE C 264 19.71 8.73 -26.06
N SER C 265 18.93 9.22 -27.03
CA SER C 265 19.46 10.05 -28.11
C SER C 265 20.67 9.43 -28.82
N LEU C 266 20.65 8.12 -29.01
CA LEU C 266 21.76 7.46 -29.67
C LEU C 266 21.47 7.17 -31.13
N ASN C 267 22.44 7.46 -31.97
CA ASN C 267 22.29 7.20 -33.39
C ASN C 267 22.78 5.81 -33.66
N CYS C 268 21.94 4.84 -33.32
CA CYS C 268 22.28 3.43 -33.39
C CYS C 268 22.02 2.81 -34.77
N PRO C 269 23.04 2.18 -35.38
CA PRO C 269 23.01 1.41 -36.62
C PRO C 269 22.12 0.19 -36.47
N GLU C 270 21.52 -0.24 -37.57
CA GLU C 270 20.65 -1.43 -37.61
C GLU C 270 21.31 -2.67 -37.01
N ALA C 271 20.63 -3.31 -36.07
CA ALA C 271 21.18 -4.50 -35.40
C ALA C 271 21.47 -5.63 -36.34
N ASN C 272 22.68 -6.18 -36.22
CA ASN C 272 23.03 -7.37 -36.96
C ASN C 272 22.83 -8.60 -36.09
N LEU C 273 21.65 -9.19 -36.16
CA LEU C 273 21.35 -10.36 -35.37
C LEU C 273 21.50 -11.67 -36.15
N SER C 274 22.09 -11.58 -37.34
CA SER C 274 22.22 -12.73 -38.22
C SER C 274 23.06 -13.84 -37.63
N GLU C 275 23.91 -13.51 -36.67
CA GLU C 275 24.74 -14.51 -36.02
C GLU C 275 23.87 -15.50 -35.28
N TRP C 276 22.80 -15.01 -34.68
CA TRP C 276 21.91 -15.88 -33.95
C TRP C 276 20.94 -16.51 -34.88
N GLU C 277 20.60 -15.81 -35.97
CA GLU C 277 19.68 -16.38 -36.94
C GLU C 277 20.29 -17.65 -37.51
N GLN C 278 21.60 -17.60 -37.77
CA GLN C 278 22.34 -18.75 -38.21
C GLN C 278 22.22 -19.87 -37.21
N VAL C 279 22.49 -19.55 -35.95
CA VAL C 279 22.41 -20.52 -34.88
C VAL C 279 21.04 -21.15 -34.79
N ILE C 280 20.00 -20.31 -34.88
CA ILE C 280 18.63 -20.77 -34.83
C ILE C 280 18.34 -21.74 -35.93
N PHE C 281 18.76 -21.41 -37.15
CA PHE C 281 18.57 -22.29 -38.27
C PHE C 281 19.19 -23.65 -38.03
N GLU C 282 20.44 -23.63 -37.62
CA GLU C 282 21.21 -24.83 -37.39
C GLU C 282 20.64 -25.64 -36.23
N GLU C 283 20.17 -24.93 -35.20
CA GLU C 283 19.51 -25.54 -34.05
C GLU C 283 18.25 -26.25 -34.46
N ALA C 284 17.43 -25.54 -35.23
CA ALA C 284 16.15 -26.04 -35.72
C ALA C 284 16.30 -27.12 -36.77
N ASN C 285 17.42 -27.12 -37.48
CA ASN C 285 17.63 -28.10 -38.54
C ASN C 285 18.96 -28.84 -38.45
N PRO C 286 19.15 -29.72 -37.48
CA PRO C 286 20.27 -30.61 -37.31
C PRO C 286 20.13 -31.72 -38.33
N VAL C 287 21.23 -32.32 -38.73
CA VAL C 287 21.16 -33.40 -39.70
C VAL C 287 21.09 -34.76 -38.99
N SER C 288 21.50 -34.81 -37.72
CA SER C 288 21.45 -36.07 -36.99
C SER C 288 21.04 -35.91 -35.53
N GLU C 289 21.21 -36.99 -34.77
CA GLU C 289 20.92 -37.00 -33.34
C GLU C 289 21.73 -38.08 -32.61
N VAL C 290 22.13 -37.77 -31.38
CA VAL C 290 22.85 -38.72 -30.53
C VAL C 290 22.34 -38.73 -29.11
N THR C 291 22.58 -39.84 -28.39
CA THR C 291 22.20 -39.93 -26.98
C THR C 291 23.45 -40.04 -26.13
N ILE C 292 23.55 -39.14 -25.16
CA ILE C 292 24.72 -39.08 -24.33
C ILE C 292 24.35 -39.17 -22.85
N GLY C 293 24.99 -40.08 -22.14
CA GLY C 293 24.69 -40.24 -20.72
C GLY C 293 25.51 -39.30 -19.86
N MET C 294 24.88 -38.78 -18.81
CA MET C 294 25.55 -37.91 -17.84
C MET C 294 25.45 -38.51 -16.45
N VAL C 295 26.56 -39.04 -15.96
CA VAL C 295 26.56 -39.68 -14.64
C VAL C 295 27.04 -38.72 -13.58
N GLY C 296 26.20 -38.48 -12.58
CA GLY C 296 26.59 -37.54 -11.55
C GLY C 296 25.87 -37.68 -10.22
N LYS C 297 25.52 -36.54 -9.64
CA LYS C 297 24.95 -36.54 -8.29
C LYS C 297 23.82 -35.56 -8.11
N TYR C 298 23.93 -34.40 -8.74
CA TYR C 298 22.94 -33.36 -8.57
C TYR C 298 21.92 -33.36 -9.71
N ILE C 299 21.71 -34.52 -10.33
CA ILE C 299 20.85 -34.62 -11.50
C ILE C 299 19.37 -34.36 -11.22
N GLU C 300 18.99 -34.29 -9.96
CA GLU C 300 17.63 -33.94 -9.59
C GLU C 300 17.31 -32.48 -9.89
N LEU C 301 18.34 -31.69 -10.19
CA LEU C 301 18.19 -30.31 -10.57
C LEU C 301 19.14 -29.97 -11.68
N PRO C 302 18.69 -29.98 -12.93
CA PRO C 302 19.43 -29.73 -14.17
C PRO C 302 20.30 -28.50 -14.08
N ASP C 303 19.84 -27.49 -13.35
CA ASP C 303 20.57 -26.25 -13.14
C ASP C 303 21.98 -26.48 -12.59
N ALA C 304 22.15 -27.54 -11.81
CA ALA C 304 23.44 -27.90 -11.24
C ALA C 304 24.48 -28.19 -12.29
N TYR C 305 24.04 -28.64 -13.46
CA TYR C 305 24.94 -28.92 -14.55
C TYR C 305 24.58 -28.06 -15.75
N LYS C 306 23.96 -26.90 -15.50
CA LYS C 306 23.48 -26.00 -16.54
C LYS C 306 24.50 -25.67 -17.58
N SER C 307 25.63 -25.14 -17.14
CA SER C 307 26.68 -24.72 -18.03
C SER C 307 27.21 -25.85 -18.88
N VAL C 308 27.20 -27.07 -18.32
CA VAL C 308 27.65 -28.24 -19.04
C VAL C 308 26.69 -28.58 -20.14
N ILE C 309 25.40 -28.58 -19.80
CA ILE C 309 24.34 -28.87 -20.74
C ILE C 309 24.39 -27.92 -21.91
N GLU C 310 24.59 -26.64 -21.60
CA GLU C 310 24.70 -25.61 -22.62
C GLU C 310 25.89 -25.86 -23.54
N ALA C 311 27.03 -26.22 -22.96
CA ALA C 311 28.21 -26.52 -23.74
C ALA C 311 27.98 -27.70 -24.69
N LEU C 312 27.28 -28.71 -24.19
CA LEU C 312 26.91 -29.87 -25.01
C LEU C 312 26.04 -29.47 -26.18
N LYS C 313 25.11 -28.56 -25.91
CA LYS C 313 24.24 -28.04 -26.93
C LYS C 313 25.05 -27.37 -28.03
N HIS C 314 26.06 -26.60 -27.62
CA HIS C 314 26.91 -25.88 -28.54
C HIS C 314 27.73 -26.80 -29.43
N GLY C 315 28.20 -27.91 -28.89
CA GLY C 315 28.89 -28.91 -29.69
C GLY C 315 27.93 -29.44 -30.75
N GLY C 316 26.70 -29.72 -30.32
CA GLY C 316 25.63 -30.21 -31.19
C GLY C 316 25.32 -29.23 -32.32
N LEU C 317 25.30 -27.94 -32.00
CA LEU C 317 25.03 -26.94 -33.03
C LEU C 317 26.08 -26.97 -34.11
N LYS C 318 27.34 -27.11 -33.71
CA LYS C 318 28.41 -27.12 -34.69
C LYS C 318 28.41 -28.38 -35.53
N ASN C 319 27.94 -29.48 -34.97
CA ASN C 319 27.86 -30.70 -35.74
C ASN C 319 26.46 -30.98 -36.26
N ARG C 320 25.55 -29.99 -36.18
CA ARG C 320 24.18 -30.18 -36.64
C ARG C 320 23.59 -31.49 -36.14
N VAL C 321 23.66 -31.71 -34.84
CA VAL C 321 23.19 -32.94 -34.27
C VAL C 321 22.50 -32.73 -32.93
N SER C 322 21.35 -33.36 -32.77
CA SER C 322 20.60 -33.23 -31.52
C SER C 322 21.31 -33.94 -30.39
N VAL C 323 21.32 -33.31 -29.23
CA VAL C 323 22.00 -33.88 -28.06
C VAL C 323 21.03 -34.27 -26.97
N ASN C 324 20.72 -35.57 -26.90
CA ASN C 324 19.80 -36.14 -25.92
C ASN C 324 20.53 -36.56 -24.66
N ILE C 325 20.36 -35.81 -23.57
CA ILE C 325 21.06 -36.16 -22.34
C ILE C 325 20.27 -37.04 -21.39
N LYS C 326 20.90 -38.15 -21.00
CA LYS C 326 20.33 -39.06 -20.02
C LYS C 326 20.94 -38.80 -18.67
N LEU C 327 20.16 -38.31 -17.73
CA LEU C 327 20.73 -38.09 -16.42
C LEU C 327 20.78 -39.39 -15.64
N ILE C 328 21.94 -39.66 -15.09
CA ILE C 328 22.20 -40.89 -14.38
C ILE C 328 22.77 -40.66 -12.99
N ASP C 329 22.16 -41.27 -12.01
CA ASP C 329 22.68 -41.16 -10.67
C ASP C 329 23.81 -42.15 -10.49
N SER C 330 24.98 -41.63 -10.16
CA SER C 330 26.15 -42.45 -9.90
C SER C 330 25.92 -43.53 -8.87
N GLN C 331 25.00 -43.29 -7.94
CA GLN C 331 24.67 -44.22 -6.89
C GLN C 331 23.89 -45.41 -7.44
N ASP C 332 23.22 -45.21 -8.58
CA ASP C 332 22.49 -46.27 -9.24
C ASP C 332 23.45 -47.09 -10.07
N VAL C 333 24.45 -46.45 -10.65
CA VAL C 333 25.47 -47.24 -11.34
C VAL C 333 26.16 -48.09 -10.32
N GLU C 334 26.43 -47.50 -9.16
CA GLU C 334 26.99 -48.22 -8.04
C GLU C 334 26.09 -49.40 -7.63
N THR C 335 24.77 -49.16 -7.55
CA THR C 335 23.79 -50.17 -7.14
C THR C 335 23.39 -51.14 -8.26
N ARG C 336 22.68 -50.62 -9.25
CA ARG C 336 22.18 -51.40 -10.37
C ARG C 336 23.29 -51.89 -11.27
N GLY C 337 24.28 -51.05 -11.50
CA GLY C 337 25.39 -51.43 -12.35
C GLY C 337 25.33 -50.80 -13.74
N VAL C 338 26.32 -51.18 -14.55
CA VAL C 338 26.51 -50.70 -15.91
C VAL C 338 25.36 -50.90 -16.89
N GLU C 339 24.32 -51.65 -16.52
CA GLU C 339 23.16 -51.83 -17.39
C GLU C 339 22.53 -50.48 -17.76
N ILE C 340 22.71 -49.50 -16.88
CA ILE C 340 22.26 -48.14 -17.04
C ILE C 340 22.92 -47.44 -18.21
N LEU C 341 24.18 -47.81 -18.44
CA LEU C 341 25.04 -47.21 -19.42
C LEU C 341 24.83 -47.79 -20.82
N LYS C 342 23.92 -48.74 -20.95
CA LYS C 342 23.63 -49.34 -22.23
C LYS C 342 22.69 -48.44 -23.02
N GLY C 343 22.76 -48.53 -24.35
CA GLY C 343 21.90 -47.74 -25.21
C GLY C 343 22.40 -46.30 -25.40
N LEU C 344 23.65 -46.06 -25.05
CA LEU C 344 24.22 -44.72 -25.16
C LEU C 344 25.25 -44.65 -26.27
N ASP C 345 25.33 -43.48 -26.91
CA ASP C 345 26.28 -43.25 -27.98
C ASP C 345 27.55 -42.68 -27.40
N ALA C 346 27.41 -41.93 -26.30
CA ALA C 346 28.57 -41.40 -25.63
C ALA C 346 28.33 -41.28 -24.15
N ILE C 347 29.43 -41.21 -23.42
CA ILE C 347 29.43 -41.11 -21.99
C ILE C 347 30.09 -39.84 -21.50
N LEU C 348 29.41 -39.15 -20.60
CA LEU C 348 29.95 -37.94 -20.03
C LEU C 348 29.88 -37.92 -18.52
N VAL C 349 30.98 -37.48 -17.92
CA VAL C 349 31.06 -37.36 -16.48
C VAL C 349 31.51 -35.96 -16.10
N PRO C 350 30.60 -35.13 -15.58
CA PRO C 350 30.76 -33.75 -15.16
C PRO C 350 31.54 -33.64 -13.85
N GLY C 351 31.96 -32.43 -13.52
CA GLY C 351 32.69 -32.18 -12.29
C GLY C 351 31.74 -32.03 -11.11
N GLY C 352 32.27 -31.56 -9.98
CA GLY C 352 31.46 -31.36 -8.78
C GLY C 352 32.16 -31.81 -7.52
N PHE C 353 31.43 -31.80 -6.40
CA PHE C 353 31.98 -32.21 -5.11
C PHE C 353 31.05 -33.19 -4.40
N GLY C 354 31.64 -34.07 -3.59
CA GLY C 354 30.91 -35.06 -2.82
C GLY C 354 31.18 -36.48 -3.30
N TYR C 355 31.21 -37.43 -2.36
CA TYR C 355 31.44 -38.82 -2.71
C TYR C 355 30.18 -39.41 -3.30
N ARG C 356 29.16 -39.59 -2.45
CA ARG C 356 27.85 -40.14 -2.79
C ARG C 356 27.88 -41.49 -3.47
N GLY C 357 28.25 -41.51 -4.74
CA GLY C 357 28.34 -42.72 -5.52
C GLY C 357 29.47 -42.63 -6.54
N VAL C 358 30.52 -41.89 -6.20
CA VAL C 358 31.67 -41.71 -7.08
C VAL C 358 32.31 -43.03 -7.49
N GLU C 359 32.14 -44.08 -6.70
CA GLU C 359 32.66 -45.36 -7.10
C GLU C 359 31.89 -45.86 -8.33
N GLY C 360 30.60 -45.53 -8.39
CA GLY C 360 29.78 -45.85 -9.55
C GLY C 360 30.24 -45.00 -10.74
N MET C 361 30.69 -43.77 -10.45
CA MET C 361 31.24 -42.91 -11.50
C MET C 361 32.48 -43.57 -12.09
N ILE C 362 33.30 -44.15 -11.21
CA ILE C 362 34.51 -44.87 -11.63
C ILE C 362 34.13 -46.06 -12.47
N THR C 363 33.11 -46.79 -12.04
CA THR C 363 32.59 -47.93 -12.79
C THR C 363 32.18 -47.50 -14.19
N THR C 364 31.52 -46.35 -14.29
CA THR C 364 31.13 -45.79 -15.56
C THR C 364 32.31 -45.44 -16.42
N ALA C 365 33.31 -44.81 -15.82
CA ALA C 365 34.52 -44.44 -16.56
C ALA C 365 35.15 -45.68 -17.15
N ARG C 366 35.23 -46.73 -16.33
CA ARG C 366 35.75 -48.01 -16.73
C ARG C 366 34.96 -48.56 -17.89
N PHE C 367 33.64 -48.53 -17.77
CA PHE C 367 32.74 -49.01 -18.80
C PHE C 367 32.99 -48.34 -20.14
N ALA C 368 32.99 -47.01 -20.16
CA ALA C 368 33.19 -46.25 -21.38
C ALA C 368 34.57 -46.50 -21.97
N ARG C 369 35.57 -46.53 -21.10
CA ARG C 369 36.93 -46.77 -21.53
C ARG C 369 37.09 -48.12 -22.17
N GLU C 370 36.75 -49.15 -21.42
CA GLU C 370 36.92 -50.52 -21.87
C GLU C 370 36.03 -50.87 -23.05
N ASN C 371 34.87 -50.23 -23.17
CA ASN C 371 34.01 -50.52 -24.30
C ASN C 371 34.14 -49.50 -25.44
N ASN C 372 35.17 -48.64 -25.39
CA ASN C 372 35.41 -47.69 -26.47
C ASN C 372 34.23 -46.79 -26.83
N ILE C 373 33.56 -46.25 -25.82
CA ILE C 373 32.41 -45.41 -26.04
C ILE C 373 32.71 -43.93 -25.76
N PRO C 374 33.00 -43.13 -26.80
CA PRO C 374 33.22 -41.65 -26.73
C PRO C 374 33.05 -41.07 -25.33
N TYR C 375 34.17 -40.93 -24.62
CA TYR C 375 34.13 -40.46 -23.24
C TYR C 375 34.66 -39.05 -23.00
N LEU C 376 33.89 -38.23 -22.25
CA LEU C 376 34.34 -36.89 -21.89
C LEU C 376 34.29 -36.68 -20.37
N GLY C 377 35.45 -36.36 -19.79
CA GLY C 377 35.54 -36.14 -18.35
C GLY C 377 35.88 -34.68 -18.00
N ILE C 378 35.17 -34.15 -17.01
CA ILE C 378 35.39 -32.76 -16.60
C ILE C 378 35.70 -32.65 -15.11
N CYS C 379 36.80 -31.96 -14.76
CA CYS C 379 37.22 -31.78 -13.37
C CYS C 379 37.11 -33.11 -12.65
N LEU C 380 36.31 -33.22 -11.59
CA LEU C 380 36.12 -34.48 -10.89
C LEU C 380 36.03 -35.70 -11.81
N GLY C 381 35.32 -35.60 -12.94
CA GLY C 381 35.18 -36.71 -13.87
C GLY C 381 36.55 -37.19 -14.38
N MET C 382 37.50 -36.28 -14.48
CA MET C 382 38.86 -36.61 -14.85
C MET C 382 39.51 -37.39 -13.74
N GLN C 383 39.30 -36.92 -12.50
CA GLN C 383 39.87 -37.57 -11.31
C GLN C 383 39.34 -39.00 -11.20
N VAL C 384 38.07 -39.16 -11.50
CA VAL C 384 37.40 -40.44 -11.56
C VAL C 384 38.04 -41.36 -12.57
N ALA C 385 38.23 -40.84 -13.78
CA ALA C 385 38.87 -41.58 -14.85
C ALA C 385 40.31 -41.93 -14.50
N LEU C 386 41.00 -41.03 -13.82
CA LEU C 386 42.37 -41.22 -13.38
C LEU C 386 42.44 -42.48 -12.53
N ILE C 387 41.55 -42.55 -11.55
CA ILE C 387 41.45 -43.69 -10.65
C ILE C 387 41.11 -44.97 -11.39
N ASP C 388 40.11 -44.88 -12.26
CA ASP C 388 39.73 -46.01 -13.09
C ASP C 388 40.89 -46.65 -13.80
N TYR C 389 41.54 -45.87 -14.64
CA TYR C 389 42.65 -46.34 -15.41
C TYR C 389 43.76 -46.87 -14.51
N ALA C 390 44.12 -46.08 -13.51
CA ALA C 390 45.19 -46.44 -12.61
C ALA C 390 44.94 -47.79 -11.96
N ARG C 391 43.88 -47.88 -11.19
CA ARG C 391 43.57 -49.09 -10.47
C ARG C 391 43.39 -50.32 -11.36
N HIS C 392 42.77 -50.15 -12.52
CA HIS C 392 42.48 -51.30 -13.37
C HIS C 392 43.43 -51.49 -14.54
N VAL C 393 44.45 -50.64 -14.69
CA VAL C 393 45.40 -50.84 -15.78
C VAL C 393 46.81 -50.76 -15.26
N ALA C 394 47.06 -49.74 -14.44
CA ALA C 394 48.38 -49.59 -13.84
C ALA C 394 48.50 -50.41 -12.55
N ASN C 395 47.41 -51.12 -12.19
CA ASN C 395 47.34 -51.99 -11.02
C ASN C 395 47.54 -51.23 -9.73
N MET C 396 47.03 -50.02 -9.70
CA MET C 396 47.20 -49.21 -8.53
C MET C 396 46.11 -49.50 -7.51
N GLU C 397 46.42 -50.44 -6.64
CA GLU C 397 45.53 -50.93 -5.59
C GLU C 397 44.84 -49.84 -4.80
N ASN C 398 43.56 -49.69 -5.01
CA ASN C 398 42.79 -48.64 -4.36
C ASN C 398 43.25 -47.28 -4.74
N ALA C 399 43.53 -47.06 -6.03
CA ALA C 399 43.88 -45.74 -6.47
C ALA C 399 42.77 -44.81 -6.01
N ASN C 400 43.12 -43.69 -5.42
CA ASN C 400 42.04 -42.85 -4.95
C ASN C 400 42.48 -41.43 -4.63
N SER C 401 41.54 -40.64 -4.12
CA SER C 401 41.79 -39.28 -3.69
C SER C 401 41.88 -39.18 -2.19
N THR C 402 42.84 -38.39 -1.72
CA THR C 402 43.07 -38.16 -0.30
C THR C 402 41.95 -37.34 0.33
N GLU C 403 41.10 -36.73 -0.52
CA GLU C 403 39.99 -35.95 0.00
C GLU C 403 38.94 -36.88 0.62
N PHE C 404 39.02 -38.18 0.32
CA PHE C 404 38.08 -39.11 0.91
C PHE C 404 38.82 -40.15 1.73
N VAL C 405 40.00 -40.54 1.27
CA VAL C 405 40.79 -41.51 2.00
C VAL C 405 42.25 -41.10 2.06
N PRO C 406 42.69 -40.43 3.12
CA PRO C 406 44.04 -39.96 3.37
C PRO C 406 45.09 -41.06 3.11
N ASP C 407 44.77 -42.28 3.54
CA ASP C 407 45.63 -43.44 3.37
C ASP C 407 45.21 -44.30 2.18
N CYS C 408 45.13 -43.67 1.00
CA CYS C 408 44.71 -44.34 -0.24
C CYS C 408 45.52 -45.58 -0.58
N LYS C 409 46.83 -45.50 -0.31
CA LYS C 409 47.89 -46.46 -0.70
C LYS C 409 48.41 -46.16 -2.11
N TYR C 410 47.57 -45.55 -2.93
CA TYR C 410 47.91 -45.05 -4.25
C TYR C 410 47.15 -43.75 -4.51
N PRO C 411 47.33 -42.75 -3.64
CA PRO C 411 46.77 -41.40 -3.73
C PRO C 411 47.00 -40.78 -5.11
N VAL C 412 46.19 -41.13 -6.10
CA VAL C 412 46.37 -40.55 -7.42
C VAL C 412 45.94 -39.08 -7.44
N VAL C 413 45.06 -38.70 -6.52
CA VAL C 413 44.66 -37.31 -6.39
C VAL C 413 44.94 -36.82 -4.97
N ALA C 414 45.64 -35.69 -4.87
CA ALA C 414 46.01 -35.15 -3.57
C ALA C 414 46.45 -33.69 -3.69
N LEU C 415 46.54 -33.00 -2.56
CA LEU C 415 47.03 -31.64 -2.63
C LEU C 415 48.49 -31.72 -2.98
N ILE C 416 49.03 -30.70 -3.63
CA ILE C 416 50.44 -30.73 -4.01
C ILE C 416 51.32 -31.00 -2.80
N THR C 417 51.03 -30.34 -1.69
CA THR C 417 51.74 -30.58 -0.43
C THR C 417 51.58 -32.03 0.01
N GLU C 418 50.39 -32.58 -0.20
CA GLU C 418 50.07 -33.97 0.15
C GLU C 418 50.58 -35.01 -0.82
N TRP C 419 51.24 -34.62 -1.91
CA TRP C 419 51.70 -35.61 -2.84
C TRP C 419 52.65 -36.58 -2.19
N ARG C 420 52.36 -37.85 -2.39
CA ARG C 420 53.18 -38.89 -1.85
C ARG C 420 53.08 -40.16 -2.67
N ASP C 421 54.01 -41.06 -2.48
CA ASP C 421 53.94 -42.32 -3.18
C ASP C 421 53.25 -43.36 -2.31
N GLU C 422 53.19 -44.58 -2.83
CA GLU C 422 52.58 -45.72 -2.16
C GLU C 422 53.31 -46.17 -0.89
N ASN C 423 54.54 -45.68 -0.70
CA ASN C 423 55.35 -46.02 0.46
C ASN C 423 55.33 -44.91 1.50
N GLY C 424 54.52 -43.87 1.27
CA GLY C 424 54.40 -42.77 2.22
C GLY C 424 55.47 -41.69 2.05
N ASN C 425 56.29 -41.79 1.01
CA ASN C 425 57.32 -40.76 0.80
C ASN C 425 56.62 -39.58 0.15
N VAL C 426 57.00 -38.36 0.51
CA VAL C 426 56.26 -37.22 -0.01
C VAL C 426 57.05 -36.39 -1.02
N GLU C 427 56.49 -35.23 -1.36
CA GLU C 427 57.03 -34.26 -2.33
C GLU C 427 56.58 -34.62 -3.74
N THR C 438 45.79 -23.54 -2.35
CA THR C 438 44.37 -23.57 -1.99
C THR C 438 43.56 -24.12 -3.16
N MET C 439 42.84 -23.24 -3.84
CA MET C 439 42.03 -23.62 -4.99
C MET C 439 42.43 -22.88 -6.24
N ARG C 440 42.61 -23.62 -7.32
CA ARG C 440 42.93 -23.04 -8.59
C ARG C 440 41.67 -22.46 -9.19
N LEU C 441 41.71 -21.16 -9.41
CA LEU C 441 40.57 -20.42 -9.91
C LEU C 441 40.85 -19.54 -11.09
N GLY C 442 39.85 -19.43 -11.95
CA GLY C 442 39.88 -18.49 -13.05
C GLY C 442 40.63 -18.99 -14.26
N ALA C 443 40.73 -18.12 -15.24
CA ALA C 443 41.39 -18.45 -16.50
C ALA C 443 42.89 -18.58 -16.30
N GLN C 444 43.43 -19.73 -16.69
CA GLN C 444 44.85 -20.00 -16.55
C GLN C 444 45.42 -20.63 -17.83
N GLN C 445 46.68 -20.31 -18.14
CA GLN C 445 47.30 -20.83 -19.35
C GLN C 445 47.77 -22.26 -19.16
N CYS C 446 47.46 -23.09 -20.14
CA CYS C 446 47.86 -24.47 -20.13
C CYS C 446 48.67 -24.82 -21.38
N GLN C 447 49.76 -25.53 -21.17
CA GLN C 447 50.59 -25.96 -22.29
C GLN C 447 50.06 -27.23 -22.93
N LEU C 448 49.63 -27.16 -24.17
CA LEU C 448 49.16 -28.38 -24.77
C LEU C 448 50.30 -29.11 -25.44
N VAL C 449 50.22 -30.43 -25.41
CA VAL C 449 51.23 -31.22 -26.08
C VAL C 449 50.91 -31.19 -27.55
N ASP C 450 51.86 -30.72 -28.35
CA ASP C 450 51.68 -30.58 -29.78
C ASP C 450 51.20 -31.85 -30.49
N ASP C 451 51.59 -33.01 -29.96
CA ASP C 451 51.20 -34.28 -30.53
C ASP C 451 49.84 -34.80 -30.02
N SER C 452 49.17 -34.05 -29.16
CA SER C 452 47.87 -34.48 -28.63
C SER C 452 46.74 -34.10 -29.55
N LEU C 453 45.62 -34.79 -29.39
CA LEU C 453 44.45 -34.47 -30.19
C LEU C 453 43.95 -33.10 -29.83
N VAL C 454 43.72 -32.86 -28.54
CA VAL C 454 43.25 -31.57 -28.05
C VAL C 454 44.06 -30.36 -28.51
N ARG C 455 45.36 -30.51 -28.68
CA ARG C 455 46.16 -29.42 -29.17
C ARG C 455 45.70 -29.06 -30.55
N GLN C 456 45.47 -30.09 -31.35
CA GLN C 456 45.00 -29.91 -32.70
C GLN C 456 43.53 -29.51 -32.74
N LEU C 457 42.74 -29.92 -31.74
CA LEU C 457 41.34 -29.51 -31.71
C LEU C 457 41.22 -28.00 -31.54
N TYR C 458 42.08 -27.45 -30.68
CA TYR C 458 42.16 -26.01 -30.48
C TYR C 458 42.98 -25.32 -31.55
N ASN C 459 43.91 -26.06 -32.17
CA ASN C 459 44.81 -25.53 -33.18
C ASN C 459 45.74 -24.52 -32.55
N ALA C 460 46.23 -24.82 -31.36
CA ALA C 460 47.11 -23.88 -30.70
C ALA C 460 48.01 -24.57 -29.69
N PRO C 461 49.29 -24.17 -29.62
CA PRO C 461 50.34 -24.62 -28.70
C PRO C 461 49.88 -24.60 -27.26
N THR C 462 49.23 -23.51 -26.88
CA THR C 462 48.72 -23.36 -25.53
C THR C 462 47.31 -22.83 -25.58
N ILE C 463 46.61 -22.96 -24.47
CA ILE C 463 45.26 -22.43 -24.34
C ILE C 463 45.05 -21.81 -22.99
N VAL C 464 44.00 -21.04 -22.86
CA VAL C 464 43.67 -20.44 -21.56
C VAL C 464 42.25 -20.84 -21.19
N GLU C 465 42.11 -21.51 -20.05
CA GLU C 465 40.80 -22.02 -19.62
C GLU C 465 40.58 -21.82 -18.13
N ARG C 466 39.31 -21.80 -17.71
CA ARG C 466 39.00 -21.49 -16.32
C ARG C 466 39.00 -22.70 -15.39
N HIS C 467 39.45 -22.49 -14.14
CA HIS C 467 39.53 -23.58 -13.16
C HIS C 467 38.76 -23.30 -11.86
N ARG C 468 38.58 -24.36 -11.06
CA ARG C 468 37.87 -24.27 -9.77
C ARG C 468 38.12 -25.47 -8.83
N HIS C 469 39.37 -25.87 -8.65
CA HIS C 469 39.59 -27.07 -7.83
C HIS C 469 40.83 -27.02 -6.94
N ARG C 470 40.87 -27.89 -5.93
CA ARG C 470 41.95 -27.86 -4.95
C ARG C 470 42.96 -28.99 -5.05
N TYR C 471 42.50 -30.17 -5.43
CA TYR C 471 43.37 -31.34 -5.44
C TYR C 471 43.93 -31.60 -6.84
N GLU C 472 45.19 -32.05 -6.90
CA GLU C 472 45.86 -32.27 -8.16
C GLU C 472 46.30 -33.70 -8.42
N VAL C 473 46.71 -33.94 -9.67
CA VAL C 473 47.21 -35.25 -10.02
C VAL C 473 48.54 -35.45 -9.34
N ASN C 474 48.62 -36.50 -8.57
CA ASN C 474 49.80 -36.78 -7.80
C ASN C 474 50.92 -37.30 -8.65
N ASN C 475 51.80 -36.38 -9.04
CA ASN C 475 52.94 -36.73 -9.87
C ASN C 475 53.88 -37.79 -9.28
N MET C 476 53.81 -38.05 -7.97
CA MET C 476 54.64 -39.10 -7.37
C MET C 476 54.32 -40.46 -7.99
N LEU C 477 53.07 -40.65 -8.39
CA LEU C 477 52.63 -41.90 -8.98
C LEU C 477 52.16 -41.73 -10.42
N LEU C 478 52.42 -40.56 -11.00
CA LEU C 478 51.98 -40.31 -12.36
C LEU C 478 52.66 -41.21 -13.32
N LYS C 479 53.97 -41.31 -13.19
CA LYS C 479 54.75 -42.18 -14.04
C LYS C 479 54.22 -43.61 -14.08
N GLN C 480 53.61 -44.07 -13.00
CA GLN C 480 53.02 -45.40 -13.00
C GLN C 480 51.85 -45.45 -13.97
N ILE C 481 51.00 -44.43 -13.87
CA ILE C 481 49.81 -44.30 -14.69
C ILE C 481 50.10 -44.05 -16.16
N GLU C 482 50.95 -43.06 -16.40
CA GLU C 482 51.31 -42.65 -17.74
C GLU C 482 52.10 -43.74 -18.46
N ASP C 483 53.10 -44.31 -17.80
CA ASP C 483 53.90 -45.37 -18.43
C ASP C 483 53.06 -46.61 -18.72
N ALA C 484 52.01 -46.86 -17.93
CA ALA C 484 51.12 -47.98 -18.20
C ALA C 484 50.44 -47.88 -19.57
N GLY C 485 50.42 -46.69 -20.18
CA GLY C 485 49.85 -46.49 -21.50
C GLY C 485 48.73 -45.48 -21.47
N LEU C 486 49.05 -44.25 -21.11
CA LEU C 486 48.05 -43.20 -21.06
C LEU C 486 48.67 -41.88 -21.48
N ARG C 487 47.97 -41.12 -22.30
CA ARG C 487 48.56 -39.90 -22.82
C ARG C 487 48.23 -38.66 -22.03
N VAL C 488 49.26 -37.95 -21.59
CA VAL C 488 48.99 -36.65 -21.01
C VAL C 488 48.98 -35.68 -22.15
N ALA C 489 47.80 -35.22 -22.49
CA ALA C 489 47.59 -34.35 -23.62
C ALA C 489 47.95 -32.90 -23.33
N GLY C 490 48.01 -32.54 -22.05
CA GLY C 490 48.43 -31.19 -21.71
C GLY C 490 48.81 -31.06 -20.25
N ARG C 491 49.66 -30.07 -19.99
CA ARG C 491 50.17 -29.78 -18.65
C ARG C 491 50.04 -28.28 -18.43
N SER C 492 49.92 -27.84 -17.18
CA SER C 492 49.66 -26.41 -16.88
C SER C 492 50.79 -25.45 -17.25
N GLY C 493 51.37 -24.82 -16.22
CA GLY C 493 52.41 -23.85 -16.43
C GLY C 493 53.58 -24.08 -15.48
N ASP C 494 53.56 -23.35 -14.36
CA ASP C 494 54.60 -23.36 -13.35
C ASP C 494 55.19 -24.73 -13.04
N ASP C 495 54.34 -25.66 -12.60
CA ASP C 495 54.81 -26.99 -12.28
C ASP C 495 54.30 -28.03 -13.26
N GLN C 496 53.89 -27.61 -14.47
CA GLN C 496 53.37 -28.50 -15.50
C GLN C 496 52.45 -29.55 -14.92
N LEU C 497 51.38 -29.10 -14.29
CA LEU C 497 50.45 -30.00 -13.63
C LEU C 497 49.59 -30.65 -14.69
N VAL C 498 49.18 -31.88 -14.48
CA VAL C 498 48.41 -32.55 -15.52
C VAL C 498 47.08 -31.87 -15.74
N GLU C 499 46.87 -31.42 -16.97
CA GLU C 499 45.64 -30.74 -17.33
C GLU C 499 44.72 -31.59 -18.15
N ILE C 500 45.28 -32.27 -19.15
CA ILE C 500 44.43 -33.07 -20.02
C ILE C 500 44.98 -34.45 -20.28
N ILE C 501 44.10 -35.46 -20.23
CA ILE C 501 44.45 -36.83 -20.53
C ILE C 501 43.62 -37.48 -21.63
N GLU C 502 44.31 -38.23 -22.50
CA GLU C 502 43.70 -38.94 -23.61
C GLU C 502 44.06 -40.43 -23.59
N VAL C 503 43.14 -41.28 -24.00
CA VAL C 503 43.44 -42.72 -24.06
C VAL C 503 43.91 -43.15 -25.45
N PRO C 504 45.17 -43.60 -25.56
CA PRO C 504 45.88 -44.06 -26.76
C PRO C 504 45.05 -44.77 -27.82
N ASN C 505 44.22 -45.72 -27.40
CA ASN C 505 43.45 -46.49 -28.37
C ASN C 505 41.95 -46.34 -28.24
N HIS C 506 41.51 -45.35 -27.50
CA HIS C 506 40.09 -45.12 -27.39
C HIS C 506 39.68 -44.18 -28.49
N PRO C 507 38.57 -44.44 -29.20
CA PRO C 507 38.03 -43.66 -30.30
C PRO C 507 37.95 -42.18 -29.99
N TRP C 508 37.56 -41.83 -28.77
CA TRP C 508 37.53 -40.44 -28.39
C TRP C 508 37.45 -40.34 -26.88
N PHE C 509 38.59 -40.28 -26.23
CA PHE C 509 38.60 -40.20 -24.79
C PHE C 509 39.38 -39.02 -24.34
N VAL C 510 38.68 -38.01 -23.83
CA VAL C 510 39.35 -36.81 -23.36
C VAL C 510 38.85 -36.41 -21.98
N ALA C 511 39.77 -36.12 -21.07
CA ALA C 511 39.35 -35.65 -19.75
C ALA C 511 40.24 -34.50 -19.30
N CYS C 512 39.66 -33.49 -18.64
CA CYS C 512 40.47 -32.33 -18.25
C CYS C 512 40.10 -31.66 -16.92
N GLN C 513 41.06 -30.90 -16.38
CA GLN C 513 40.94 -30.16 -15.11
C GLN C 513 40.13 -28.88 -15.21
N PHE C 514 40.22 -28.21 -16.35
CA PHE C 514 39.52 -26.95 -16.55
C PHE C 514 38.05 -27.10 -16.90
N HIS C 515 37.37 -25.97 -16.93
CA HIS C 515 35.96 -25.88 -17.18
C HIS C 515 35.60 -25.16 -18.47
N PRO C 516 35.72 -25.83 -19.62
CA PRO C 516 35.47 -25.33 -20.96
C PRO C 516 34.04 -24.82 -21.16
N GLU C 517 33.12 -25.32 -20.33
CA GLU C 517 31.72 -24.97 -20.39
C GLU C 517 31.46 -23.52 -20.01
N PHE C 518 32.44 -22.84 -19.41
CA PHE C 518 32.24 -21.45 -19.07
C PHE C 518 32.80 -20.52 -20.13
N THR C 519 33.26 -21.08 -21.25
CA THR C 519 33.80 -20.25 -22.30
C THR C 519 33.09 -20.46 -23.63
N SER C 520 32.39 -21.58 -23.79
CA SER C 520 31.71 -21.84 -25.06
C SER C 520 30.58 -20.85 -25.33
N THR C 521 30.25 -20.69 -26.60
CA THR C 521 29.12 -19.84 -26.97
C THR C 521 28.33 -20.58 -28.04
N PRO C 522 27.09 -20.19 -28.31
CA PRO C 522 26.22 -20.77 -29.32
C PRO C 522 26.65 -20.41 -30.73
N ARG C 523 27.47 -19.38 -30.84
CA ARG C 523 27.95 -18.91 -32.12
C ARG C 523 29.38 -19.35 -32.41
N ASP C 524 30.21 -19.49 -31.38
CA ASP C 524 31.60 -19.91 -31.56
C ASP C 524 31.79 -21.40 -31.31
N GLY C 525 30.97 -21.97 -30.43
CA GLY C 525 31.07 -23.38 -30.10
C GLY C 525 32.19 -23.60 -29.10
N HIS C 526 32.88 -24.73 -29.23
CA HIS C 526 34.01 -25.09 -28.38
C HIS C 526 34.57 -26.46 -28.76
N PRO C 527 35.77 -26.52 -29.36
CA PRO C 527 36.49 -27.71 -29.83
C PRO C 527 36.23 -29.03 -29.09
N LEU C 528 36.20 -29.00 -27.75
CA LEU C 528 36.04 -30.25 -27.03
C LEU C 528 34.68 -30.85 -27.14
N PHE C 529 33.67 -30.01 -27.26
CA PHE C 529 32.31 -30.49 -27.35
C PHE C 529 32.01 -30.79 -28.78
N ALA C 530 32.68 -30.07 -29.67
CA ALA C 530 32.53 -30.35 -31.08
C ALA C 530 33.06 -31.75 -31.36
N GLY C 531 34.25 -32.05 -30.82
CA GLY C 531 34.86 -33.35 -31.00
C GLY C 531 34.08 -34.46 -30.29
N PHE C 532 33.66 -34.20 -29.06
CA PHE C 532 32.93 -35.17 -28.27
C PHE C 532 31.64 -35.59 -28.89
N VAL C 533 30.82 -34.61 -29.23
CA VAL C 533 29.53 -34.87 -29.83
C VAL C 533 29.70 -35.52 -31.19
N LYS C 534 30.69 -35.05 -31.96
CA LYS C 534 30.96 -35.66 -33.24
C LYS C 534 31.29 -37.12 -33.08
N ALA C 535 32.13 -37.42 -32.08
CA ALA C 535 32.51 -38.79 -31.78
C ALA C 535 31.31 -39.62 -31.44
N ALA C 536 30.38 -39.02 -30.69
CA ALA C 536 29.15 -39.72 -30.34
C ALA C 536 28.44 -40.17 -31.59
N SER C 537 28.34 -39.27 -32.56
CA SER C 537 27.70 -39.58 -33.83
C SER C 537 28.44 -40.67 -34.57
N GLU C 538 29.75 -40.54 -34.62
CA GLU C 538 30.59 -41.49 -35.32
C GLU C 538 30.43 -42.87 -34.73
N PHE C 539 30.42 -42.93 -33.41
CA PHE C 539 30.24 -44.15 -32.68
C PHE C 539 28.86 -44.70 -32.90
N GLN C 540 27.86 -43.82 -32.92
CA GLN C 540 26.50 -44.24 -33.18
C GLN C 540 26.39 -44.94 -34.52
N LYS C 541 27.07 -44.40 -35.53
CA LYS C 541 27.05 -44.99 -36.86
C LYS C 541 27.90 -46.25 -36.90
N ARG C 542 28.99 -46.24 -36.13
CA ARG C 542 29.86 -47.38 -35.97
C ARG C 542 29.08 -48.56 -35.43
N GLN C 543 28.26 -48.29 -34.41
CA GLN C 543 27.41 -49.28 -33.79
C GLN C 543 26.09 -49.41 -34.52
N ALA C 544 26.15 -49.73 -35.81
CA ALA C 544 24.98 -49.84 -36.64
C ALA C 544 25.31 -50.53 -37.95
N MET D 1 3.77 -21.71 34.20
CA MET D 1 3.97 -20.30 33.90
C MET D 1 4.40 -20.07 32.47
N THR D 2 3.58 -19.35 31.71
CA THR D 2 3.93 -19.04 30.32
C THR D 2 4.09 -17.55 30.13
N THR D 3 5.19 -17.17 29.51
CA THR D 3 5.51 -15.79 29.26
C THR D 3 4.57 -15.12 28.28
N ASN D 4 4.12 -13.93 28.64
CA ASN D 4 3.25 -13.10 27.82
C ASN D 4 4.07 -11.95 27.23
N TYR D 5 3.76 -11.56 26.01
CA TYR D 5 4.52 -10.51 25.36
C TYR D 5 3.67 -9.35 24.88
N ILE D 6 4.22 -8.15 24.95
CA ILE D 6 3.53 -7.00 24.40
C ILE D 6 4.51 -6.26 23.54
N PHE D 7 4.12 -6.01 22.30
CA PHE D 7 5.02 -5.33 21.39
C PHE D 7 4.65 -3.87 21.27
N VAL D 8 5.67 -3.03 21.20
CA VAL D 8 5.47 -1.61 21.09
C VAL D 8 6.03 -1.04 19.81
N THR D 9 5.15 -0.45 19.02
CA THR D 9 5.53 0.18 17.76
C THR D 9 5.01 1.59 17.73
N GLY D 10 5.53 2.38 16.79
CA GLY D 10 5.09 3.76 16.65
C GLY D 10 5.17 4.16 15.19
N GLY D 11 4.22 5.00 14.78
CA GLY D 11 4.13 5.44 13.40
C GLY D 11 4.05 6.95 13.31
N VAL D 12 3.57 7.44 12.19
CA VAL D 12 3.47 8.88 11.94
C VAL D 12 4.87 9.47 12.13
N VAL D 13 5.14 10.15 13.25
CA VAL D 13 6.46 10.72 13.45
C VAL D 13 7.19 10.08 14.61
N SER D 14 8.49 10.24 14.62
CA SER D 14 9.32 9.71 15.68
C SER D 14 9.27 10.62 16.87
N SER D 15 10.03 10.25 17.89
CA SER D 15 10.18 11.06 19.07
C SER D 15 8.89 11.24 19.83
N LEU D 16 8.12 10.16 19.93
CA LEU D 16 6.88 10.20 20.68
C LEU D 16 7.06 9.68 22.10
N GLY D 17 8.19 9.03 22.36
CA GLY D 17 8.46 8.51 23.69
C GLY D 17 8.00 7.07 23.83
N LYS D 18 8.39 6.23 22.88
CA LYS D 18 8.06 4.81 22.95
C LYS D 18 8.66 4.16 24.18
N GLY D 19 9.93 4.48 24.47
CA GLY D 19 10.61 3.92 25.63
C GLY D 19 9.95 4.38 26.91
N ILE D 20 9.49 5.64 26.93
CA ILE D 20 8.84 6.22 28.07
C ILE D 20 7.53 5.51 28.37
N ALA D 21 6.74 5.32 27.33
CA ALA D 21 5.45 4.65 27.48
C ALA D 21 5.63 3.23 27.96
N ALA D 22 6.58 2.51 27.35
CA ALA D 22 6.83 1.14 27.73
C ALA D 22 7.30 1.01 29.15
N ALA D 23 8.22 1.89 29.55
CA ALA D 23 8.74 1.87 30.91
C ALA D 23 7.65 2.15 31.92
N SER D 24 6.77 3.10 31.59
CA SER D 24 5.67 3.46 32.48
C SER D 24 4.74 2.29 32.68
N LEU D 25 4.44 1.58 31.59
CA LEU D 25 3.63 0.39 31.68
C LEU D 25 4.26 -0.66 32.56
N ALA D 26 5.54 -0.94 32.29
CA ALA D 26 6.26 -1.93 33.04
C ALA D 26 6.25 -1.60 34.52
N ALA D 27 6.40 -0.33 34.86
CA ALA D 27 6.37 0.11 36.24
C ALA D 27 5.07 -0.31 36.89
N ILE D 28 3.97 -0.10 36.18
CA ILE D 28 2.67 -0.50 36.68
C ILE D 28 2.56 -1.98 36.87
N LEU D 29 3.05 -2.73 35.89
CA LEU D 29 2.97 -4.17 35.94
C LEU D 29 3.75 -4.71 37.14
N GLU D 30 4.91 -4.11 37.40
CA GLU D 30 5.69 -4.44 38.58
C GLU D 30 4.88 -4.08 39.81
N ALA D 31 4.25 -2.91 39.79
CA ALA D 31 3.41 -2.44 40.89
C ALA D 31 2.24 -3.38 41.15
N ARG D 32 1.81 -4.14 40.13
CA ARG D 32 0.75 -5.14 40.32
C ARG D 32 1.31 -6.50 40.74
N GLY D 33 2.61 -6.57 41.03
CA GLY D 33 3.24 -7.81 41.48
C GLY D 33 3.59 -8.76 40.34
N LEU D 34 3.77 -8.25 39.12
CA LEU D 34 4.07 -9.13 38.01
C LEU D 34 5.54 -9.14 37.62
N ASN D 35 6.04 -10.31 37.22
CA ASN D 35 7.44 -10.41 36.77
C ASN D 35 7.57 -9.84 35.39
N VAL D 36 7.78 -8.54 35.32
CA VAL D 36 7.91 -7.88 34.05
C VAL D 36 9.34 -7.46 33.73
N THR D 37 9.68 -7.59 32.45
CA THR D 37 10.97 -7.17 31.93
C THR D 37 10.77 -6.46 30.62
N ILE D 38 11.86 -6.07 29.98
CA ILE D 38 11.77 -5.28 28.78
C ILE D 38 13.03 -5.33 27.91
N MET D 39 12.81 -5.35 26.61
CA MET D 39 13.89 -5.36 25.63
C MET D 39 13.62 -4.35 24.53
N LYS D 40 14.69 -3.90 23.88
CA LYS D 40 14.55 -2.96 22.78
C LYS D 40 15.36 -3.38 21.55
N LEU D 41 14.71 -3.38 20.39
CA LEU D 41 15.39 -3.72 19.15
C LEU D 41 15.67 -2.47 18.36
N ASP D 42 16.92 -2.33 17.93
CA ASP D 42 17.32 -1.11 17.26
C ASP D 42 17.68 -1.29 15.79
N PRO D 43 17.05 -0.52 14.90
CA PRO D 43 17.19 -0.49 13.44
C PRO D 43 18.49 0.13 12.94
N TYR D 44 19.62 -0.28 13.48
CA TYR D 44 20.85 0.35 13.05
C TYR D 44 21.89 -0.67 12.67
N ILE D 45 22.73 -0.26 11.73
CA ILE D 45 23.81 -1.07 11.23
C ILE D 45 24.93 -1.11 12.24
N ASN D 46 25.03 -0.07 13.06
CA ASN D 46 26.07 -0.06 14.06
C ASN D 46 25.89 -1.27 14.93
N VAL D 47 26.95 -2.04 15.12
CA VAL D 47 26.89 -3.22 15.94
C VAL D 47 26.83 -2.81 17.40
N ASP D 48 27.78 -1.98 17.79
CA ASP D 48 27.80 -1.44 19.14
C ASP D 48 27.70 0.08 19.11
N PRO D 49 26.98 0.69 20.05
CA PRO D 49 26.75 2.12 20.23
C PRO D 49 28.02 2.86 20.61
N GLY D 50 29.01 2.11 21.07
CA GLY D 50 30.32 2.64 21.42
C GLY D 50 31.08 3.17 20.20
N THR D 51 30.64 2.81 18.99
CA THR D 51 31.27 3.29 17.79
C THR D 51 30.71 4.65 17.37
N MET D 52 29.73 5.17 18.12
CA MET D 52 29.12 6.45 17.79
C MET D 52 29.36 7.50 18.86
N SER D 53 29.35 8.75 18.43
CA SER D 53 29.58 9.85 19.34
C SER D 53 28.37 10.15 20.22
N PRO D 54 28.62 10.78 21.36
CA PRO D 54 27.64 11.30 22.31
C PRO D 54 26.73 12.31 21.67
N ILE D 55 27.25 13.12 20.76
CA ILE D 55 26.38 14.09 20.12
C ILE D 55 25.45 13.41 19.13
N GLN D 56 25.88 12.28 18.55
CA GLN D 56 25.06 11.54 17.59
C GLN D 56 23.79 10.96 18.21
N HIS D 57 23.91 10.27 19.35
CA HIS D 57 22.73 9.68 19.99
C HIS D 57 22.52 10.03 21.45
N GLY D 58 23.43 10.77 22.03
CA GLY D 58 23.31 11.05 23.45
C GLY D 58 24.14 10.02 24.20
N GLU D 59 23.98 10.00 25.51
CA GLU D 59 24.71 9.07 26.35
C GLU D 59 24.44 7.61 26.00
N VAL D 60 25.49 6.80 26.08
CA VAL D 60 25.39 5.39 25.84
C VAL D 60 25.35 4.71 27.19
N PHE D 61 24.26 4.00 27.46
CA PHE D 61 24.05 3.39 28.76
C PHE D 61 25.00 2.25 29.06
N VAL D 62 25.51 2.23 30.28
CA VAL D 62 26.37 1.15 30.71
C VAL D 62 25.59 0.21 31.57
N THR D 63 25.51 -1.04 31.15
CA THR D 63 24.79 -2.05 31.92
C THR D 63 25.69 -2.64 32.98
N GLU D 64 25.08 -3.40 33.89
CA GLU D 64 25.81 -4.05 34.96
C GLU D 64 26.94 -4.92 34.45
N ASP D 65 26.64 -5.70 33.40
CA ASP D 65 27.61 -6.59 32.81
C ASP D 65 28.61 -5.91 31.87
N GLY D 66 28.62 -4.58 31.82
CA GLY D 66 29.58 -3.84 31.04
C GLY D 66 29.15 -3.58 29.61
N ALA D 67 28.01 -4.10 29.19
CA ALA D 67 27.61 -3.89 27.81
C ALA D 67 27.24 -2.42 27.57
N GLU D 68 27.65 -1.93 26.41
CA GLU D 68 27.29 -0.59 26.00
C GLU D 68 25.97 -0.69 25.28
N THR D 69 25.00 0.11 25.67
CA THR D 69 23.70 -0.01 25.04
C THR D 69 22.93 1.28 24.92
N ASP D 70 21.73 1.16 24.39
CA ASP D 70 20.86 2.30 24.15
C ASP D 70 20.48 2.99 25.45
N LEU D 71 20.57 4.31 25.45
CA LEU D 71 20.19 5.19 26.58
C LEU D 71 18.91 4.74 27.31
N ASP D 72 17.91 4.30 26.55
CA ASP D 72 16.63 3.87 27.08
C ASP D 72 16.71 2.70 28.03
N LEU D 73 17.81 1.96 28.03
CA LEU D 73 17.97 0.86 28.94
C LEU D 73 18.15 1.43 30.34
N GLY D 74 18.74 2.63 30.42
CA GLY D 74 18.90 3.32 31.69
C GLY D 74 17.54 3.84 32.12
N HIS D 75 16.73 4.23 31.14
CA HIS D 75 15.39 4.69 31.43
C HIS D 75 14.59 3.54 32.01
N TYR D 76 14.82 2.32 31.51
CA TYR D 76 14.14 1.15 32.03
C TYR D 76 14.56 0.89 33.47
N GLU D 77 15.85 1.11 33.76
CA GLU D 77 16.38 0.95 35.11
C GLU D 77 15.73 1.92 36.08
N ARG D 78 15.27 3.07 35.57
CA ARG D 78 14.62 4.03 36.43
C ARG D 78 13.14 3.79 36.68
N PHE D 79 12.57 2.74 36.08
CA PHE D 79 11.16 2.45 36.33
C PHE D 79 10.90 1.09 36.90
N ILE D 80 11.72 0.12 36.53
CA ILE D 80 11.55 -1.19 37.11
C ILE D 80 12.81 -1.68 37.73
N ARG D 81 12.67 -2.64 38.63
CA ARG D 81 13.80 -3.15 39.35
C ARG D 81 14.45 -4.34 38.64
N THR D 82 13.80 -4.85 37.60
CA THR D 82 14.39 -5.92 36.82
C THR D 82 15.64 -5.37 36.16
N LYS D 83 16.75 -6.06 36.32
CA LYS D 83 18.00 -5.56 35.78
C LYS D 83 18.20 -5.89 34.33
N MET D 84 18.68 -4.90 33.59
CA MET D 84 18.97 -5.07 32.18
C MET D 84 20.34 -5.69 31.99
N SER D 85 20.50 -6.37 30.87
CA SER D 85 21.74 -7.01 30.51
C SER D 85 21.94 -6.86 29.03
N ARG D 86 23.06 -7.35 28.52
CA ARG D 86 23.30 -7.39 27.08
C ARG D 86 22.16 -8.04 26.28
N ARG D 87 21.37 -8.91 26.91
CA ARG D 87 20.29 -9.61 26.26
C ARG D 87 19.06 -8.74 26.07
N ASN D 88 19.09 -7.56 26.65
CA ASN D 88 17.95 -6.68 26.59
C ASN D 88 18.04 -5.64 25.48
N ASN D 89 19.07 -5.72 24.64
CA ASN D 89 19.18 -4.72 23.60
C ASN D 89 20.21 -5.07 22.55
N PHE D 90 19.78 -5.06 21.30
CA PHE D 90 20.70 -5.33 20.20
C PHE D 90 20.23 -4.70 18.89
N THR D 91 21.17 -4.61 17.93
CA THR D 91 20.91 -3.93 16.68
C THR D 91 20.87 -4.81 15.46
N THR D 92 20.38 -4.22 14.36
CA THR D 92 20.34 -4.87 13.07
C THR D 92 21.72 -5.35 12.64
N GLY D 93 22.71 -4.48 12.79
CA GLY D 93 24.09 -4.80 12.47
C GLY D 93 24.58 -5.97 13.28
N ARG D 94 24.27 -5.98 14.57
CA ARG D 94 24.66 -7.08 15.43
C ARG D 94 24.16 -8.40 14.87
N ILE D 95 22.90 -8.40 14.44
CA ILE D 95 22.31 -9.58 13.86
C ILE D 95 23.07 -10.07 12.67
N TYR D 96 23.37 -9.16 11.75
CA TYR D 96 24.07 -9.55 10.54
C TYR D 96 25.43 -10.09 10.84
N SER D 97 26.12 -9.50 11.80
CA SER D 97 27.43 -9.98 12.16
C SER D 97 27.36 -11.42 12.59
N ASP D 98 26.41 -11.70 13.47
CA ASP D 98 26.22 -13.04 13.96
C ASP D 98 25.86 -14.03 12.87
N VAL D 99 24.91 -13.65 12.02
CA VAL D 99 24.47 -14.54 10.96
C VAL D 99 25.53 -14.81 9.95
N LEU D 100 26.25 -13.78 9.53
CA LEU D 100 27.31 -13.95 8.58
C LEU D 100 28.41 -14.81 9.13
N ARG D 101 28.68 -14.69 10.42
CA ARG D 101 29.69 -15.51 11.05
C ARG D 101 29.25 -16.97 11.02
N LYS D 102 27.96 -17.20 11.30
CA LYS D 102 27.41 -18.55 11.24
C LYS D 102 27.52 -19.11 9.83
N GLU D 103 27.26 -18.30 8.83
CA GLU D 103 27.43 -18.70 7.45
C GLU D 103 28.84 -19.14 7.20
N ARG D 104 29.77 -18.28 7.59
CA ARG D 104 31.18 -18.49 7.34
C ARG D 104 31.67 -19.80 7.90
N ARG D 105 31.24 -20.14 9.11
CA ARG D 105 31.65 -21.39 9.73
C ARG D 105 30.79 -22.61 9.34
N GLY D 106 29.89 -22.45 8.35
CA GLY D 106 29.11 -23.57 7.84
C GLY D 106 27.85 -23.95 8.62
N ASP D 107 27.35 -23.09 9.49
CA ASP D 107 26.17 -23.42 10.28
C ASP D 107 24.89 -23.59 9.48
N TYR D 108 24.86 -23.13 8.25
CA TYR D 108 23.66 -23.28 7.46
C TYR D 108 23.79 -24.39 6.43
N LEU D 109 24.86 -25.16 6.54
CA LEU D 109 25.06 -26.38 5.75
C LEU D 109 24.87 -26.29 4.23
N GLY D 110 25.22 -25.18 3.61
CA GLY D 110 25.07 -25.08 2.16
C GLY D 110 23.76 -24.44 1.71
N ALA D 111 22.90 -24.09 2.66
CA ALA D 111 21.62 -23.47 2.35
C ALA D 111 21.77 -21.97 2.09
N THR D 112 20.76 -21.41 1.43
CA THR D 112 20.72 -20.00 1.15
C THR D 112 20.31 -19.29 2.40
N VAL D 113 21.06 -18.28 2.77
CA VAL D 113 20.71 -17.52 3.95
C VAL D 113 19.87 -16.35 3.46
N GLN D 114 18.64 -16.30 3.95
CA GLN D 114 17.72 -15.27 3.52
C GLN D 114 17.14 -14.53 4.70
N VAL D 115 16.62 -13.32 4.44
CA VAL D 115 15.98 -12.56 5.51
C VAL D 115 14.94 -13.44 6.12
N ILE D 116 14.09 -13.95 5.27
CA ILE D 116 13.14 -14.93 5.67
C ILE D 116 13.68 -16.24 5.16
N PRO D 117 13.91 -17.20 6.04
CA PRO D 117 13.69 -17.22 7.48
C PRO D 117 14.90 -16.95 8.37
N HIS D 118 16.08 -16.76 7.81
CA HIS D 118 17.25 -16.81 8.66
C HIS D 118 17.50 -15.58 9.50
N ILE D 119 17.22 -14.41 8.96
CA ILE D 119 17.45 -13.22 9.75
C ILE D 119 16.38 -13.13 10.81
N THR D 120 15.16 -13.50 10.43
CA THR D 120 14.07 -13.50 11.40
C THR D 120 14.29 -14.56 12.47
N ASN D 121 15.01 -15.63 12.15
CA ASN D 121 15.33 -16.63 13.15
C ASN D 121 16.28 -16.06 14.17
N ALA D 122 17.28 -15.33 13.71
CA ALA D 122 18.20 -14.71 14.64
C ALA D 122 17.43 -13.83 15.62
N ILE D 123 16.50 -13.05 15.09
CA ILE D 123 15.72 -12.14 15.89
C ILE D 123 14.83 -12.84 16.92
N LYS D 124 14.01 -13.77 16.45
CA LYS D 124 13.05 -14.42 17.34
C LYS D 124 13.72 -15.26 18.40
N GLU D 125 14.92 -15.76 18.13
CA GLU D 125 15.64 -16.53 19.12
C GLU D 125 16.15 -15.63 20.21
N ARG D 126 16.61 -14.44 19.82
CA ARG D 126 17.07 -13.49 20.82
C ARG D 126 15.93 -13.00 21.69
N VAL D 127 14.75 -12.85 21.10
CA VAL D 127 13.60 -12.44 21.88
C VAL D 127 13.23 -13.47 22.92
N LEU D 128 13.17 -14.72 22.50
CA LEU D 128 12.82 -15.79 23.42
C LEU D 128 13.85 -15.92 24.52
N GLU D 129 15.12 -15.69 24.18
CA GLU D 129 16.19 -15.72 25.16
C GLU D 129 15.95 -14.71 26.27
N GLY D 130 15.77 -13.46 25.89
CA GLY D 130 15.56 -12.41 26.87
C GLY D 130 14.28 -12.57 27.69
N GLY D 131 13.23 -13.09 27.07
CA GLY D 131 11.97 -13.26 27.78
C GLY D 131 11.89 -14.48 28.70
N GLU D 132 12.95 -15.29 28.73
CA GLU D 132 12.94 -16.49 29.54
C GLU D 132 12.73 -16.22 31.02
N GLY D 133 11.75 -16.90 31.60
CA GLY D 133 11.48 -16.82 33.02
C GLY D 133 10.66 -15.61 33.46
N HIS D 134 10.09 -14.87 32.52
CA HIS D 134 9.32 -13.69 32.92
C HIS D 134 7.84 -13.84 32.64
N ASP D 135 7.02 -13.13 33.43
CA ASP D 135 5.59 -13.16 33.24
C ASP D 135 5.20 -12.33 32.04
N VAL D 136 5.73 -11.11 32.00
CA VAL D 136 5.44 -10.19 30.92
C VAL D 136 6.69 -9.59 30.36
N VAL D 137 6.82 -9.63 29.04
CA VAL D 137 7.97 -9.07 28.38
C VAL D 137 7.57 -7.98 27.42
N LEU D 138 8.08 -6.78 27.63
CA LEU D 138 7.77 -5.74 26.69
C LEU D 138 8.87 -5.68 25.67
N VAL D 139 8.50 -5.55 24.40
CA VAL D 139 9.48 -5.48 23.34
C VAL D 139 9.27 -4.23 22.52
N GLU D 140 10.20 -3.30 22.62
CA GLU D 140 10.10 -2.07 21.87
C GLU D 140 10.78 -2.17 20.54
N ILE D 141 10.04 -1.87 19.50
CA ILE D 141 10.60 -1.85 18.17
C ILE D 141 10.92 -0.43 17.77
N GLY D 142 12.20 -0.15 17.58
CA GLY D 142 12.64 1.16 17.18
C GLY D 142 12.33 1.43 15.72
N GLY D 143 12.57 2.64 15.28
CA GLY D 143 12.30 3.03 13.92
C GLY D 143 10.85 3.48 13.80
N THR D 144 10.41 3.74 12.58
CA THR D 144 9.03 4.17 12.36
C THR D 144 8.32 3.24 11.40
N VAL D 145 7.07 2.92 11.72
CA VAL D 145 6.30 2.02 10.89
C VAL D 145 6.08 2.58 9.51
N GLY D 146 6.37 1.75 8.51
CA GLY D 146 6.27 2.12 7.11
C GLY D 146 7.65 2.32 6.51
N ASP D 147 8.67 2.41 7.36
CA ASP D 147 10.03 2.55 6.90
C ASP D 147 10.72 1.20 6.77
N ILE D 148 11.60 1.10 5.77
CA ILE D 148 12.23 -0.19 5.49
C ILE D 148 13.22 -0.59 6.57
N GLU D 149 13.73 0.40 7.29
CA GLU D 149 14.67 0.19 8.39
C GLU D 149 14.28 -0.85 9.44
N SER D 150 13.01 -1.23 9.54
CA SER D 150 12.67 -2.18 10.58
C SER D 150 11.64 -3.21 10.15
N LEU D 151 11.43 -3.34 8.85
CA LEU D 151 10.43 -4.30 8.38
C LEU D 151 10.76 -5.75 8.76
N PRO D 152 12.03 -6.20 8.72
CA PRO D 152 12.48 -7.52 9.14
C PRO D 152 12.09 -7.84 10.56
N PHE D 153 12.14 -6.83 11.42
CA PHE D 153 11.80 -7.04 12.81
C PHE D 153 10.33 -7.24 12.95
N LEU D 154 9.57 -6.44 12.20
CA LEU D 154 8.13 -6.51 12.23
C LEU D 154 7.65 -7.84 11.72
N GLU D 155 8.34 -8.37 10.72
CA GLU D 155 8.02 -9.66 10.18
C GLU D 155 8.32 -10.78 11.14
N ALA D 156 9.46 -10.70 11.81
CA ALA D 156 9.82 -11.70 12.80
C ALA D 156 8.76 -11.78 13.87
N ILE D 157 8.27 -10.60 14.29
CA ILE D 157 7.24 -10.52 15.29
C ILE D 157 5.97 -11.16 14.85
N ARG D 158 5.53 -10.83 13.64
CA ARG D 158 4.30 -11.40 13.12
C ARG D 158 4.34 -12.89 13.22
N GLN D 159 5.44 -13.48 12.74
CA GLN D 159 5.61 -14.91 12.78
C GLN D 159 5.53 -15.44 14.20
N MET D 160 6.28 -14.81 15.10
CA MET D 160 6.30 -15.19 16.50
C MET D 160 4.93 -15.20 17.10
N ALA D 161 4.19 -14.12 16.89
CA ALA D 161 2.85 -13.95 17.42
C ALA D 161 1.98 -15.12 17.02
N VAL D 162 2.06 -15.52 15.77
CA VAL D 162 1.29 -16.66 15.29
C VAL D 162 1.72 -17.93 16.01
N GLU D 163 3.03 -18.11 16.15
CA GLU D 163 3.58 -19.28 16.80
C GLU D 163 3.20 -19.42 18.26
N ILE D 164 3.18 -18.32 18.99
CA ILE D 164 2.87 -18.40 20.41
C ILE D 164 1.37 -18.28 20.68
N GLY D 165 0.63 -17.71 19.74
CA GLY D 165 -0.81 -17.58 19.89
C GLY D 165 -1.17 -16.20 20.42
N ARG D 166 -2.36 -15.74 20.07
CA ARG D 166 -2.82 -14.41 20.46
C ARG D 166 -3.04 -14.28 21.95
N GLU D 167 -3.29 -15.40 22.62
CA GLU D 167 -3.44 -15.39 24.05
C GLU D 167 -2.16 -15.03 24.80
N HIS D 168 -1.03 -14.95 24.10
CA HIS D 168 0.21 -14.54 24.74
C HIS D 168 0.80 -13.31 24.09
N THR D 169 0.02 -12.57 23.30
CA THR D 169 0.59 -11.38 22.70
C THR D 169 -0.38 -10.24 22.45
N LEU D 170 0.10 -9.02 22.69
CA LEU D 170 -0.67 -7.82 22.42
C LEU D 170 0.13 -6.82 21.60
N PHE D 171 -0.56 -6.04 20.78
CA PHE D 171 0.09 -5.02 19.98
C PHE D 171 -0.28 -3.61 20.40
N MET D 172 0.69 -2.90 20.94
CA MET D 172 0.50 -1.53 21.35
C MET D 172 1.16 -0.59 20.36
N HIS D 173 0.39 0.32 19.81
CA HIS D 173 0.89 1.22 18.80
C HIS D 173 0.72 2.68 19.12
N LEU D 174 1.84 3.41 19.12
CA LEU D 174 1.82 4.83 19.38
C LEU D 174 1.60 5.61 18.12
N THR D 175 0.82 6.66 18.26
CA THR D 175 0.56 7.55 17.17
C THR D 175 0.60 8.98 17.63
N LEU D 176 0.32 9.87 16.71
CA LEU D 176 0.30 11.28 16.98
C LEU D 176 -1.00 11.87 16.55
N VAL D 177 -1.63 12.56 17.47
CA VAL D 177 -2.82 13.30 17.17
C VAL D 177 -2.46 14.76 17.29
N PRO D 178 -2.05 15.40 16.18
CA PRO D 178 -1.55 16.75 16.09
C PRO D 178 -2.64 17.77 16.23
N TYR D 179 -2.32 18.87 16.87
CA TYR D 179 -3.26 19.96 17.02
C TYR D 179 -3.06 20.98 15.95
N MET D 180 -4.11 21.28 15.23
CA MET D 180 -4.06 22.26 14.17
C MET D 180 -4.76 23.52 14.55
N ALA D 181 -4.00 24.46 15.11
CA ALA D 181 -4.48 25.75 15.58
C ALA D 181 -5.24 26.52 14.53
N ALA D 182 -4.81 26.41 13.28
CA ALA D 182 -5.49 27.07 12.18
C ALA D 182 -6.95 26.62 12.07
N SER D 183 -7.19 25.35 12.38
CA SER D 183 -8.54 24.80 12.35
C SER D 183 -9.14 24.87 13.74
N GLY D 184 -8.28 24.97 14.75
CA GLY D 184 -8.71 25.03 16.12
C GLY D 184 -9.01 23.63 16.67
N GLU D 185 -8.48 22.60 16.01
CA GLU D 185 -8.78 21.25 16.46
C GLU D 185 -7.69 20.26 16.09
N VAL D 186 -7.72 19.11 16.74
CA VAL D 186 -6.79 18.05 16.44
C VAL D 186 -7.29 17.21 15.28
N LYS D 187 -6.37 16.51 14.61
CA LYS D 187 -6.74 15.66 13.49
C LYS D 187 -6.42 14.20 13.78
N THR D 188 -7.18 13.27 13.17
CA THR D 188 -6.92 11.84 13.43
C THR D 188 -6.49 11.08 12.19
N LYS D 189 -6.71 11.65 11.01
CA LYS D 189 -6.39 10.99 9.76
C LYS D 189 -5.04 10.25 9.73
N PRO D 190 -3.90 10.89 10.10
CA PRO D 190 -2.58 10.31 10.17
C PRO D 190 -2.56 8.99 10.94
N THR D 191 -3.32 8.94 12.03
CA THR D 191 -3.40 7.76 12.86
C THR D 191 -4.06 6.64 12.13
N GLN D 192 -5.14 6.98 11.45
CA GLN D 192 -5.87 6.00 10.71
C GLN D 192 -4.96 5.34 9.69
N HIS D 193 -4.15 6.15 9.02
CA HIS D 193 -3.23 5.61 8.04
C HIS D 193 -2.13 4.79 8.66
N SER D 194 -1.63 5.22 9.81
CA SER D 194 -0.57 4.50 10.48
C SER D 194 -1.00 3.07 10.79
N VAL D 195 -2.22 2.94 11.30
CA VAL D 195 -2.78 1.65 11.58
C VAL D 195 -2.89 0.82 10.32
N LYS D 196 -3.38 1.43 9.24
CA LYS D 196 -3.47 0.72 7.98
C LYS D 196 -2.14 0.18 7.54
N GLU D 197 -1.07 0.92 7.82
CA GLU D 197 0.25 0.47 7.44
C GLU D 197 0.63 -0.78 8.19
N LEU D 198 0.38 -0.82 9.50
CA LEU D 198 0.66 -2.05 10.22
C LEU D 198 -0.14 -3.20 9.69
N LEU D 199 -1.39 -2.94 9.36
CA LEU D 199 -2.22 -3.99 8.85
C LEU D 199 -1.67 -4.55 7.57
N SER D 200 -1.12 -3.70 6.71
CA SER D 200 -0.59 -4.16 5.43
C SER D 200 0.59 -5.11 5.57
N ILE D 201 1.21 -5.16 6.76
CA ILE D 201 2.31 -6.07 6.97
C ILE D 201 1.93 -7.18 7.95
N GLY D 202 0.63 -7.44 8.09
CA GLY D 202 0.14 -8.54 8.91
C GLY D 202 -0.04 -8.25 10.38
N ILE D 203 -0.05 -6.98 10.79
CA ILE D 203 -0.21 -6.63 12.19
C ILE D 203 -1.47 -5.83 12.51
N GLN D 204 -2.32 -6.41 13.34
CA GLN D 204 -3.53 -5.75 13.83
C GLN D 204 -3.34 -5.27 15.27
N PRO D 205 -3.31 -3.96 15.50
CA PRO D 205 -3.18 -3.31 16.79
C PRO D 205 -4.29 -3.67 17.73
N ASP D 206 -3.96 -3.77 19.00
CA ASP D 206 -4.93 -4.06 20.02
C ASP D 206 -5.15 -2.83 20.89
N ILE D 207 -4.06 -2.10 21.13
CA ILE D 207 -4.08 -0.92 21.98
C ILE D 207 -3.50 0.28 21.27
N LEU D 208 -4.20 1.40 21.33
CA LEU D 208 -3.69 2.60 20.68
C LEU D 208 -3.32 3.67 21.69
N ILE D 209 -2.18 4.32 21.46
CA ILE D 209 -1.72 5.41 22.31
C ILE D 209 -1.71 6.71 21.52
N CYS D 210 -2.55 7.65 21.91
CA CYS D 210 -2.67 8.90 21.18
C CYS D 210 -1.84 10.01 21.77
N ARG D 211 -0.63 10.19 21.27
CA ARG D 211 0.24 11.23 21.79
C ARG D 211 -0.18 12.59 21.29
N SER D 212 -0.18 13.55 22.20
CA SER D 212 -0.53 14.90 21.82
C SER D 212 -0.11 15.86 22.90
N ASP D 213 -0.37 17.13 22.68
CA ASP D 213 -0.10 18.14 23.68
C ASP D 213 -1.36 18.43 24.51
N ARG D 214 -2.38 17.57 24.39
CA ARG D 214 -3.63 17.80 25.09
C ARG D 214 -4.51 16.57 25.04
N ALA D 215 -5.40 16.45 26.01
CA ALA D 215 -6.28 15.31 26.05
C ALA D 215 -7.11 15.21 24.79
N VAL D 216 -7.21 14.00 24.25
CA VAL D 216 -8.00 13.76 23.07
C VAL D 216 -9.42 13.41 23.49
N PRO D 217 -10.44 14.10 22.96
CA PRO D 217 -11.85 13.91 23.22
C PRO D 217 -12.28 12.49 22.95
N ALA D 218 -13.19 12.00 23.78
CA ALA D 218 -13.72 10.65 23.67
C ALA D 218 -14.32 10.39 22.31
N ASN D 219 -14.91 11.43 21.73
CA ASN D 219 -15.49 11.32 20.43
C ASN D 219 -14.46 10.98 19.38
N GLU D 220 -13.28 11.57 19.52
CA GLU D 220 -12.24 11.37 18.55
C GLU D 220 -11.65 10.00 18.74
N ARG D 221 -11.57 9.59 20.00
CA ARG D 221 -11.07 8.28 20.34
C ARG D 221 -12.00 7.22 19.76
N ALA D 222 -13.30 7.49 19.80
CA ALA D 222 -14.30 6.61 19.24
C ALA D 222 -14.17 6.51 17.73
N LYS D 223 -13.92 7.64 17.08
CA LYS D 223 -13.74 7.65 15.64
C LYS D 223 -12.57 6.79 15.24
N ILE D 224 -11.50 6.88 16.02
CA ILE D 224 -10.32 6.08 15.78
C ILE D 224 -10.64 4.62 15.98
N ALA D 225 -11.31 4.31 17.08
CA ALA D 225 -11.71 2.96 17.42
C ALA D 225 -12.43 2.32 16.24
N LEU D 226 -13.35 3.06 15.65
CA LEU D 226 -14.07 2.60 14.50
C LEU D 226 -13.18 2.19 13.36
N PHE D 227 -12.36 3.13 12.91
CA PHE D 227 -11.56 2.88 11.74
C PHE D 227 -10.41 1.91 11.93
N CYS D 228 -10.05 1.64 13.17
CA CYS D 228 -8.92 0.76 13.41
C CYS D 228 -9.27 -0.64 13.86
N ASN D 229 -10.56 -0.97 13.97
CA ASN D 229 -11.00 -2.28 14.48
C ASN D 229 -10.58 -2.47 15.94
N VAL D 230 -10.65 -1.41 16.73
CA VAL D 230 -10.22 -1.46 18.12
C VAL D 230 -11.34 -1.00 19.03
N PRO D 231 -11.58 -1.67 20.16
CA PRO D 231 -12.54 -1.30 21.17
C PRO D 231 -12.23 0.09 21.70
N GLU D 232 -13.27 0.86 22.01
CA GLU D 232 -13.08 2.23 22.47
C GLU D 232 -12.23 2.32 23.72
N LYS D 233 -12.42 1.37 24.62
CA LYS D 233 -11.67 1.34 25.86
C LYS D 233 -10.19 1.03 25.67
N ALA D 234 -9.81 0.53 24.50
CA ALA D 234 -8.43 0.24 24.21
C ALA D 234 -7.75 1.43 23.52
N VAL D 235 -8.48 2.53 23.31
CA VAL D 235 -7.90 3.72 22.73
C VAL D 235 -7.57 4.68 23.85
N ILE D 236 -6.30 4.79 24.16
CA ILE D 236 -5.77 5.58 25.26
C ILE D 236 -5.26 6.94 24.84
N SER D 237 -5.65 7.99 25.56
CA SER D 237 -5.15 9.34 25.26
C SER D 237 -3.93 9.66 26.09
N LEU D 238 -2.91 10.26 25.47
CA LEU D 238 -1.73 10.61 26.25
C LEU D 238 -1.18 11.97 25.88
N LYS D 239 -1.63 12.96 26.64
CA LYS D 239 -1.22 14.34 26.50
C LYS D 239 0.16 14.58 27.08
N ASP D 240 0.82 15.62 26.61
CA ASP D 240 2.12 15.99 27.13
C ASP D 240 2.06 16.43 28.58
N VAL D 241 3.06 16.01 29.34
CA VAL D 241 3.18 16.37 30.75
C VAL D 241 4.58 16.88 31.07
N ASP D 242 4.72 17.52 32.21
CA ASP D 242 6.00 18.07 32.63
C ASP D 242 6.90 17.10 33.40
N SER D 243 6.51 15.84 33.48
CA SER D 243 7.33 14.84 34.15
C SER D 243 6.92 13.45 33.81
N ILE D 244 7.91 12.67 33.40
CA ILE D 244 7.74 11.28 33.07
C ILE D 244 7.20 10.48 34.23
N TYR D 245 7.50 10.91 35.44
CA TYR D 245 7.13 10.18 36.62
C TYR D 245 5.61 10.19 36.86
N LYS D 246 4.88 11.02 36.10
CA LYS D 246 3.43 11.13 36.20
C LYS D 246 2.69 10.24 35.21
N ILE D 247 3.43 9.58 34.33
CA ILE D 247 2.79 8.80 33.30
C ILE D 247 2.07 7.54 33.81
N PRO D 248 2.66 6.75 34.72
CA PRO D 248 2.07 5.58 35.34
C PRO D 248 0.69 5.91 35.88
N GLY D 249 0.57 7.10 36.46
CA GLY D 249 -0.69 7.57 36.99
C GLY D 249 -1.73 7.69 35.88
N LEU D 250 -1.33 8.29 34.77
CA LEU D 250 -2.25 8.44 33.64
C LEU D 250 -2.68 7.13 33.02
N LEU D 251 -1.75 6.21 32.87
CA LEU D 251 -2.05 4.93 32.26
C LEU D 251 -2.97 4.13 33.14
N LYS D 252 -2.73 4.24 34.45
CA LYS D 252 -3.54 3.59 35.43
C LYS D 252 -4.92 4.18 35.42
N SER D 253 -4.99 5.51 35.34
CA SER D 253 -6.25 6.22 35.31
C SER D 253 -7.18 5.73 34.20
N GLN D 254 -6.60 5.42 33.04
CA GLN D 254 -7.42 4.94 31.95
C GLN D 254 -7.65 3.42 31.91
N GLY D 255 -7.21 2.69 32.94
CA GLY D 255 -7.49 1.25 33.05
C GLY D 255 -6.65 0.35 32.15
N LEU D 256 -5.51 0.82 31.70
CA LEU D 256 -4.68 0.05 30.78
C LEU D 256 -4.26 -1.31 31.31
N ASP D 257 -3.74 -1.34 32.51
CA ASP D 257 -3.23 -2.57 33.10
C ASP D 257 -4.31 -3.62 33.34
N ASP D 258 -5.49 -3.17 33.73
CA ASP D 258 -6.61 -4.07 33.93
C ASP D 258 -6.96 -4.77 32.65
N TYR D 259 -7.00 -4.00 31.58
CA TYR D 259 -7.25 -4.53 30.26
C TYR D 259 -6.25 -5.62 29.94
N ILE D 260 -4.98 -5.32 30.14
CA ILE D 260 -3.91 -6.24 29.84
C ILE D 260 -4.00 -7.57 30.58
N CYS D 261 -4.20 -7.52 31.90
CA CYS D 261 -4.31 -8.76 32.65
C CYS D 261 -5.54 -9.53 32.23
N LYS D 262 -6.61 -8.82 31.87
CA LYS D 262 -7.79 -9.48 31.38
C LYS D 262 -7.46 -10.26 30.11
N ARG D 263 -6.72 -9.62 29.21
CA ARG D 263 -6.33 -10.25 27.96
C ARG D 263 -5.41 -11.44 28.19
N PHE D 264 -4.59 -11.38 29.22
CA PHE D 264 -3.72 -12.50 29.54
C PHE D 264 -4.27 -13.43 30.61
N SER D 265 -5.56 -13.28 30.95
CA SER D 265 -6.18 -14.12 31.98
C SER D 265 -5.41 -14.17 33.29
N LEU D 266 -4.82 -13.05 33.69
CA LEU D 266 -4.06 -13.01 34.92
C LEU D 266 -4.83 -12.39 36.06
N ASN D 267 -4.74 -13.01 37.22
CA ASN D 267 -5.39 -12.48 38.41
C ASN D 267 -4.42 -11.54 39.07
N CYS D 268 -4.30 -10.36 38.48
CA CYS D 268 -3.32 -9.39 38.91
C CYS D 268 -3.83 -8.49 40.06
N PRO D 269 -3.05 -8.36 41.14
CA PRO D 269 -3.26 -7.49 42.28
C PRO D 269 -3.25 -6.03 41.87
N GLU D 270 -4.00 -5.22 42.60
CA GLU D 270 -4.08 -3.78 42.32
C GLU D 270 -2.73 -3.09 42.41
N ALA D 271 -2.39 -2.33 41.37
CA ALA D 271 -1.11 -1.64 41.30
C ALA D 271 -0.89 -0.65 42.43
N ASN D 272 0.27 -0.76 43.07
CA ASN D 272 0.66 0.20 44.08
C ASN D 272 1.61 1.22 43.48
N LEU D 273 1.05 2.33 43.01
CA LEU D 273 1.86 3.37 42.39
C LEU D 273 2.22 4.51 43.35
N SER D 274 1.97 4.31 44.65
CA SER D 274 2.20 5.34 45.64
C SER D 274 3.66 5.76 45.73
N GLU D 275 4.57 4.90 45.30
CA GLU D 275 5.97 5.24 45.32
C GLU D 275 6.25 6.42 44.41
N TRP D 276 5.56 6.45 43.27
CA TRP D 276 5.75 7.54 42.35
C TRP D 276 4.90 8.70 42.74
N GLU D 277 3.76 8.43 43.37
CA GLU D 277 2.91 9.51 43.83
C GLU D 277 3.68 10.36 44.82
N GLN D 278 4.43 9.70 45.69
CA GLN D 278 5.31 10.37 46.63
C GLN D 278 6.30 11.23 45.90
N VAL D 279 6.98 10.64 44.92
CA VAL D 279 7.96 11.35 44.13
C VAL D 279 7.36 12.56 43.46
N ILE D 280 6.18 12.41 42.89
CA ILE D 280 5.46 13.48 42.23
C ILE D 280 5.17 14.61 43.17
N PHE D 281 4.65 14.27 44.35
CA PHE D 281 4.37 15.26 45.37
C PHE D 281 5.58 16.05 45.71
N GLU D 282 6.67 15.35 45.97
CA GLU D 282 7.91 15.97 46.34
C GLU D 282 8.48 16.81 45.21
N GLU D 283 8.41 16.27 43.99
CA GLU D 283 8.88 16.95 42.79
C GLU D 283 8.17 18.28 42.59
N ALA D 284 6.84 18.24 42.71
CA ALA D 284 6.01 19.41 42.53
C ALA D 284 5.98 20.33 43.73
N ASN D 285 6.64 19.98 44.83
CA ASN D 285 6.63 20.81 46.01
C ASN D 285 7.98 20.85 46.71
N PRO D 286 9.04 21.34 46.06
CA PRO D 286 10.36 21.52 46.60
C PRO D 286 10.30 22.67 47.56
N VAL D 287 11.15 22.66 48.57
CA VAL D 287 11.19 23.75 49.52
C VAL D 287 12.16 24.83 49.07
N SER D 288 13.10 24.47 48.20
CA SER D 288 14.08 25.44 47.74
C SER D 288 14.44 25.29 46.26
N GLU D 289 15.50 25.98 45.87
CA GLU D 289 16.04 25.95 44.51
C GLU D 289 17.54 26.23 44.53
N VAL D 290 18.26 25.70 43.56
CA VAL D 290 19.70 25.91 43.52
C VAL D 290 20.26 25.87 42.10
N THR D 291 21.24 26.74 41.81
CA THR D 291 21.83 26.78 40.47
C THR D 291 23.12 25.99 40.36
N ILE D 292 23.07 24.99 39.52
CA ILE D 292 24.19 24.12 39.25
C ILE D 292 24.75 24.43 37.89
N GLY D 293 26.05 24.66 37.79
CA GLY D 293 26.60 24.92 36.47
C GLY D 293 27.35 23.70 35.99
N MET D 294 27.16 23.33 34.73
CA MET D 294 27.85 22.17 34.20
C MET D 294 28.73 22.54 33.03
N VAL D 295 30.00 22.17 33.12
CA VAL D 295 30.96 22.50 32.08
C VAL D 295 31.33 21.27 31.28
N GLY D 296 31.10 21.31 29.97
CA GLY D 296 31.41 20.14 29.16
C GLY D 296 31.60 20.42 27.67
N LYS D 297 31.08 19.51 26.85
CA LYS D 297 31.34 19.60 25.41
C LYS D 297 30.14 19.27 24.56
N TYR D 298 29.37 18.29 25.00
CA TYR D 298 28.25 17.82 24.21
C TYR D 298 26.94 18.47 24.64
N ILE D 299 27.04 19.65 25.25
CA ILE D 299 25.90 20.42 25.73
C ILE D 299 24.98 20.91 24.63
N GLU D 300 25.37 20.71 23.37
CA GLU D 300 24.57 21.10 22.23
C GLU D 300 23.44 20.09 21.98
N LEU D 301 23.37 19.05 22.81
CA LEU D 301 22.31 18.08 22.75
C LEU D 301 22.27 17.32 24.05
N PRO D 302 21.62 17.92 25.08
CA PRO D 302 21.44 17.44 26.47
C PRO D 302 21.36 15.92 26.66
N ASP D 303 20.89 15.20 25.65
CA ASP D 303 20.83 13.74 25.66
C ASP D 303 22.18 13.13 26.02
N ALA D 304 23.26 13.79 25.62
CA ALA D 304 24.63 13.37 25.89
C ALA D 304 24.91 13.23 27.37
N TYR D 305 24.23 14.03 28.18
CA TYR D 305 24.42 13.98 29.61
C TYR D 305 23.10 13.66 30.30
N LYS D 306 22.20 12.96 29.59
CA LYS D 306 20.87 12.65 30.10
C LYS D 306 20.87 11.94 31.42
N SER D 307 21.72 10.92 31.54
CA SER D 307 21.79 10.14 32.75
C SER D 307 22.25 10.98 33.94
N VAL D 308 23.09 11.97 33.66
CA VAL D 308 23.60 12.87 34.66
C VAL D 308 22.51 13.81 35.12
N ILE D 309 21.80 14.37 34.14
CA ILE D 309 20.72 15.30 34.39
C ILE D 309 19.67 14.67 35.28
N GLU D 310 19.32 13.42 34.98
CA GLU D 310 18.37 12.69 35.79
C GLU D 310 18.89 12.47 37.18
N ALA D 311 20.17 12.11 37.30
CA ALA D 311 20.75 11.89 38.61
C ALA D 311 20.72 13.16 39.46
N LEU D 312 20.99 14.30 38.85
CA LEU D 312 20.91 15.59 39.54
C LEU D 312 19.50 15.85 40.02
N LYS D 313 18.53 15.54 39.16
CA LYS D 313 17.14 15.70 39.50
C LYS D 313 16.78 14.88 40.74
N HIS D 314 17.30 13.66 40.79
CA HIS D 314 17.03 12.75 41.89
C HIS D 314 17.59 13.26 43.20
N GLY D 315 18.77 13.85 43.15
CA GLY D 315 19.36 14.46 44.34
C GLY D 315 18.43 15.58 44.83
N GLY D 316 17.94 16.37 43.87
CA GLY D 316 17.01 17.46 44.15
C GLY D 316 15.72 16.96 44.79
N LEU D 317 15.20 15.84 44.30
CA LEU D 317 13.98 15.27 44.88
C LEU D 317 14.17 14.93 46.34
N LYS D 318 15.32 14.34 46.66
CA LYS D 318 15.57 13.95 48.04
C LYS D 318 15.79 15.15 48.93
N ASN D 319 16.33 16.22 48.37
CA ASN D 319 16.53 17.44 49.14
C ASN D 319 15.44 18.47 48.89
N ARG D 320 14.32 18.08 48.26
CA ARG D 320 13.22 19.00 47.95
C ARG D 320 13.72 20.34 47.44
N VAL D 321 14.61 20.30 46.45
CA VAL D 321 15.18 21.51 45.92
C VAL D 321 15.26 21.45 44.40
N SER D 322 14.86 22.54 43.76
CA SER D 322 14.87 22.61 42.31
C SER D 322 16.28 22.72 41.76
N VAL D 323 16.61 21.90 40.78
CA VAL D 323 17.95 21.94 40.20
C VAL D 323 17.95 22.66 38.86
N ASN D 324 18.65 23.79 38.83
CA ASN D 324 18.79 24.62 37.64
C ASN D 324 20.14 24.39 36.99
N ILE D 325 20.17 23.66 35.86
CA ILE D 325 21.45 23.36 35.23
C ILE D 325 21.85 24.35 34.14
N LYS D 326 23.00 24.99 34.33
CA LYS D 326 23.57 25.89 33.33
C LYS D 326 24.47 25.11 32.38
N LEU D 327 24.23 25.22 31.09
CA LEU D 327 25.10 24.53 30.15
C LEU D 327 26.26 25.42 29.74
N ILE D 328 27.46 24.98 30.06
CA ILE D 328 28.66 25.72 29.76
C ILE D 328 29.61 24.97 28.87
N ASP D 329 30.04 25.63 27.81
CA ASP D 329 31.02 25.03 26.93
C ASP D 329 32.41 25.25 27.50
N SER D 330 33.13 24.17 27.72
CA SER D 330 34.49 24.20 28.20
C SER D 330 35.39 25.14 27.40
N GLN D 331 35.10 25.28 26.11
CA GLN D 331 35.86 26.11 25.20
C GLN D 331 35.61 27.59 25.47
N ASP D 332 34.47 27.91 26.08
CA ASP D 332 34.16 29.27 26.44
C ASP D 332 34.86 29.63 27.72
N VAL D 333 34.98 28.66 28.63
CA VAL D 333 35.76 28.95 29.84
C VAL D 333 37.19 29.13 29.41
N GLU D 334 37.63 28.31 28.47
CA GLU D 334 38.95 28.45 27.87
C GLU D 334 39.13 29.85 27.26
N THR D 335 38.12 30.32 26.51
CA THR D 335 38.15 31.63 25.85
C THR D 335 37.82 32.81 26.76
N ARG D 336 36.57 32.90 27.17
CA ARG D 336 36.07 33.97 28.02
C ARG D 336 36.64 33.94 29.41
N GLY D 337 36.76 32.74 29.96
CA GLY D 337 37.32 32.61 31.31
C GLY D 337 36.26 32.33 32.36
N VAL D 338 36.73 32.30 33.60
CA VAL D 338 35.92 32.02 34.79
C VAL D 338 34.73 32.93 35.05
N GLU D 339 34.59 34.04 34.32
CA GLU D 339 33.43 34.92 34.48
C GLU D 339 32.11 34.15 34.26
N ILE D 340 32.20 33.10 33.46
CA ILE D 340 31.11 32.20 33.16
C ILE D 340 30.62 31.45 34.38
N LEU D 341 31.55 31.18 35.29
CA LEU D 341 31.34 30.38 36.46
C LEU D 341 30.77 31.20 37.62
N LYS D 342 30.58 32.49 37.40
CA LYS D 342 30.00 33.34 38.42
C LYS D 342 28.49 33.17 38.44
N GLY D 343 27.89 33.40 39.60
CA GLY D 343 26.44 33.26 39.74
C GLY D 343 25.99 31.81 39.93
N LEU D 344 26.93 30.93 40.23
CA LEU D 344 26.62 29.53 40.43
C LEU D 344 26.67 29.18 41.91
N ASP D 345 25.82 28.25 42.31
CA ASP D 345 25.80 27.80 43.69
C ASP D 345 26.70 26.58 43.81
N ALA D 346 26.77 25.82 42.72
CA ALA D 346 27.68 24.69 42.67
C ALA D 346 28.02 24.37 41.24
N ILE D 347 29.11 23.63 41.07
CA ILE D 347 29.61 23.30 39.76
C ILE D 347 29.84 21.81 39.57
N LEU D 348 29.43 21.30 38.43
CA LEU D 348 29.58 19.90 38.10
C LEU D 348 30.29 19.69 36.78
N VAL D 349 31.20 18.72 36.77
CA VAL D 349 31.92 18.39 35.57
C VAL D 349 31.76 16.89 35.24
N PRO D 350 31.06 16.57 34.15
CA PRO D 350 30.72 15.25 33.64
C PRO D 350 31.89 14.57 32.95
N GLY D 351 31.66 13.32 32.54
CA GLY D 351 32.67 12.53 31.83
C GLY D 351 32.56 12.75 30.32
N GLY D 352 33.17 11.84 29.56
CA GLY D 352 33.13 11.92 28.10
C GLY D 352 34.53 11.84 27.50
N PHE D 353 34.60 12.02 26.17
CA PHE D 353 35.86 11.96 25.45
C PHE D 353 36.07 13.17 24.54
N GLY D 354 37.34 13.51 24.30
CA GLY D 354 37.70 14.64 23.45
C GLY D 354 38.47 15.69 24.23
N TYR D 355 39.64 16.10 23.72
CA TYR D 355 40.44 17.11 24.41
C TYR D 355 39.71 18.43 24.45
N ARG D 356 39.46 19.00 23.26
CA ARG D 356 38.68 20.22 23.14
C ARG D 356 39.11 21.24 24.18
N GLY D 357 38.18 22.04 24.70
CA GLY D 357 38.50 23.03 25.72
C GLY D 357 38.63 22.46 27.15
N VAL D 358 39.12 21.22 27.31
CA VAL D 358 39.34 20.63 28.63
C VAL D 358 40.21 21.48 29.53
N GLU D 359 41.07 22.32 28.96
CA GLU D 359 41.87 23.19 29.79
C GLU D 359 40.95 24.17 30.52
N GLY D 360 39.85 24.56 29.89
CA GLY D 360 38.84 25.40 30.50
C GLY D 360 38.15 24.62 31.61
N MET D 361 37.96 23.30 31.39
CA MET D 361 37.39 22.43 32.43
C MET D 361 38.30 22.41 33.63
N ILE D 362 39.61 22.35 33.38
CA ILE D 362 40.62 22.37 34.43
C ILE D 362 40.57 23.68 35.16
N THR D 363 40.47 24.77 34.40
CA THR D 363 40.34 26.11 34.94
C THR D 363 39.12 26.19 35.85
N THR D 364 38.03 25.57 35.42
CA THR D 364 36.81 25.52 36.20
C THR D 364 36.99 24.75 37.49
N ALA D 365 37.65 23.60 37.41
CA ALA D 365 37.91 22.79 38.59
C ALA D 365 38.69 23.60 39.60
N ARG D 366 39.70 24.30 39.10
CA ARG D 366 40.51 25.19 39.90
C ARG D 366 39.66 26.24 40.55
N PHE D 367 38.81 26.88 39.76
CA PHE D 367 37.92 27.92 40.22
C PHE D 367 37.04 27.46 41.37
N ALA D 368 36.33 26.35 41.19
CA ALA D 368 35.45 25.83 42.23
C ALA D 368 36.23 25.43 43.47
N ARG D 369 37.38 24.79 43.27
CA ARG D 369 38.21 24.38 44.36
C ARG D 369 38.68 25.57 45.19
N GLU D 370 39.36 26.48 44.53
CA GLU D 370 39.92 27.63 45.19
C GLU D 370 38.88 28.57 45.78
N ASN D 371 37.70 28.62 45.20
CA ASN D 371 36.66 29.47 45.76
C ASN D 371 35.66 28.74 46.66
N ASN D 372 35.96 27.49 47.03
CA ASN D 372 35.11 26.73 47.93
C ASN D 372 33.67 26.60 47.47
N ILE D 373 33.48 26.35 46.19
CA ILE D 373 32.17 26.18 45.59
C ILE D 373 31.93 24.70 45.39
N PRO D 374 30.97 24.08 46.09
CA PRO D 374 30.60 22.66 45.98
C PRO D 374 30.88 22.14 44.58
N TYR D 375 31.50 20.98 44.51
CA TYR D 375 31.93 20.44 43.24
C TYR D 375 31.78 18.94 43.10
N LEU D 376 31.25 18.50 41.95
CA LEU D 376 31.12 17.08 41.68
C LEU D 376 31.73 16.71 40.34
N GLY D 377 32.74 15.84 40.36
CA GLY D 377 33.43 15.41 39.14
C GLY D 377 33.20 13.93 38.83
N ILE D 378 32.90 13.64 37.56
CA ILE D 378 32.65 12.26 37.15
C ILE D 378 33.53 11.83 35.99
N CYS D 379 34.27 10.73 36.18
CA CYS D 379 35.16 10.16 35.18
C CYS D 379 36.15 11.21 34.68
N LEU D 380 35.94 11.74 33.48
CA LEU D 380 36.80 12.79 32.95
C LEU D 380 36.87 13.98 33.90
N GLY D 381 35.78 14.30 34.57
CA GLY D 381 35.76 15.41 35.53
C GLY D 381 36.73 15.16 36.67
N MET D 382 36.97 13.90 37.00
CA MET D 382 37.92 13.53 38.02
C MET D 382 39.32 13.73 37.49
N GLN D 383 39.53 13.31 36.24
CA GLN D 383 40.83 13.45 35.57
C GLN D 383 41.23 14.91 35.53
N VAL D 384 40.25 15.76 35.21
CA VAL D 384 40.38 17.19 35.18
C VAL D 384 40.76 17.77 36.51
N ALA D 385 40.02 17.38 37.54
CA ALA D 385 40.28 17.82 38.89
C ALA D 385 41.65 17.36 39.37
N LEU D 386 42.04 16.15 38.97
CA LEU D 386 43.33 15.59 39.33
C LEU D 386 44.43 16.47 38.80
N ILE D 387 44.34 16.84 37.52
CA ILE D 387 45.31 17.71 36.88
C ILE D 387 45.36 19.07 37.54
N ASP D 388 44.18 19.65 37.76
CA ASP D 388 44.08 20.92 38.47
C ASP D 388 44.87 20.95 39.75
N TYR D 389 44.50 20.07 40.66
CA TYR D 389 45.12 19.98 41.94
C TYR D 389 46.61 19.69 41.83
N ALA D 390 46.96 18.72 41.00
CA ALA D 390 48.34 18.32 40.83
C ALA D 390 49.22 19.46 40.36
N ARG D 391 48.80 20.14 39.32
CA ARG D 391 49.58 21.21 38.73
C ARG D 391 49.67 22.46 39.59
N HIS D 392 48.58 22.83 40.26
CA HIS D 392 48.57 24.08 41.00
C HIS D 392 48.83 23.95 42.48
N VAL D 393 48.58 22.78 43.06
CA VAL D 393 48.85 22.59 44.47
C VAL D 393 50.09 21.73 44.68
N ALA D 394 50.11 20.58 44.01
CA ALA D 394 51.26 19.67 44.14
C ALA D 394 52.44 20.11 43.26
N ASN D 395 52.28 21.21 42.51
CA ASN D 395 53.31 21.81 41.66
C ASN D 395 53.78 20.92 40.52
N MET D 396 52.86 20.17 39.96
CA MET D 396 53.19 19.28 38.89
C MET D 396 52.94 19.94 37.55
N GLU D 397 53.90 20.79 37.19
CA GLU D 397 53.87 21.55 35.95
C GLU D 397 53.51 20.68 34.76
N ASN D 398 52.49 21.09 34.02
CA ASN D 398 51.99 20.30 32.90
C ASN D 398 51.45 18.95 33.31
N ALA D 399 50.81 18.87 34.48
CA ALA D 399 50.16 17.64 34.86
C ALA D 399 49.18 17.31 33.76
N ASN D 400 49.15 16.06 33.33
CA ASN D 400 48.26 15.77 32.22
C ASN D 400 48.02 14.28 32.03
N SER D 401 47.38 13.93 30.91
CA SER D 401 47.12 12.56 30.56
C SER D 401 47.82 12.17 29.29
N THR D 402 48.35 10.96 29.29
CA THR D 402 49.05 10.40 28.13
C THR D 402 48.13 10.19 26.95
N GLU D 403 46.82 10.15 27.20
CA GLU D 403 45.86 9.99 26.14
C GLU D 403 45.81 11.22 25.25
N PHE D 404 46.35 12.34 25.72
CA PHE D 404 46.37 13.55 24.93
C PHE D 404 47.78 14.02 24.68
N VAL D 405 48.65 13.79 25.66
CA VAL D 405 50.04 14.24 25.55
C VAL D 405 51.00 13.23 26.14
N PRO D 406 51.14 12.07 25.51
CA PRO D 406 52.05 10.95 25.88
C PRO D 406 53.32 11.39 26.62
N ASP D 407 53.95 12.46 26.16
CA ASP D 407 55.19 12.99 26.73
C ASP D 407 54.99 14.02 27.85
N CYS D 408 53.83 13.96 28.51
CA CYS D 408 53.40 14.81 29.63
C CYS D 408 54.50 15.38 30.50
N LYS D 409 55.33 14.48 31.02
CA LYS D 409 56.37 14.69 32.04
C LYS D 409 55.76 14.56 33.43
N TYR D 410 54.46 14.79 33.56
CA TYR D 410 53.74 14.60 34.79
C TYR D 410 52.40 13.94 34.49
N PRO D 411 52.39 12.86 33.69
CA PRO D 411 51.24 12.04 33.35
C PRO D 411 50.45 11.61 34.58
N VAL D 412 49.60 12.49 35.12
CA VAL D 412 48.82 12.09 36.29
C VAL D 412 47.81 11.02 35.93
N VAL D 413 47.46 10.92 34.64
CA VAL D 413 46.60 9.85 34.15
C VAL D 413 47.31 9.12 33.01
N ALA D 414 47.32 7.80 33.08
CA ALA D 414 47.97 6.98 32.06
C ALA D 414 47.51 5.55 32.16
N LEU D 415 47.74 4.78 31.11
CA LEU D 415 47.41 3.38 31.13
C LEU D 415 48.26 2.75 32.19
N ILE D 416 47.73 1.80 32.94
CA ILE D 416 48.53 1.16 34.00
C ILE D 416 49.91 0.77 33.50
N THR D 417 49.97 0.16 32.31
CA THR D 417 51.22 -0.19 31.67
C THR D 417 52.09 1.06 31.43
N GLU D 418 51.44 2.15 31.04
CA GLU D 418 52.09 3.43 30.78
C GLU D 418 52.46 4.24 32.01
N TRP D 419 52.15 3.77 33.21
CA TRP D 419 52.49 4.54 34.38
C TRP D 419 53.96 4.84 34.45
N ARG D 420 54.28 6.11 34.63
CA ARG D 420 55.67 6.52 34.72
C ARG D 420 55.84 7.82 35.47
N ASP D 421 57.08 8.09 35.88
CA ASP D 421 57.37 9.34 36.56
C ASP D 421 57.93 10.36 35.58
N GLU D 422 58.30 11.54 36.09
CA GLU D 422 58.85 12.61 35.27
C GLU D 422 60.26 12.33 34.74
N ASN D 423 60.88 11.24 35.21
CA ASN D 423 62.20 10.86 34.77
C ASN D 423 62.14 9.73 33.75
N GLY D 424 60.93 9.36 33.34
CA GLY D 424 60.76 8.32 32.34
C GLY D 424 60.80 6.89 32.92
N ASN D 425 60.84 6.76 34.23
CA ASN D 425 60.85 5.43 34.82
C ASN D 425 59.42 4.95 34.83
N VAL D 426 59.19 3.67 34.59
CA VAL D 426 57.82 3.20 34.48
C VAL D 426 57.42 2.30 35.63
N GLU D 427 56.24 1.69 35.49
CA GLU D 427 55.61 0.77 36.46
C GLU D 427 54.82 1.57 37.49
N THR D 438 42.75 -2.57 28.91
CA THR D 438 41.86 -2.01 27.91
C THR D 438 40.94 -0.98 28.55
N MET D 439 39.68 -1.35 28.73
CA MET D 439 38.69 -0.49 29.35
C MET D 439 37.96 -1.17 30.50
N ARG D 440 37.83 -0.46 31.61
CA ARG D 440 37.09 -1.00 32.74
C ARG D 440 35.63 -0.74 32.53
N LEU D 441 34.84 -1.80 32.62
CA LEU D 441 33.42 -1.70 32.35
C LEU D 441 32.51 -2.39 33.35
N GLY D 442 31.34 -1.81 33.54
CA GLY D 442 30.28 -2.43 34.32
C GLY D 442 30.40 -2.19 35.79
N ALA D 443 29.50 -2.81 36.54
CA ALA D 443 29.47 -2.64 37.98
C ALA D 443 30.65 -3.35 38.63
N GLN D 444 31.44 -2.61 39.39
CA GLN D 444 32.61 -3.18 40.06
C GLN D 444 32.67 -2.73 41.52
N GLN D 445 33.20 -3.60 42.37
CA GLN D 445 33.30 -3.27 43.79
C GLN D 445 34.43 -2.31 44.08
N CYS D 446 34.13 -1.29 44.86
CA CYS D 446 35.08 -0.28 45.26
C CYS D 446 35.24 -0.26 46.77
N GLN D 447 36.47 -0.37 47.24
CA GLN D 447 36.72 -0.29 48.68
C GLN D 447 36.75 1.15 49.15
N LEU D 448 35.77 1.54 49.94
CA LEU D 448 35.80 2.91 50.39
C LEU D 448 36.61 3.03 51.65
N VAL D 449 37.24 4.18 51.82
CA VAL D 449 38.00 4.42 53.01
C VAL D 449 37.02 4.76 54.10
N ASP D 450 37.05 3.99 55.18
CA ASP D 450 36.12 4.16 56.29
C ASP D 450 36.05 5.57 56.84
N ASP D 451 37.15 6.30 56.78
CA ASP D 451 37.21 7.65 57.27
C ASP D 451 36.77 8.71 56.25
N SER D 452 36.37 8.28 55.05
CA SER D 452 35.95 9.23 54.03
C SER D 452 34.49 9.59 54.16
N LEU D 453 34.13 10.72 53.57
CA LEU D 453 32.74 11.14 53.60
C LEU D 453 31.89 10.18 52.78
N VAL D 454 32.31 9.90 51.54
CA VAL D 454 31.59 8.96 50.69
C VAL D 454 31.28 7.61 51.32
N ARG D 455 32.17 7.12 52.17
CA ARG D 455 31.91 5.87 52.85
C ARG D 455 30.71 6.04 53.73
N GLN D 456 30.66 7.16 54.43
CA GLN D 456 29.56 7.48 55.29
C GLN D 456 28.31 7.92 54.52
N LEU D 457 28.48 8.48 53.33
CA LEU D 457 27.32 8.87 52.53
C LEU D 457 26.55 7.64 52.09
N TYR D 458 27.29 6.60 51.70
CA TYR D 458 26.70 5.32 51.35
C TYR D 458 26.41 4.46 52.55
N ASN D 459 27.11 4.71 53.66
CA ASN D 459 26.95 3.95 54.90
C ASN D 459 27.41 2.53 54.70
N ALA D 460 28.52 2.36 54.00
CA ALA D 460 29.00 1.01 53.77
C ALA D 460 30.49 1.01 53.47
N PRO D 461 31.24 0.02 53.98
CA PRO D 461 32.66 -0.24 53.79
C PRO D 461 33.05 -0.24 52.32
N THR D 462 32.23 -0.89 51.51
CA THR D 462 32.48 -0.93 50.09
C THR D 462 31.19 -0.66 49.36
N ILE D 463 31.32 -0.31 48.10
CA ILE D 463 30.16 -0.08 47.25
C ILE D 463 30.38 -0.71 45.90
N VAL D 464 29.32 -0.84 45.13
CA VAL D 464 29.47 -1.38 43.78
C VAL D 464 28.88 -0.38 42.79
N GLU D 465 29.71 0.09 41.86
CA GLU D 465 29.31 1.12 40.92
C GLU D 465 29.83 0.85 39.51
N ARG D 466 29.15 1.40 38.51
CA ARG D 466 29.50 1.12 37.12
C ARG D 466 30.68 1.93 36.58
N HIS D 467 31.45 1.30 35.71
CA HIS D 467 32.60 1.96 35.11
C HIS D 467 32.60 1.95 33.58
N ARG D 468 33.52 2.76 33.03
CA ARG D 468 33.78 2.90 31.60
C ARG D 468 34.88 3.92 31.39
N HIS D 469 36.11 3.41 31.27
CA HIS D 469 37.27 4.25 31.02
C HIS D 469 38.53 3.41 30.77
N ARG D 470 39.53 3.99 30.11
CA ARG D 470 40.74 3.23 29.77
C ARG D 470 41.99 3.58 30.55
N TYR D 471 42.13 4.85 30.93
CA TYR D 471 43.34 5.29 31.58
C TYR D 471 43.13 5.45 33.08
N GLU D 472 44.17 5.19 33.87
CA GLU D 472 44.06 5.25 35.33
C GLU D 472 44.96 6.27 36.00
N VAL D 473 44.71 6.47 37.29
CA VAL D 473 45.53 7.40 38.04
C VAL D 473 46.93 6.83 38.18
N ASN D 474 47.89 7.61 37.75
CA ASN D 474 49.26 7.18 37.73
C ASN D 474 49.91 7.16 39.08
N ASN D 475 49.89 5.97 39.69
CA ASN D 475 50.51 5.70 40.97
C ASN D 475 51.95 6.21 41.13
N MET D 476 52.71 6.31 40.03
CA MET D 476 54.08 6.78 40.08
C MET D 476 54.16 8.21 40.60
N LEU D 477 53.12 8.98 40.30
CA LEU D 477 53.07 10.38 40.70
C LEU D 477 52.00 10.65 41.74
N LEU D 478 51.03 9.73 41.86
CA LEU D 478 49.97 9.82 42.85
C LEU D 478 50.42 10.27 44.22
N LYS D 479 51.49 9.68 44.70
CA LYS D 479 52.04 10.00 45.99
C LYS D 479 52.37 11.47 46.18
N GLN D 480 52.70 12.18 45.11
CA GLN D 480 52.96 13.60 45.16
C GLN D 480 51.68 14.37 45.42
N ILE D 481 50.66 13.96 44.69
CA ILE D 481 49.35 14.59 44.73
C ILE D 481 48.64 14.37 46.04
N GLU D 482 48.61 13.11 46.47
CA GLU D 482 47.95 12.73 47.70
C GLU D 482 48.67 13.35 48.90
N ASP D 483 50.00 13.25 48.94
CA ASP D 483 50.75 13.84 50.03
C ASP D 483 50.62 15.35 50.09
N ALA D 484 50.45 16.01 48.94
CA ALA D 484 50.25 17.46 48.90
C ALA D 484 49.00 17.91 49.66
N GLY D 485 48.08 16.98 49.94
CA GLY D 485 46.87 17.30 50.70
C GLY D 485 45.60 17.01 49.93
N LEU D 486 45.42 15.74 49.58
CA LEU D 486 44.21 15.31 48.90
C LEU D 486 43.81 13.96 49.45
N ARG D 487 42.54 13.82 49.77
CA ARG D 487 42.11 12.58 50.37
C ARG D 487 41.63 11.59 49.35
N VAL D 488 42.24 10.41 49.34
CA VAL D 488 41.67 9.36 48.51
C VAL D 488 40.58 8.76 49.34
N ALA D 489 39.37 8.98 48.90
CA ALA D 489 38.19 8.55 49.61
C ALA D 489 37.87 7.09 49.37
N GLY D 490 38.47 6.50 48.32
CA GLY D 490 38.27 5.08 48.07
C GLY D 490 39.15 4.55 46.96
N ARG D 491 39.48 3.28 47.09
CA ARG D 491 40.35 2.58 46.17
C ARG D 491 39.63 1.34 45.66
N SER D 492 39.94 0.92 44.44
CA SER D 492 39.22 -0.18 43.81
C SER D 492 39.27 -1.50 44.54
N GLY D 493 40.30 -2.28 44.24
CA GLY D 493 40.42 -3.61 44.78
C GLY D 493 41.81 -4.12 44.58
N ASP D 494 41.96 -5.13 43.73
CA ASP D 494 43.24 -5.75 43.43
C ASP D 494 44.40 -4.77 43.26
N ASP D 495 44.19 -3.72 42.48
CA ASP D 495 45.24 -2.73 42.25
C ASP D 495 45.08 -1.45 43.07
N GLN D 496 44.08 -1.40 43.97
CA GLN D 496 43.83 -0.23 44.82
C GLN D 496 43.85 1.07 44.05
N LEU D 497 43.10 1.11 42.96
CA LEU D 497 43.11 2.25 42.08
C LEU D 497 42.28 3.36 42.67
N VAL D 498 42.75 4.59 42.54
CA VAL D 498 42.04 5.73 43.09
C VAL D 498 40.65 5.89 42.49
N GLU D 499 39.66 5.31 43.16
CA GLU D 499 38.28 5.39 42.70
C GLU D 499 37.64 6.72 42.98
N ILE D 500 37.98 7.31 44.11
CA ILE D 500 37.34 8.55 44.49
C ILE D 500 38.14 9.38 45.46
N ILE D 501 38.09 10.70 45.26
CA ILE D 501 38.82 11.66 46.10
C ILE D 501 37.94 12.76 46.69
N GLU D 502 38.44 13.34 47.78
CA GLU D 502 37.80 14.42 48.48
C GLU D 502 38.82 15.50 48.88
N VAL D 503 38.43 16.77 48.78
CA VAL D 503 39.37 17.83 49.17
C VAL D 503 39.25 18.18 50.66
N PRO D 504 40.31 17.92 51.46
CA PRO D 504 40.45 18.13 52.90
C PRO D 504 39.71 19.32 53.49
N ASN D 505 39.83 20.49 52.86
CA ASN D 505 39.21 21.68 53.44
C ASN D 505 38.17 22.32 52.56
N HIS D 506 37.74 21.62 51.53
CA HIS D 506 36.70 22.15 50.69
C HIS D 506 35.37 21.71 51.24
N PRO D 507 34.36 22.58 51.34
CA PRO D 507 33.02 22.32 51.82
C PRO D 507 32.41 21.05 51.25
N TRP D 508 32.59 20.82 49.95
CA TRP D 508 32.09 19.58 49.37
C TRP D 508 32.71 19.39 48.00
N PHE D 509 33.88 18.77 47.93
CA PHE D 509 34.52 18.55 46.64
C PHE D 509 34.78 17.09 46.48
N VAL D 510 34.00 16.46 45.63
CA VAL D 510 34.10 15.03 45.43
C VAL D 510 34.24 14.67 43.95
N ALA D 511 35.16 13.77 43.63
CA ALA D 511 35.30 13.34 42.24
C ALA D 511 35.63 11.85 42.15
N CYS D 512 35.04 11.16 41.17
CA CYS D 512 35.25 9.70 41.08
C CYS D 512 35.30 9.10 39.66
N GLN D 513 35.82 7.87 39.57
CA GLN D 513 35.97 7.09 38.35
C GLN D 513 34.69 6.43 37.90
N PHE D 514 33.86 6.04 38.86
CA PHE D 514 32.61 5.35 38.56
C PHE D 514 31.50 6.26 38.11
N HIS D 515 30.40 5.64 37.67
CA HIS D 515 29.25 6.32 37.13
C HIS D 515 27.99 6.16 37.95
N PRO D 516 27.85 6.92 39.04
CA PRO D 516 26.73 6.90 39.98
C PRO D 516 25.40 7.23 39.29
N GLU D 517 25.47 7.95 38.18
CA GLU D 517 24.30 8.34 37.42
C GLU D 517 23.56 7.17 36.77
N PHE D 518 24.17 5.98 36.75
CA PHE D 518 23.48 4.85 36.18
C PHE D 518 22.80 4.02 37.25
N THR D 519 22.85 4.47 38.49
CA THR D 519 22.22 3.73 39.57
C THR D 519 21.13 4.56 40.24
N SER D 520 21.25 5.88 40.16
CA SER D 520 20.27 6.76 40.77
C SER D 520 18.88 6.60 40.19
N THR D 521 17.88 6.60 41.07
CA THR D 521 16.48 6.47 40.65
C THR D 521 15.69 7.58 41.32
N PRO D 522 14.49 7.89 40.84
CA PRO D 522 13.61 8.93 41.38
C PRO D 522 13.01 8.54 42.72
N ARG D 523 13.04 7.26 43.03
CA ARG D 523 12.50 6.78 44.28
C ARG D 523 13.57 6.47 45.31
N ASP D 524 14.75 6.03 44.87
CA ASP D 524 15.82 5.70 45.79
C ASP D 524 16.81 6.84 45.97
N GLY D 525 16.99 7.64 44.92
CA GLY D 525 17.92 8.76 44.95
C GLY D 525 19.33 8.24 44.76
N HIS D 526 20.29 8.90 45.42
CA HIS D 526 21.70 8.50 45.37
C HIS D 526 22.56 9.44 46.22
N PRO D 527 23.34 8.91 47.17
CA PRO D 527 24.20 9.60 48.14
C PRO D 527 25.06 10.73 47.61
N LEU D 528 25.62 10.59 46.41
CA LEU D 528 26.51 11.62 45.92
C LEU D 528 25.77 12.81 45.37
N PHE D 529 24.55 12.59 44.94
CA PHE D 529 23.78 13.68 44.38
C PHE D 529 23.03 14.31 45.50
N ALA D 530 22.69 13.51 46.51
CA ALA D 530 22.09 14.05 47.70
C ALA D 530 23.07 14.98 48.37
N GLY D 531 24.32 14.53 48.49
CA GLY D 531 25.37 15.33 49.10
C GLY D 531 25.71 16.56 48.28
N PHE D 532 25.93 16.39 46.97
CA PHE D 532 26.28 17.50 46.10
C PHE D 532 25.23 18.58 46.08
N VAL D 533 24.00 18.19 45.81
CA VAL D 533 22.92 19.13 45.74
C VAL D 533 22.66 19.80 47.06
N LYS D 534 22.74 19.03 48.15
CA LYS D 534 22.54 19.61 49.46
C LYS D 534 23.61 20.66 49.73
N ALA D 535 24.86 20.31 49.45
CA ALA D 535 25.98 21.21 49.63
C ALA D 535 25.81 22.44 48.81
N ALA D 536 25.29 22.27 47.60
CA ALA D 536 25.04 23.37 46.70
C ALA D 536 24.09 24.36 47.34
N SER D 537 23.00 23.84 47.90
CA SER D 537 22.03 24.65 48.59
C SER D 537 22.64 25.34 49.78
N GLU D 538 23.42 24.59 50.55
CA GLU D 538 24.06 25.13 51.75
C GLU D 538 24.96 26.28 51.41
N PHE D 539 25.76 26.11 50.36
CA PHE D 539 26.65 27.14 49.87
C PHE D 539 25.86 28.37 49.50
N GLN D 540 24.80 28.17 48.74
CA GLN D 540 23.92 29.25 48.36
C GLN D 540 23.48 30.07 49.55
N LYS D 541 23.03 29.37 50.61
CA LYS D 541 22.58 30.04 51.82
C LYS D 541 23.72 30.72 52.54
N ARG D 542 24.90 30.11 52.51
CA ARG D 542 26.10 30.68 53.11
C ARG D 542 26.52 31.96 52.39
N GLN D 543 26.21 32.03 51.09
CA GLN D 543 26.50 33.21 50.29
C GLN D 543 25.35 34.22 50.31
N ALA D 544 24.34 33.98 51.14
CA ALA D 544 23.20 34.88 51.23
C ALA D 544 22.80 35.08 52.68
N1 CTP E . -11.15 -1.06 -11.92
C2 CTP E . -11.18 -0.45 -10.61
N3 CTP E . -10.01 -0.12 -10.01
C4 CTP E . -8.82 -0.15 -10.74
C5 CTP E . -8.82 -0.68 -12.04
C6 CTP E . -9.96 -1.24 -12.58
O2 CTP E . -12.19 -0.53 -9.94
N4 CTP E . -7.66 0.08 -10.12
C1' CTP E . -12.33 -1.82 -12.36
C2' CTP E . -13.12 -1.28 -13.49
O2' CTP E . -14.21 -0.45 -13.04
C3' CTP E . -13.68 -2.57 -14.12
C4' CTP E . -12.75 -3.68 -13.65
O4' CTP E . -11.70 -2.98 -12.96
O3' CTP E . -15.00 -2.79 -13.62
C5' CTP E . -12.22 -4.48 -14.85
O5' CTP E . -11.41 -5.54 -14.42
PA CTP E . -11.86 -7.08 -14.64
O1A CTP E . -13.28 -7.31 -14.27
O2A CTP E . -10.83 -7.98 -14.08
O3A CTP E . -11.88 -7.21 -16.26
PB CTP E . -11.14 -6.25 -17.38
O1B CTP E . -11.21 -4.81 -17.03
O2B CTP E . -11.54 -6.62 -18.75
O3B CTP E . -9.60 -6.68 -17.16
PG CTP E . -9.09 -7.96 -16.22
O1G CTP E . -8.87 -7.36 -14.75
O2G CTP E . -9.97 -9.15 -16.27
O3G CTP E . -7.62 -8.30 -16.78
PB ADP F . -17.39 -15.44 -11.16
O1B ADP F . -17.38 -14.09 -11.81
O2B ADP F . -18.73 -15.90 -10.70
O3B ADP F . -16.27 -15.69 -10.20
PA ADP F . -17.95 -16.60 -13.72
O1A ADP F . -17.51 -15.55 -14.68
O2A ADP F . -19.41 -16.65 -13.40
O3A ADP F . -17.06 -16.47 -12.37
O5' ADP F . -17.46 -17.92 -14.21
C5' ADP F . -17.35 -19.05 -13.36
C4' ADP F . -16.39 -20.04 -14.00
O4' ADP F . -15.58 -20.64 -12.97
C3' ADP F . -17.05 -21.19 -14.76
O3' ADP F . -16.60 -21.24 -16.12
C2' ADP F . -16.64 -22.44 -13.98
O2' ADP F . -16.40 -23.53 -14.85
C1' ADP F . -15.36 -21.99 -13.27
N9 ADP F . -15.05 -22.67 -12.02
C8 ADP F . -15.04 -22.35 -10.69
N7 ADP F . -14.80 -23.37 -9.91
C5 ADP F . -14.41 -24.37 -10.78
C6 ADP F . -13.67 -25.55 -10.60
N6 ADP F . -12.83 -25.74 -9.58
N1 ADP F . -13.49 -26.32 -11.69
C2 ADP F . -13.50 -25.70 -12.87
N3 ADP F . -13.85 -24.46 -13.14
C4 ADP F . -14.48 -23.91 -12.08
N1 CTP G . -12.90 8.44 4.63
C2 CTP G . -12.76 7.75 3.38
N3 CTP G . -11.90 6.70 3.31
C4 CTP G . -11.46 6.12 4.50
C5 CTP G . -11.88 6.64 5.74
C6 CTP G . -12.53 7.85 5.81
O2 CTP G . -13.17 8.26 2.35
N4 CTP G . -10.43 5.26 4.46
C1' CTP G . -13.31 9.85 4.62
C2' CTP G . -14.76 10.12 4.80
O2' CTP G . -15.36 10.35 3.53
C3' CTP G . -14.78 11.42 5.62
C4' CTP G . -13.33 11.63 6.06
O4' CTP G . -12.73 10.34 5.87
O3' CTP G . -15.17 12.50 4.80
C5' CTP G . -13.26 12.05 7.54
O5' CTP G . -12.08 12.76 7.76
PA CTP G . -12.04 14.36 7.58
O1A CTP G . -10.64 14.83 7.69
O2A CTP G . -12.84 14.82 6.43
O3A CTP G . -12.90 14.83 8.86
PB CTP G . -13.47 13.90 10.11
O1B CTP G . -14.08 14.72 11.16
O2B CTP G . -14.24 12.73 9.62
O3B CTP G . -12.07 13.30 10.65
PG CTP G . -10.57 13.90 10.27
O1G CTP G . -10.52 15.36 10.06
O2G CTP G . -10.06 13.04 9.01
O3G CTP G . -9.63 13.46 11.50
PB ADP H . -9.68 23.78 2.42
O1B ADP H . -9.63 24.74 1.26
O2B ADP H . -8.39 23.04 2.61
O3B ADP H . -10.94 22.98 2.54
PA ADP H . -11.03 25.27 4.47
O1A ADP H . -12.00 25.93 3.53
O2A ADP H . -11.56 24.13 5.28
O3A ADP H . -9.69 24.78 3.70
O5' ADP H . -10.42 26.26 5.40
C5' ADP H . -9.29 27.03 5.04
C4' ADP H . -8.51 27.38 6.29
O4' ADP H . -7.09 27.31 6.02
C3' ADP H . -8.76 28.79 6.86
O3' ADP H . -9.13 28.75 8.25
C2' ADP H . -7.44 29.52 6.64
O2' ADP H . -7.20 30.45 7.68
C1' ADP H . -6.43 28.37 6.67
N9 ADP H . -5.18 28.60 5.94
C8 ADP H . -4.67 28.32 4.71
N7 ADP H . -3.75 29.16 4.32
C5 ADP H . -3.36 29.75 5.50
C6 ADP H . -2.13 30.27 5.95
N6 ADP H . -0.95 29.83 5.51
N1 ADP H . -2.15 30.91 7.13
C2 ADP H . -3.08 30.52 8.01
N3 ADP H . -4.10 29.69 7.81
C4 ADP H . -4.27 29.46 6.51
N1 CTP I . 9.94 -12.66 1.05
C2 CTP I . 10.29 -11.32 1.40
N3 CTP I . 9.28 -10.45 1.72
C4 CTP I . 8.03 -10.97 2.02
C5 CTP I . 7.80 -12.35 1.95
C6 CTP I . 8.73 -13.20 1.40
O2 CTP I . 11.39 -10.87 1.12
N4 CTP I . 6.99 -10.13 2.09
C1' CTP I . 10.80 -13.39 0.11
C2' CTP I . 11.84 -14.27 0.70
O2' CTP I . 13.10 -13.59 0.73
C3' CTP I . 11.91 -15.45 -0.29
C4' CTP I . 10.69 -15.27 -1.19
O4' CTP I . 9.87 -14.35 -0.46
O3' CTP I . 13.08 -15.34 -1.08
C5' CTP I . 9.97 -16.61 -1.39
O5' CTP I . 9.33 -16.60 -2.64
PA CTP I . 10.09 -17.08 -3.96
O1A CTP I . 11.52 -16.65 -3.98
O2A CTP I . 9.26 -16.79 -5.15
O3A CTP I . 10.19 -18.67 -3.70
PB CTP I . 9.48 -19.53 -2.48
O1B CTP I . 9.84 -18.99 -1.14
O2B CTP I . 9.63 -20.98 -2.68
O3B CTP I . 7.94 -19.12 -2.71
PG CTP I . 7.34 -18.46 -4.12
O1G CTP I . 7.30 -16.87 -3.86
O2G CTP I . 8.05 -18.84 -5.35
O3G CTP I . 5.79 -18.92 -4.17
PB ADP J . 15.50 -15.55 -13.44
O1B ADP J . 16.05 -15.76 -12.06
O2B ADP J . 16.48 -15.10 -14.47
O3B ADP J . 14.18 -14.84 -13.53
PA ADP J . 16.08 -18.34 -13.85
O1A ADP J . 15.93 -18.94 -12.49
O2A ADP J . 17.48 -18.01 -14.28
O3A ADP J . 15.11 -17.05 -13.95
O5' ADP J . 15.40 -19.23 -14.83
C5' ADP J . 14.97 -18.78 -16.10
C4' ADP J . 13.89 -19.71 -16.63
O4' ADP J . 12.91 -18.95 -17.37
C3' ADP J . 14.39 -20.80 -17.59
O3' ADP J . 13.92 -22.11 -17.20
C2' ADP J . 13.84 -20.39 -18.95
O2' ADP J . 13.54 -21.51 -19.75
C1' ADP J . 12.59 -19.60 -18.57
N9 ADP J . 12.18 -18.55 -19.50
C8 ADP J . 12.22 -17.20 -19.57
N7 ADP J . 12.17 -16.73 -20.80
C5 ADP J . 11.65 -17.79 -21.51
C6 ADP J . 10.84 -17.85 -22.66
N6 ADP J . 10.09 -16.83 -23.08
N1 ADP J . 10.52 -19.07 -23.12
C2 ADP J . 10.52 -20.07 -22.23
N3 ADP J . 10.97 -20.07 -20.98
C4 ADP J . 11.65 -18.94 -20.73
N1 CTP K . 13.79 5.67 6.13
C2 CTP K . 13.56 4.28 5.89
N3 CTP K . 12.63 3.93 4.95
C4 CTP K . 12.16 4.92 4.09
C5 CTP K . 12.70 6.22 4.14
C6 CTP K . 13.53 6.60 5.16
O2 CTP K . 14.00 3.42 6.64
N4 CTP K . 11.01 4.71 3.44
C1' CTP K . 14.13 6.12 7.48
C2' CTP K . 15.56 6.38 7.78
O2' CTP K . 16.15 5.21 8.36
C3' CTP K . 15.52 7.51 8.81
C4' CTP K . 14.09 8.03 8.75
O4' CTP K . 13.57 7.47 7.54
O3' CTP K . 15.77 6.99 10.11
C5' CTP K . 14.06 9.57 8.70
O5' CTP K . 13.17 10.03 9.68
PA CTP K . 13.58 10.07 11.22
O1A CTP K . 12.40 10.41 12.04
O2A CTP K . 14.40 8.89 11.62
O3A CTP K . 14.65 11.28 11.22
PB CTP K . 15.20 12.12 9.91
O1B CTP K . 15.98 13.30 10.31
O2B CTP K . 15.81 11.24 8.89
O3B CTP K . 13.80 12.61 9.28
PG CTP K . 12.34 12.66 10.09
O1G CTP K . 12.45 12.90 11.55
O2G CTP K . 11.60 11.28 9.73
O3G CTP K . 11.50 13.82 9.37
PB ADP L . 11.72 7.54 21.78
O1B ADP L . 11.67 6.64 22.98
O2B ADP L . 10.39 7.64 21.09
O3B ADP L . 12.91 7.41 20.90
PA ADP L . 13.27 9.84 22.57
O1A ADP L . 14.26 9.09 23.41
O2A ADP L . 13.70 10.22 21.21
O3A ADP L . 11.87 9.02 22.46
O5' ADP L . 12.78 11.06 23.28
C5' ADP L . 11.68 11.03 24.16
C4' ADP L . 11.09 12.43 24.25
O4' ADP L . 9.64 12.34 24.26
C3' ADP L . 11.47 13.22 25.50
O3' ADP L . 11.97 14.53 25.15
C2' ADP L . 10.18 13.31 26.30
O2' ADP L . 10.09 14.53 27.02
C1' ADP L . 9.10 13.22 25.21
N9 ADP L . 7.82 12.66 25.62
C8 ADP L . 7.15 11.48 25.49
N7 ADP L . 6.24 11.29 26.40
C5 ADP L . 6.04 12.56 26.91
C6 ADP L . 4.91 13.18 27.48
N6 ADP L . 3.67 12.73 27.32
N1 ADP L . 5.07 14.45 27.90
C2 ADP L . 6.00 15.18 27.30
N3 ADP L . 6.95 14.76 26.46
C4 ADP L . 7.01 13.43 26.43
#